data_2MUS
#
_entry.id   2MUS
#
loop_
_entity.id
_entity.type
_entity.pdbx_description
1 polymer 'Heterokaryon incompatibility protein s'
2 non-polymer "3''',4'-bis(carboxymethyl)-2,2':5',2'':5'',2''':5''',2''''-quinquethiophene-5,5''''-dicarboxylic acid"
#
_entity_poly.entity_id   1
_entity_poly.type   'polypeptide(L)'
_entity_poly.pdbx_seq_one_letter_code
;MKIDAIVGRNSAKDIRTEERARVQLGNVVTAAALHGGIRISDQTTNSVKTVVGKGESRVLIGNEYGGKGFWDNHHHHHH
;
_entity_poly.pdbx_strand_id   A,B,C,D,E
#
# COMPACT_ATOMS: atom_id res chain seq x y z
N ARG A 9 -17.77 -10.61 7.98
CA ARG A 9 -18.77 -11.24 7.10
C ARG A 9 -18.26 -11.31 5.67
N ASN A 10 -18.27 -12.52 5.09
CA ASN A 10 -17.83 -12.73 3.71
C ASN A 10 -19.00 -13.12 2.85
N SER A 11 -19.18 -12.43 1.73
CA SER A 11 -20.29 -12.70 0.83
C SER A 11 -19.94 -12.33 -0.62
N ALA A 12 -20.67 -12.92 -1.56
CA ALA A 12 -20.46 -12.65 -2.98
C ALA A 12 -21.80 -12.59 -3.70
N LYS A 13 -21.82 -11.94 -4.86
CA LYS A 13 -23.05 -11.82 -5.62
C LYS A 13 -23.06 -12.79 -6.81
N ASP A 14 -22.12 -12.63 -7.71
CA ASP A 14 -22.03 -13.48 -8.90
C ASP A 14 -20.59 -13.90 -9.17
N ILE A 15 -20.41 -15.19 -9.40
CA ILE A 15 -19.09 -15.74 -9.68
C ILE A 15 -19.13 -16.55 -10.97
N ARG A 16 -18.21 -16.24 -11.87
CA ARG A 16 -18.14 -16.93 -13.16
C ARG A 16 -16.84 -17.71 -13.26
N THR A 17 -16.92 -19.01 -13.00
CA THR A 17 -15.75 -19.87 -13.05
C THR A 17 -15.82 -20.81 -14.25
N GLU A 18 -14.82 -20.75 -15.12
CA GLU A 18 -14.79 -21.61 -16.30
C GLU A 18 -13.35 -21.99 -16.67
N GLU A 19 -13.23 -23.05 -17.45
CA GLU A 19 -11.94 -23.57 -17.92
C GLU A 19 -11.09 -24.06 -16.75
N ARG A 20 -11.49 -25.20 -16.18
CA ARG A 20 -10.78 -25.82 -15.06
C ARG A 20 -10.62 -24.87 -13.88
N ALA A 21 -11.61 -24.00 -13.70
CA ALA A 21 -11.58 -23.04 -12.61
C ALA A 21 -12.23 -23.62 -11.37
N ARG A 22 -11.92 -23.06 -10.21
CA ARG A 22 -12.47 -23.54 -8.95
C ARG A 22 -12.88 -22.36 -8.07
N VAL A 23 -13.93 -22.56 -7.27
CA VAL A 23 -14.41 -21.52 -6.38
C VAL A 23 -14.69 -22.09 -4.99
N GLN A 24 -14.38 -21.31 -3.96
CA GLN A 24 -14.60 -21.73 -2.58
C GLN A 24 -15.23 -20.59 -1.79
N LEU A 25 -16.20 -20.92 -0.95
CA LEU A 25 -16.89 -19.92 -0.15
C LEU A 25 -16.83 -20.28 1.35
N GLY A 26 -16.41 -19.33 2.16
CA GLY A 26 -16.33 -19.57 3.59
C GLY A 26 -15.07 -19.02 4.21
N ASN A 27 -14.20 -19.93 4.63
CA ASN A 27 -12.94 -19.57 5.27
C ASN A 27 -11.94 -20.70 5.11
N VAL A 28 -10.66 -20.37 5.19
CA VAL A 28 -9.60 -21.37 5.07
C VAL A 28 -8.67 -21.32 6.27
N VAL A 29 -8.56 -22.44 6.98
CA VAL A 29 -7.68 -22.53 8.13
C VAL A 29 -6.52 -23.45 7.83
N THR A 30 -5.37 -22.88 7.54
CA THR A 30 -4.18 -23.65 7.23
C THR A 30 -3.62 -24.27 8.52
N ALA A 31 -3.06 -25.47 8.42
CA ALA A 31 -2.51 -26.19 9.57
C ALA A 31 -1.38 -25.42 10.25
N ALA A 32 -0.88 -24.38 9.58
CA ALA A 32 0.18 -23.55 10.13
C ALA A 32 -0.36 -22.55 11.14
N ALA A 33 -1.68 -22.49 11.25
CA ALA A 33 -2.36 -21.58 12.17
C ALA A 33 -3.22 -22.36 13.15
N LEU A 34 -2.68 -23.51 13.59
CA LEU A 34 -3.36 -24.40 14.53
C LEU A 34 -4.54 -25.13 13.89
N HIS A 35 -5.36 -25.75 14.71
CA HIS A 35 -6.53 -26.48 14.23
C HIS A 35 -7.67 -25.52 13.89
N GLY A 36 -8.82 -26.09 13.55
CA GLY A 36 -9.96 -25.27 13.20
C GLY A 36 -10.67 -24.72 14.42
N GLY A 37 -10.04 -23.76 15.09
CA GLY A 37 -10.62 -23.15 16.26
C GLY A 37 -11.92 -22.45 15.92
N ILE A 38 -11.90 -21.69 14.81
CA ILE A 38 -13.07 -20.96 14.31
C ILE A 38 -13.42 -19.78 15.23
N ARG A 39 -13.76 -18.66 14.60
CA ARG A 39 -14.12 -17.42 15.29
C ARG A 39 -12.92 -16.84 16.03
N ILE A 40 -12.17 -15.99 15.34
CA ILE A 40 -10.99 -15.37 15.91
C ILE A 40 -11.14 -13.85 15.94
N SER A 41 -11.62 -13.28 14.84
CA SER A 41 -11.79 -11.83 14.76
C SER A 41 -12.97 -11.43 13.88
N ASP A 42 -12.73 -11.31 12.57
CA ASP A 42 -13.76 -10.91 11.61
C ASP A 42 -14.30 -9.52 11.97
N GLN A 43 -13.55 -8.50 11.60
CA GLN A 43 -13.94 -7.12 11.90
C GLN A 43 -14.10 -6.28 10.62
N THR A 44 -14.37 -6.95 9.51
CA THR A 44 -14.53 -6.25 8.24
C THR A 44 -15.52 -6.97 7.33
N THR A 45 -16.23 -6.20 6.53
CA THR A 45 -17.20 -6.74 5.59
C THR A 45 -16.53 -6.98 4.24
N ASN A 46 -16.51 -8.22 3.81
CA ASN A 46 -15.90 -8.60 2.54
C ASN A 46 -16.95 -9.11 1.58
N SER A 47 -17.30 -8.29 0.59
CA SER A 47 -18.30 -8.68 -0.40
C SER A 47 -17.90 -8.20 -1.78
N VAL A 48 -18.04 -9.09 -2.76
CA VAL A 48 -17.70 -8.78 -4.13
C VAL A 48 -18.93 -9.01 -5.03
N LYS A 49 -19.06 -8.19 -6.07
CA LYS A 49 -20.21 -8.31 -6.97
C LYS A 49 -19.97 -9.36 -8.04
N THR A 50 -19.10 -9.06 -9.00
CA THR A 50 -18.84 -9.99 -10.10
C THR A 50 -17.37 -10.43 -10.16
N VAL A 51 -17.17 -11.75 -10.14
CA VAL A 51 -15.83 -12.32 -10.23
C VAL A 51 -15.74 -13.23 -11.44
N VAL A 52 -14.85 -12.91 -12.36
CA VAL A 52 -14.68 -13.71 -13.56
C VAL A 52 -13.35 -14.46 -13.54
N GLY A 53 -13.40 -15.77 -13.59
CA GLY A 53 -12.21 -16.58 -13.59
C GLY A 53 -12.19 -17.55 -14.75
N LYS A 54 -11.34 -17.27 -15.73
CA LYS A 54 -11.24 -18.11 -16.91
C LYS A 54 -9.80 -18.54 -17.16
N GLY A 55 -9.59 -19.84 -17.26
CA GLY A 55 -8.28 -20.37 -17.52
C GLY A 55 -7.52 -20.71 -16.24
N GLU A 56 -7.93 -21.81 -15.61
CA GLU A 56 -7.28 -22.29 -14.39
C GLU A 56 -7.25 -21.21 -13.30
N SER A 57 -8.30 -20.41 -13.23
CA SER A 57 -8.37 -19.34 -12.23
C SER A 57 -8.93 -19.87 -10.92
N ARG A 58 -8.51 -19.25 -9.83
CA ARG A 58 -8.95 -19.65 -8.50
C ARG A 58 -9.66 -18.48 -7.80
N VAL A 59 -10.89 -18.73 -7.37
CA VAL A 59 -11.66 -17.70 -6.69
C VAL A 59 -11.94 -18.13 -5.24
N LEU A 60 -11.36 -17.39 -4.30
CA LEU A 60 -11.52 -17.69 -2.88
C LEU A 60 -12.34 -16.62 -2.20
N ILE A 61 -13.55 -16.98 -1.77
CA ILE A 61 -14.44 -16.05 -1.08
C ILE A 61 -14.38 -16.29 0.41
N GLY A 62 -13.42 -15.65 1.06
CA GLY A 62 -13.26 -15.80 2.49
C GLY A 62 -11.86 -15.48 2.95
N ASN A 63 -11.67 -15.41 4.25
CA ASN A 63 -10.37 -15.11 4.83
C ASN A 63 -9.61 -16.39 5.14
N GLU A 64 -8.29 -16.32 5.12
CA GLU A 64 -7.46 -17.48 5.39
C GLU A 64 -6.56 -17.24 6.61
N TYR A 65 -6.11 -18.34 7.20
CA TYR A 65 -5.24 -18.29 8.37
C TYR A 65 -4.05 -19.21 8.13
N GLY A 66 -2.91 -18.65 7.77
CA GLY A 66 -1.74 -19.46 7.52
C GLY A 66 -0.45 -18.73 7.80
N GLY A 67 0.65 -19.47 7.88
CA GLY A 67 1.95 -18.89 8.15
C GLY A 67 3.03 -19.48 7.28
N LYS A 68 2.75 -20.64 6.68
CA LYS A 68 3.71 -21.32 5.80
C LYS A 68 3.83 -20.57 4.49
N GLY A 69 2.71 -20.05 4.03
CA GLY A 69 2.67 -19.30 2.79
C GLY A 69 1.38 -18.51 2.68
N PHE A 70 1.39 -17.45 1.90
CA PHE A 70 0.19 -16.64 1.72
C PHE A 70 -0.76 -17.28 0.72
N TRP A 71 -1.44 -18.34 1.15
CA TRP A 71 -2.40 -19.08 0.33
C TRP A 71 -1.70 -19.87 -0.79
N ASP A 72 -0.97 -19.16 -1.64
CA ASP A 72 -0.27 -19.77 -2.75
C ASP A 72 1.08 -19.11 -2.98
N ASN A 73 2.13 -19.71 -2.43
CA ASN A 73 3.49 -19.18 -2.57
C ASN A 73 4.50 -20.23 -2.13
N HIS A 74 5.45 -20.53 -3.01
CA HIS A 74 6.48 -21.52 -2.72
C HIS A 74 7.76 -21.18 -3.48
N HIS A 75 7.87 -19.93 -3.87
CA HIS A 75 9.02 -19.47 -4.63
C HIS A 75 10.25 -19.31 -3.75
N HIS A 76 11.40 -19.62 -4.33
CA HIS A 76 12.67 -19.52 -3.62
C HIS A 76 13.68 -18.84 -4.52
N HIS A 77 13.20 -17.93 -5.36
CA HIS A 77 14.06 -17.18 -6.26
C HIS A 77 14.28 -15.78 -5.74
N HIS A 78 15.54 -15.42 -5.50
CA HIS A 78 15.86 -14.10 -5.01
C HIS A 78 16.23 -13.18 -6.16
N HIS A 79 15.82 -11.94 -6.05
CA HIS A 79 16.13 -10.95 -7.08
C HIS A 79 17.07 -9.88 -6.53
N ARG B 9 -13.61 -2.36 6.00
CA ARG B 9 -14.72 -2.77 5.13
C ARG B 9 -14.30 -2.68 3.67
N ASN B 10 -14.70 -3.64 2.86
CA ASN B 10 -14.34 -3.65 1.44
C ASN B 10 -15.57 -3.55 0.56
N SER B 11 -15.40 -3.01 -0.63
CA SER B 11 -16.48 -2.86 -1.58
C SER B 11 -15.97 -3.01 -3.01
N ALA B 12 -15.99 -4.23 -3.52
CA ALA B 12 -15.52 -4.51 -4.86
C ALA B 12 -16.68 -4.54 -5.84
N LYS B 13 -16.40 -4.41 -7.13
CA LYS B 13 -17.45 -4.43 -8.14
C LYS B 13 -17.21 -5.52 -9.18
N ASP B 14 -16.24 -5.31 -10.06
CA ASP B 14 -15.94 -6.28 -11.11
C ASP B 14 -14.47 -6.67 -11.11
N ILE B 15 -14.19 -7.93 -10.80
CA ILE B 15 -12.83 -8.43 -10.76
C ILE B 15 -12.66 -9.56 -11.78
N ARG B 16 -11.70 -9.40 -12.69
CA ARG B 16 -11.46 -10.39 -13.72
C ARG B 16 -10.07 -10.98 -13.62
N THR B 17 -10.03 -12.30 -13.51
CA THR B 17 -8.78 -13.03 -13.41
C THR B 17 -8.68 -14.06 -14.52
N GLU B 18 -7.62 -13.98 -15.31
CA GLU B 18 -7.42 -14.92 -16.40
C GLU B 18 -5.96 -15.35 -16.48
N GLU B 19 -5.71 -16.44 -17.19
CA GLU B 19 -4.37 -16.99 -17.37
C GLU B 19 -3.78 -17.47 -16.04
N ARG B 20 -4.43 -18.46 -15.44
CA ARG B 20 -3.99 -19.04 -14.17
C ARG B 20 -3.95 -18.04 -13.03
N ALA B 21 -4.77 -17.00 -13.13
CA ALA B 21 -4.81 -15.97 -12.10
C ALA B 21 -5.61 -16.45 -10.89
N ARG B 22 -5.36 -15.84 -9.73
CA ARG B 22 -6.06 -16.21 -8.51
C ARG B 22 -6.44 -14.98 -7.71
N VAL B 23 -7.67 -14.96 -7.22
CA VAL B 23 -8.17 -13.82 -6.46
C VAL B 23 -8.80 -14.28 -5.13
N GLN B 24 -8.53 -13.54 -4.07
CA GLN B 24 -9.07 -13.86 -2.76
C GLN B 24 -9.81 -12.65 -2.18
N LEU B 25 -11.01 -12.90 -1.68
CA LEU B 25 -11.84 -11.85 -1.10
C LEU B 25 -11.84 -11.98 0.43
N GLY B 26 -11.05 -11.16 1.09
CA GLY B 26 -10.99 -11.22 2.55
C GLY B 26 -9.66 -10.78 3.09
N ASN B 27 -9.51 -10.85 4.40
CA ASN B 27 -8.27 -10.45 5.06
C ASN B 27 -7.39 -11.67 5.32
N VAL B 28 -6.09 -11.44 5.48
CA VAL B 28 -5.15 -12.53 5.71
C VAL B 28 -4.44 -12.37 7.07
N VAL B 29 -4.58 -13.38 7.91
CA VAL B 29 -3.94 -13.37 9.22
C VAL B 29 -2.88 -14.46 9.27
N THR B 30 -1.65 -14.08 9.60
CA THR B 30 -0.55 -15.04 9.65
C THR B 30 -0.35 -15.59 11.05
N ALA B 31 0.55 -16.56 11.17
CA ALA B 31 0.86 -17.18 12.45
C ALA B 31 1.62 -16.20 13.34
N ALA B 32 2.21 -15.18 12.73
CA ALA B 32 2.96 -14.17 13.47
C ALA B 32 2.00 -13.21 14.14
N ALA B 33 0.77 -13.18 13.65
CA ALA B 33 -0.26 -12.31 14.19
C ALA B 33 -0.97 -12.99 15.35
N LEU B 34 -0.60 -14.24 15.62
CA LEU B 34 -1.19 -15.00 16.71
C LEU B 34 -0.88 -14.33 18.03
N HIS B 35 -1.92 -13.91 18.73
CA HIS B 35 -1.79 -13.24 20.02
C HIS B 35 -1.04 -11.91 19.87
N GLY B 36 -1.63 -11.00 19.10
CA GLY B 36 -1.01 -9.71 18.88
C GLY B 36 -2.02 -8.58 19.00
N GLY B 37 -1.87 -7.56 18.16
CA GLY B 37 -2.79 -6.43 18.19
C GLY B 37 -3.65 -6.39 16.95
N ILE B 38 -4.81 -7.02 17.03
CA ILE B 38 -5.72 -7.09 15.89
C ILE B 38 -6.53 -5.80 15.71
N ARG B 39 -6.75 -5.08 16.80
CA ARG B 39 -7.53 -3.83 16.74
C ARG B 39 -6.67 -2.64 17.14
N ILE B 40 -6.37 -1.79 16.16
CA ILE B 40 -5.58 -0.59 16.40
C ILE B 40 -6.17 0.62 15.67
N SER B 41 -7.50 0.70 15.70
CA SER B 41 -8.26 1.77 15.05
C SER B 41 -8.17 1.68 13.53
N ASP B 42 -8.45 0.49 13.02
CA ASP B 42 -8.41 0.22 11.58
C ASP B 42 -9.75 0.61 10.94
N GLN B 43 -10.07 1.89 10.99
CA GLN B 43 -11.31 2.39 10.41
C GLN B 43 -11.07 2.85 8.97
N THR B 44 -11.50 2.05 8.02
CA THR B 44 -11.33 2.40 6.61
C THR B 44 -12.16 1.49 5.71
N THR B 45 -12.57 2.05 4.58
CA THR B 45 -13.34 1.33 3.60
C THR B 45 -12.55 1.26 2.29
N ASN B 46 -12.22 0.06 1.86
CA ASN B 46 -11.46 -0.14 0.63
C ASN B 46 -12.40 -0.51 -0.52
N SER B 47 -12.71 0.47 -1.35
CA SER B 47 -13.59 0.25 -2.47
C SER B 47 -12.81 0.23 -3.78
N VAL B 48 -13.24 -0.62 -4.70
CA VAL B 48 -12.60 -0.76 -6.00
C VAL B 48 -13.63 -1.14 -7.05
N LYS B 49 -13.48 -0.63 -8.27
CA LYS B 49 -14.43 -0.93 -9.33
C LYS B 49 -13.98 -2.09 -10.19
N THR B 50 -13.07 -1.85 -11.13
CA THR B 50 -12.60 -2.88 -12.04
C THR B 50 -11.14 -3.29 -11.77
N VAL B 51 -10.94 -4.59 -11.56
CA VAL B 51 -9.62 -5.13 -11.31
C VAL B 51 -9.26 -6.13 -12.41
N VAL B 52 -8.14 -5.90 -13.07
CA VAL B 52 -7.69 -6.76 -14.16
C VAL B 52 -6.46 -7.57 -13.77
N GLY B 53 -6.55 -8.88 -13.92
CA GLY B 53 -5.43 -9.76 -13.59
C GLY B 53 -5.18 -10.77 -14.70
N LYS B 54 -4.21 -10.49 -15.55
CA LYS B 54 -3.90 -11.36 -16.68
C LYS B 54 -2.44 -11.81 -16.63
N GLY B 55 -2.23 -13.12 -16.63
CA GLY B 55 -0.88 -13.65 -16.60
C GLY B 55 -0.43 -14.06 -15.21
N GLU B 56 -1.17 -14.98 -14.62
CA GLU B 56 -0.88 -15.50 -13.28
C GLU B 56 -0.83 -14.38 -12.23
N SER B 57 -1.71 -13.40 -12.39
CA SER B 57 -1.78 -12.29 -11.45
C SER B 57 -2.49 -12.71 -10.17
N ARG B 58 -2.12 -12.07 -9.07
CA ARG B 58 -2.72 -12.37 -7.77
C ARG B 58 -3.46 -11.14 -7.26
N VAL B 59 -4.74 -11.31 -6.96
CA VAL B 59 -5.56 -10.23 -6.45
C VAL B 59 -5.94 -10.45 -5.00
N LEU B 60 -5.58 -9.51 -4.14
CA LEU B 60 -5.87 -9.60 -2.72
C LEU B 60 -6.76 -8.43 -2.29
N ILE B 61 -8.02 -8.72 -2.01
CA ILE B 61 -8.95 -7.68 -1.59
C ILE B 61 -9.16 -7.76 -0.08
N GLY B 62 -8.36 -7.00 0.65
CA GLY B 62 -8.45 -6.99 2.09
C GLY B 62 -7.14 -6.55 2.73
N ASN B 63 -7.10 -6.54 4.05
CA ASN B 63 -5.90 -6.14 4.76
C ASN B 63 -5.14 -7.37 5.23
N GLU B 64 -3.87 -7.20 5.55
CA GLU B 64 -3.06 -8.31 6.00
C GLU B 64 -2.40 -8.00 7.34
N TYR B 65 -2.02 -9.06 8.03
CA TYR B 65 -1.37 -8.95 9.32
C TYR B 65 -0.24 -9.97 9.39
N GLY B 66 0.90 -9.62 8.80
CA GLY B 66 2.03 -10.52 8.79
C GLY B 66 3.24 -9.94 9.49
N GLY B 67 4.16 -9.39 8.70
CA GLY B 67 5.37 -8.82 9.26
C GLY B 67 6.61 -9.44 8.66
N LYS B 68 6.56 -10.74 8.40
CA LYS B 68 7.68 -11.46 7.81
C LYS B 68 7.55 -11.44 6.29
N GLY B 69 7.42 -10.24 5.74
CA GLY B 69 7.25 -10.10 4.31
C GLY B 69 5.91 -9.49 3.98
N PHE B 70 5.91 -8.50 3.11
CA PHE B 70 4.68 -7.83 2.72
C PHE B 70 3.95 -8.60 1.64
N TRP B 71 3.29 -9.69 2.06
CA TRP B 71 2.52 -10.57 1.16
C TRP B 71 3.44 -11.37 0.24
N ASP B 72 4.35 -10.68 -0.45
CA ASP B 72 5.27 -11.33 -1.37
C ASP B 72 6.71 -11.27 -0.83
N ASN B 73 7.67 -11.68 -1.66
CA ASN B 73 9.07 -11.69 -1.25
C ASN B 73 9.89 -10.66 -2.02
N HIS B 74 10.45 -9.71 -1.29
CA HIS B 74 11.26 -8.65 -1.90
C HIS B 74 12.48 -8.40 -1.02
N HIS B 75 13.65 -8.42 -1.63
CA HIS B 75 14.88 -8.18 -0.90
C HIS B 75 15.95 -7.59 -1.83
N HIS B 76 16.38 -6.37 -1.54
CA HIS B 76 17.38 -5.70 -2.36
C HIS B 76 18.49 -5.07 -1.53
N HIS B 77 19.39 -4.38 -2.20
CA HIS B 77 20.51 -3.71 -1.55
C HIS B 77 20.43 -2.21 -1.78
N HIS B 78 20.46 -1.46 -0.70
CA HIS B 78 20.36 0.00 -0.75
C HIS B 78 21.73 0.63 -1.10
N HIS B 79 22.05 1.74 -0.44
CA HIS B 79 23.30 2.43 -0.69
C HIS B 79 24.21 2.31 0.54
N ARG C 9 -10.28 6.61 4.06
CA ARG C 9 -10.64 5.39 3.32
C ARG C 9 -9.90 5.34 2.00
N ASN C 10 -10.06 4.25 1.26
CA ASN C 10 -9.41 4.09 -0.02
C ASN C 10 -10.42 3.72 -1.10
N SER C 11 -10.24 4.27 -2.28
CA SER C 11 -11.15 4.00 -3.38
C SER C 11 -10.39 4.00 -4.70
N ALA C 12 -10.64 2.98 -5.52
CA ALA C 12 -9.99 2.87 -6.82
C ALA C 12 -11.03 2.59 -7.90
N LYS C 13 -10.76 3.05 -9.11
CA LYS C 13 -11.68 2.86 -10.22
C LYS C 13 -11.21 1.73 -11.13
N ASP C 14 -10.11 1.93 -11.82
CA ASP C 14 -9.57 0.93 -12.73
C ASP C 14 -8.14 0.56 -12.39
N ILE C 15 -7.92 -0.72 -12.10
CA ILE C 15 -6.58 -1.22 -11.78
C ILE C 15 -6.24 -2.40 -12.68
N ARG C 16 -5.20 -2.24 -13.49
CA ARG C 16 -4.76 -3.31 -14.38
C ARG C 16 -3.43 -3.87 -13.93
N THR C 17 -3.40 -5.16 -13.62
CA THR C 17 -2.19 -5.83 -13.18
C THR C 17 -1.96 -7.10 -13.99
N GLU C 18 -1.02 -7.04 -14.91
CA GLU C 18 -0.72 -8.18 -15.76
C GLU C 18 0.77 -8.50 -15.74
N GLU C 19 1.12 -9.62 -16.37
CA GLU C 19 2.51 -10.08 -16.45
C GLU C 19 3.05 -10.37 -15.04
N ARG C 20 2.45 -11.37 -14.39
CA ARG C 20 2.85 -11.79 -13.06
C ARG C 20 2.78 -10.63 -12.06
N ALA C 21 1.71 -9.84 -12.15
CA ALA C 21 1.53 -8.71 -11.27
C ALA C 21 0.67 -9.09 -10.07
N ARG C 22 0.62 -8.23 -9.08
CA ARG C 22 -0.17 -8.49 -7.88
C ARG C 22 -0.68 -7.17 -7.29
N VAL C 23 -1.93 -7.18 -6.84
CA VAL C 23 -2.55 -5.98 -6.27
C VAL C 23 -3.25 -6.31 -4.95
N GLN C 24 -3.10 -5.42 -3.97
CA GLN C 24 -3.74 -5.61 -2.67
C GLN C 24 -4.56 -4.38 -2.32
N LEU C 25 -5.82 -4.60 -1.99
CA LEU C 25 -6.73 -3.54 -1.62
C LEU C 25 -6.97 -3.53 -0.12
N GLY C 26 -6.09 -2.87 0.62
CA GLY C 26 -6.25 -2.81 2.05
C GLY C 26 -5.03 -2.23 2.74
N ASN C 27 -5.00 -2.32 4.05
CA ASN C 27 -3.89 -1.81 4.84
C ASN C 27 -2.95 -2.95 5.23
N VAL C 28 -1.70 -2.61 5.48
CA VAL C 28 -0.70 -3.61 5.86
C VAL C 28 -0.31 -3.43 7.32
N VAL C 29 -0.56 -4.47 8.12
CA VAL C 29 -0.25 -4.44 9.53
C VAL C 29 0.89 -5.41 9.86
N THR C 30 2.05 -4.87 10.20
CA THR C 30 3.18 -5.70 10.54
C THR C 30 3.09 -6.17 11.99
N ALA C 31 3.91 -7.16 12.35
CA ALA C 31 3.92 -7.71 13.70
C ALA C 31 4.51 -6.73 14.72
N ALA C 32 4.81 -5.51 14.26
CA ALA C 32 5.35 -4.48 15.14
C ALA C 32 4.22 -3.58 15.65
N ALA C 33 3.09 -3.61 14.96
CA ALA C 33 1.94 -2.80 15.36
C ALA C 33 1.19 -3.46 16.49
N LEU C 34 1.61 -3.16 17.71
CA LEU C 34 0.99 -3.74 18.90
C LEU C 34 0.57 -2.65 19.87
N HIS C 35 0.68 -1.40 19.45
CA HIS C 35 0.31 -0.28 20.29
C HIS C 35 -0.73 0.60 19.63
N GLY C 36 -1.95 0.49 20.11
CA GLY C 36 -3.04 1.26 19.57
C GLY C 36 -4.30 1.09 20.38
N GLY C 37 -5.17 2.09 20.34
CA GLY C 37 -6.40 2.02 21.08
C GLY C 37 -7.59 2.26 20.19
N ILE C 38 -8.78 2.41 20.78
CA ILE C 38 -9.98 2.64 20.01
C ILE C 38 -10.32 4.14 19.99
N ARG C 39 -10.10 4.77 18.85
CA ARG C 39 -10.38 6.19 18.72
C ARG C 39 -11.00 6.50 17.37
N ILE C 40 -12.22 7.01 17.39
CA ILE C 40 -12.91 7.37 16.17
C ILE C 40 -12.58 8.82 15.81
N SER C 41 -11.85 8.99 14.73
CA SER C 41 -11.46 10.31 14.28
C SER C 41 -11.46 10.38 12.76
N ASP C 42 -10.99 11.48 12.21
CA ASP C 42 -10.93 11.64 10.77
C ASP C 42 -9.79 10.83 10.18
N GLN C 43 -10.01 10.33 8.98
CA GLN C 43 -9.02 9.54 8.27
C GLN C 43 -8.79 10.13 6.90
N THR C 44 -7.54 10.16 6.45
CA THR C 44 -7.22 10.71 5.15
C THR C 44 -7.93 9.96 4.03
N THR C 45 -8.42 10.71 3.05
CA THR C 45 -9.12 10.14 1.92
C THR C 45 -8.19 10.01 0.72
N ASN C 46 -7.78 8.80 0.41
CA ASN C 46 -6.90 8.56 -0.72
C ASN C 46 -7.62 7.74 -1.77
N SER C 47 -7.65 8.23 -2.99
CA SER C 47 -8.33 7.54 -4.07
C SER C 47 -7.58 7.70 -5.38
N VAL C 48 -7.63 6.66 -6.21
CA VAL C 48 -6.96 6.66 -7.49
C VAL C 48 -7.93 6.28 -8.60
N LYS C 49 -7.78 6.89 -9.76
CA LYS C 49 -8.66 6.64 -10.89
C LYS C 49 -8.20 5.42 -11.70
N THR C 50 -7.01 5.50 -12.28
CA THR C 50 -6.51 4.40 -13.09
C THR C 50 -5.05 4.07 -12.80
N VAL C 51 -4.78 2.79 -12.60
CA VAL C 51 -3.44 2.28 -12.33
C VAL C 51 -3.11 1.17 -13.31
N VAL C 52 -2.08 1.37 -14.11
CA VAL C 52 -1.68 0.37 -15.09
C VAL C 52 -0.30 -0.19 -14.75
N GLY C 53 -0.27 -1.42 -14.26
CA GLY C 53 0.98 -2.07 -13.90
C GLY C 53 1.33 -3.20 -14.84
N LYS C 54 2.56 -3.17 -15.34
CA LYS C 54 3.03 -4.19 -16.27
C LYS C 54 4.43 -4.68 -15.89
N GLY C 55 4.56 -5.99 -15.72
CA GLY C 55 5.85 -6.58 -15.40
C GLY C 55 6.09 -6.69 -13.91
N GLU C 56 5.46 -7.69 -13.28
CA GLU C 56 5.60 -7.95 -11.85
C GLU C 56 5.31 -6.69 -11.02
N SER C 57 4.38 -5.88 -11.51
CA SER C 57 4.00 -4.67 -10.83
C SER C 57 3.21 -5.00 -9.56
N ARG C 58 3.37 -4.15 -8.56
CA ARG C 58 2.70 -4.33 -7.30
C ARG C 58 1.91 -3.07 -6.93
N VAL C 59 0.61 -3.25 -6.76
CA VAL C 59 -0.27 -2.14 -6.43
C VAL C 59 -0.77 -2.25 -5.00
N LEU C 60 -0.47 -1.24 -4.19
CA LEU C 60 -0.90 -1.22 -2.81
C LEU C 60 -1.85 -0.05 -2.58
N ILE C 61 -3.14 -0.35 -2.45
CA ILE C 61 -4.13 0.69 -2.24
C ILE C 61 -4.53 0.72 -0.77
N GLY C 62 -3.82 1.53 0.00
CA GLY C 62 -4.08 1.67 1.42
C GLY C 62 -2.87 2.20 2.15
N ASN C 63 -2.94 2.23 3.47
CA ASN C 63 -1.83 2.73 4.26
C ASN C 63 -0.99 1.56 4.79
N GLU C 64 0.29 1.79 4.96
CA GLU C 64 1.19 0.76 5.44
C GLU C 64 1.70 1.09 6.84
N TYR C 65 1.76 0.08 7.69
CA TYR C 65 2.24 0.24 9.04
C TYR C 65 3.45 -0.68 9.24
N GLY C 66 4.64 -0.10 9.20
CA GLY C 66 5.84 -0.89 9.38
C GLY C 66 6.90 -0.17 10.18
N GLY C 67 7.98 -0.88 10.49
CA GLY C 67 9.06 -0.27 11.26
C GLY C 67 10.40 -0.41 10.58
N LYS C 68 10.55 -1.46 9.79
CA LYS C 68 11.80 -1.72 9.08
C LYS C 68 11.73 -1.14 7.68
N GLY C 69 11.86 0.17 7.59
CA GLY C 69 11.81 0.84 6.31
C GLY C 69 10.39 1.14 5.87
N PHE C 70 9.94 0.49 4.81
CA PHE C 70 8.60 0.69 4.30
C PHE C 70 8.11 -0.58 3.60
N TRP C 71 7.13 -0.43 2.70
CA TRP C 71 6.58 -1.55 1.94
C TRP C 71 7.66 -2.49 1.43
N ASP C 72 8.65 -1.96 0.73
CA ASP C 72 9.73 -2.79 0.22
C ASP C 72 11.07 -2.28 0.73
N ASN C 73 12.12 -3.06 0.49
CA ASN C 73 13.45 -2.72 0.94
C ASN C 73 14.42 -2.62 -0.24
N HIS C 74 14.47 -1.44 -0.85
CA HIS C 74 15.36 -1.23 -1.99
C HIS C 74 16.39 -0.14 -1.69
N HIS C 75 15.94 0.95 -1.09
CA HIS C 75 16.84 2.06 -0.80
C HIS C 75 16.51 2.72 0.53
N HIS C 76 17.40 3.62 0.94
CA HIS C 76 17.28 4.39 2.18
C HIS C 76 17.10 3.50 3.41
N HIS C 77 18.21 3.22 4.09
CA HIS C 77 18.18 2.39 5.30
C HIS C 77 18.24 3.27 6.54
N HIS C 78 18.55 2.64 7.67
CA HIS C 78 18.64 3.36 8.95
C HIS C 78 19.89 4.23 8.97
N HIS C 79 19.80 5.37 9.63
CA HIS C 79 20.93 6.29 9.71
C HIS C 79 21.78 5.98 10.94
N ARG D 9 -8.43 13.66 0.13
CA ARG D 9 -7.17 14.39 0.39
C ARG D 9 -6.17 14.16 -0.74
N ASN D 10 -5.85 12.90 -0.98
CA ASN D 10 -4.92 12.53 -2.03
C ASN D 10 -5.70 11.96 -3.20
N SER D 11 -5.36 12.39 -4.40
CA SER D 11 -6.07 11.92 -5.58
C SER D 11 -5.11 11.79 -6.77
N ALA D 12 -5.23 10.69 -7.49
CA ALA D 12 -4.40 10.45 -8.66
C ALA D 12 -5.27 10.02 -9.83
N LYS D 13 -5.07 10.64 -10.97
CA LYS D 13 -5.85 10.32 -12.16
C LYS D 13 -5.32 9.08 -12.87
N ASP D 14 -4.15 9.19 -13.49
CA ASP D 14 -3.57 8.07 -14.22
C ASP D 14 -2.14 7.79 -13.78
N ILE D 15 -1.91 6.55 -13.38
CA ILE D 15 -0.60 6.11 -12.93
C ILE D 15 -0.14 4.88 -13.73
N ARG D 16 1.05 4.96 -14.31
CA ARG D 16 1.59 3.86 -15.08
C ARG D 16 2.88 3.35 -14.45
N THR D 17 2.90 2.08 -14.10
CA THR D 17 4.07 1.46 -13.48
C THR D 17 4.51 0.23 -14.27
N GLU D 18 5.70 0.27 -14.84
CA GLU D 18 6.21 -0.86 -15.62
C GLU D 18 7.61 -1.28 -15.17
N GLU D 19 7.89 -2.58 -15.30
CA GLU D 19 9.18 -3.17 -14.96
C GLU D 19 9.46 -3.15 -13.46
N ARG D 20 8.87 -4.12 -12.76
CA ARG D 20 9.04 -4.28 -11.30
C ARG D 20 8.64 -3.02 -10.51
N ALA D 21 7.91 -2.13 -11.15
CA ALA D 21 7.47 -0.90 -10.50
C ALA D 21 6.32 -1.16 -9.54
N ARG D 22 6.19 -0.32 -8.53
CA ARG D 22 5.13 -0.47 -7.54
C ARG D 22 4.56 0.89 -7.17
N VAL D 23 3.31 0.90 -6.75
CA VAL D 23 2.63 2.14 -6.38
C VAL D 23 1.79 1.94 -5.12
N GLN D 24 1.86 2.91 -4.21
CA GLN D 24 1.10 2.85 -2.97
C GLN D 24 0.21 4.09 -2.83
N LEU D 25 -1.07 3.86 -2.55
CA LEU D 25 -2.04 4.93 -2.40
C LEU D 25 -2.52 5.02 -0.95
N GLY D 26 -1.84 5.82 -0.14
CA GLY D 26 -2.25 5.96 1.25
C GLY D 26 -1.34 6.87 2.03
N ASN D 27 -0.54 6.26 2.89
CA ASN D 27 0.40 6.97 3.74
C ASN D 27 1.31 5.97 4.45
N VAL D 28 2.47 6.43 4.88
CA VAL D 28 3.42 5.55 5.57
C VAL D 28 3.45 5.82 7.07
N VAL D 29 2.91 4.90 7.83
CA VAL D 29 2.90 5.02 9.28
C VAL D 29 3.94 4.09 9.86
N THR D 30 5.02 4.66 10.37
CA THR D 30 6.10 3.88 10.93
C THR D 30 5.88 3.55 12.40
N ALA D 31 6.60 2.54 12.89
CA ALA D 31 6.50 2.14 14.28
C ALA D 31 7.21 3.13 15.20
N ALA D 32 7.86 4.12 14.59
CA ALA D 32 8.56 5.15 15.34
C ALA D 32 7.57 6.15 15.90
N ALA D 33 6.32 6.03 15.46
CA ALA D 33 5.24 6.89 15.91
C ALA D 33 4.53 6.25 17.09
N LEU D 34 3.70 7.03 17.77
CA LEU D 34 2.97 6.53 18.93
C LEU D 34 1.71 7.37 19.13
N HIS D 35 1.02 7.18 20.26
CA HIS D 35 -0.19 7.93 20.56
C HIS D 35 0.13 9.35 21.00
N GLY D 36 0.60 10.15 20.06
CA GLY D 36 0.93 11.54 20.36
C GLY D 36 1.14 12.35 19.10
N GLY D 37 0.04 12.69 18.45
CA GLY D 37 0.12 13.48 17.23
C GLY D 37 0.00 12.64 15.98
N ILE D 38 -0.16 11.32 16.16
CA ILE D 38 -0.27 10.39 15.04
C ILE D 38 -1.51 10.69 14.19
N ARG D 39 -2.50 11.33 14.78
CA ARG D 39 -3.72 11.67 14.07
C ARG D 39 -3.52 12.96 13.29
N ILE D 40 -2.72 12.88 12.23
CA ILE D 40 -2.41 14.01 11.37
C ILE D 40 -3.68 14.61 10.76
N SER D 41 -4.72 13.78 10.64
CA SER D 41 -5.99 14.20 10.06
C SER D 41 -5.82 14.61 8.60
N ASP D 42 -6.68 15.49 8.13
CA ASP D 42 -6.63 15.95 6.74
C ASP D 42 -6.13 17.38 6.68
N GLN D 43 -4.93 17.60 6.15
CA GLN D 43 -4.36 18.94 6.07
C GLN D 43 -4.27 19.44 4.63
N THR D 44 -3.15 19.15 3.96
CA THR D 44 -2.95 19.60 2.59
C THR D 44 -3.53 18.61 1.59
N THR D 45 -3.77 19.09 0.38
CA THR D 45 -4.34 18.28 -0.68
C THR D 45 -3.32 18.00 -1.77
N ASN D 46 -3.08 16.73 -2.05
CA ASN D 46 -2.13 16.34 -3.09
C ASN D 46 -2.88 15.63 -4.22
N SER D 47 -3.01 16.30 -5.35
CA SER D 47 -3.71 15.72 -6.50
C SER D 47 -2.82 15.75 -7.75
N VAL D 48 -2.49 14.58 -8.24
CA VAL D 48 -1.67 14.44 -9.44
C VAL D 48 -2.50 13.84 -10.56
N LYS D 49 -2.28 14.29 -11.79
CA LYS D 49 -3.06 13.81 -12.90
C LYS D 49 -2.37 12.67 -13.67
N THR D 50 -1.13 12.88 -14.09
CA THR D 50 -0.42 11.86 -14.85
C THR D 50 0.91 11.47 -14.21
N VAL D 51 1.05 10.19 -13.90
CA VAL D 51 2.26 9.64 -13.30
C VAL D 51 2.76 8.46 -14.12
N VAL D 52 3.91 8.62 -14.76
CA VAL D 52 4.47 7.54 -15.58
C VAL D 52 5.81 7.08 -15.02
N GLY D 53 5.92 5.78 -14.77
CA GLY D 53 7.15 5.22 -14.25
C GLY D 53 7.51 3.93 -14.95
N LYS D 54 8.75 3.83 -15.42
CA LYS D 54 9.20 2.63 -16.11
C LYS D 54 10.63 2.26 -15.71
N GLY D 55 10.82 1.00 -15.36
CA GLY D 55 12.13 0.52 -14.97
C GLY D 55 12.48 0.87 -13.54
N GLU D 56 11.97 0.06 -12.60
CA GLU D 56 12.19 0.28 -11.18
C GLU D 56 11.70 1.66 -10.76
N SER D 57 10.39 1.79 -10.66
CA SER D 57 9.79 3.05 -10.28
C SER D 57 8.87 2.86 -9.09
N ARG D 58 8.90 3.81 -8.17
CA ARG D 58 8.06 3.75 -6.98
C ARG D 58 7.18 4.98 -6.89
N VAL D 59 5.87 4.76 -6.87
CA VAL D 59 4.92 5.86 -6.77
C VAL D 59 4.34 5.92 -5.37
N LEU D 60 4.63 7.00 -4.66
CA LEU D 60 4.15 7.19 -3.30
C LEU D 60 3.22 8.40 -3.24
N ILE D 61 1.93 8.13 -3.12
CA ILE D 61 0.95 9.19 -3.05
C ILE D 61 0.39 9.27 -1.63
N GLY D 62 0.94 10.16 -0.83
CA GLY D 62 0.51 10.32 0.54
C GLY D 62 1.58 10.92 1.42
N ASN D 63 1.27 11.07 2.70
CA ASN D 63 2.20 11.65 3.66
C ASN D 63 2.91 10.54 4.43
N GLU D 64 4.01 10.89 5.09
CA GLU D 64 4.77 9.93 5.88
C GLU D 64 4.95 10.46 7.30
N TYR D 65 4.71 9.60 8.28
CA TYR D 65 4.83 9.99 9.67
C TYR D 65 5.78 9.05 10.40
N GLY D 66 6.86 9.60 10.93
CA GLY D 66 7.81 8.80 11.66
C GLY D 66 9.21 9.36 11.65
N GLY D 67 10.13 8.65 12.28
CA GLY D 67 11.51 9.08 12.35
C GLY D 67 12.41 8.21 11.49
N LYS D 68 11.98 7.97 10.26
CA LYS D 68 12.75 7.14 9.33
C LYS D 68 13.66 8.03 8.49
N GLY D 69 13.68 9.32 8.80
CA GLY D 69 14.50 10.26 8.07
C GLY D 69 13.79 10.73 6.82
N PHE D 70 13.42 9.78 5.99
CA PHE D 70 12.72 10.03 4.74
C PHE D 70 12.30 8.71 4.13
N TRP D 71 11.12 8.67 3.51
CA TRP D 71 10.61 7.46 2.88
C TRP D 71 11.65 6.79 1.99
N ASP D 72 12.01 7.45 0.90
CA ASP D 72 13.00 6.92 -0.04
C ASP D 72 13.76 8.05 -0.71
N ASN D 73 15.06 8.11 -0.44
CA ASN D 73 15.92 9.14 -0.99
C ASN D 73 17.22 8.49 -1.46
N HIS D 74 18.07 9.28 -2.11
CA HIS D 74 19.33 8.76 -2.61
C HIS D 74 20.41 8.79 -1.53
N HIS D 75 20.67 9.98 -0.98
CA HIS D 75 21.68 10.12 0.05
C HIS D 75 21.47 11.39 0.87
N HIS D 76 22.46 11.74 1.67
CA HIS D 76 22.40 12.93 2.51
C HIS D 76 23.01 14.13 1.78
N HIS D 77 23.29 15.20 2.50
CA HIS D 77 23.88 16.39 1.89
C HIS D 77 25.27 16.10 1.40
N HIS D 78 25.49 16.33 0.11
CA HIS D 78 26.79 16.09 -0.50
C HIS D 78 27.46 17.43 -0.83
N HIS D 79 28.77 17.40 -1.00
CA HIS D 79 29.51 18.61 -1.33
C HIS D 79 29.99 18.54 -2.77
N ARG E 9 -2.37 24.32 -1.50
CA ARG E 9 -2.47 22.89 -1.89
C ARG E 9 -1.34 22.51 -2.84
N ASN E 10 -1.21 21.21 -3.10
CA ASN E 10 -0.17 20.70 -3.99
C ASN E 10 -0.81 19.97 -5.17
N SER E 11 -0.53 20.45 -6.37
CA SER E 11 -1.07 19.84 -7.58
C SER E 11 0.04 19.54 -8.58
N ALA E 12 -0.16 18.50 -9.36
CA ALA E 12 0.80 18.11 -10.38
C ALA E 12 0.08 17.60 -11.62
N LYS E 13 0.50 18.06 -12.78
CA LYS E 13 -0.12 17.66 -14.03
C LYS E 13 0.55 16.41 -14.61
N ASP E 14 1.79 16.55 -15.08
CA ASP E 14 2.49 15.42 -15.68
C ASP E 14 3.83 15.16 -15.00
N ILE E 15 4.02 13.91 -14.55
CA ILE E 15 5.26 13.50 -13.90
C ILE E 15 5.79 12.22 -14.55
N ARG E 16 7.02 12.27 -15.03
CA ARG E 16 7.65 11.12 -15.66
C ARG E 16 8.91 10.71 -14.91
N THR E 17 8.93 9.48 -14.44
CA THR E 17 10.05 8.95 -13.68
C THR E 17 10.49 7.60 -14.25
N GLU E 18 11.64 7.57 -14.90
CA GLU E 18 12.15 6.33 -15.48
C GLU E 18 13.58 6.02 -15.03
N GLU E 19 13.92 4.73 -15.02
CA GLU E 19 15.25 4.24 -14.65
C GLU E 19 15.56 4.50 -13.17
N ARG E 20 15.02 3.63 -12.31
CA ARG E 20 15.22 3.71 -10.87
C ARG E 20 14.85 5.10 -10.36
N ALA E 21 13.57 5.39 -10.45
CA ALA E 21 13.06 6.68 -10.04
C ALA E 21 11.88 6.52 -9.12
N ARG E 22 11.55 7.58 -8.40
CA ARG E 22 10.44 7.55 -7.47
C ARG E 22 9.80 8.92 -7.36
N VAL E 23 8.49 8.93 -7.17
CA VAL E 23 7.73 10.15 -7.05
C VAL E 23 6.92 10.12 -5.77
N GLN E 24 7.13 11.11 -4.93
CA GLN E 24 6.43 11.20 -3.64
C GLN E 24 5.63 12.50 -3.55
N LEU E 25 4.32 12.35 -3.42
CA LEU E 25 3.43 13.50 -3.31
C LEU E 25 2.78 13.52 -1.94
N GLY E 26 3.31 14.34 -1.06
CA GLY E 26 2.77 14.44 0.28
C GLY E 26 3.67 15.25 1.18
N ASN E 27 3.34 15.30 2.46
CA ASN E 27 4.14 16.04 3.40
C ASN E 27 4.86 15.09 4.36
N VAL E 28 6.07 15.46 4.75
CA VAL E 28 6.87 14.63 5.64
C VAL E 28 6.77 15.13 7.08
N VAL E 29 6.49 14.21 8.00
CA VAL E 29 6.38 14.57 9.40
C VAL E 29 7.36 13.74 10.24
N THR E 30 8.38 14.42 10.76
CA THR E 30 9.39 13.77 11.59
C THR E 30 8.75 13.16 12.85
N ALA E 31 9.49 12.27 13.52
CA ALA E 31 9.00 11.61 14.72
C ALA E 31 8.70 12.58 15.84
N ALA E 32 9.28 13.77 15.77
CA ALA E 32 9.07 14.80 16.79
C ALA E 32 7.82 15.61 16.49
N ALA E 33 7.26 15.42 15.29
CA ALA E 33 6.06 16.13 14.85
C ALA E 33 6.24 17.64 14.95
N LEU E 34 5.13 18.37 15.08
CA LEU E 34 5.20 19.82 15.20
C LEU E 34 5.16 20.20 16.67
N HIS E 35 5.91 21.23 17.03
CA HIS E 35 5.96 21.69 18.42
C HIS E 35 4.76 22.60 18.70
N GLY E 36 3.57 22.03 18.59
CA GLY E 36 2.36 22.79 18.82
C GLY E 36 1.66 23.10 17.52
N GLY E 37 0.65 23.95 17.58
CA GLY E 37 -0.09 24.31 16.39
C GLY E 37 -1.37 23.49 16.26
N ILE E 38 -2.40 23.91 16.98
CA ILE E 38 -3.68 23.22 16.96
C ILE E 38 -4.47 23.59 15.70
N ARG E 39 -3.88 24.43 14.87
CA ARG E 39 -4.52 24.84 13.63
C ARG E 39 -3.66 24.47 12.44
N ILE E 40 -3.63 23.17 12.14
CA ILE E 40 -2.84 22.67 11.03
C ILE E 40 -3.58 22.84 9.70
N SER E 41 -3.25 23.93 9.00
CA SER E 41 -3.85 24.22 7.72
C SER E 41 -2.76 24.46 6.69
N ASP E 42 -3.04 24.17 5.42
CA ASP E 42 -2.04 24.37 4.38
C ASP E 42 -2.07 25.81 3.89
N GLN E 43 -0.91 26.45 3.94
CA GLN E 43 -0.77 27.84 3.52
C GLN E 43 0.31 27.97 2.46
N THR E 44 0.28 27.09 1.47
CA THR E 44 1.25 27.10 0.40
C THR E 44 0.65 26.59 -0.90
N THR E 45 1.02 27.22 -2.00
CA THR E 45 0.52 26.83 -3.31
C THR E 45 1.66 26.30 -4.17
N ASN E 46 1.62 25.01 -4.46
CA ASN E 46 2.67 24.38 -5.27
C ASN E 46 2.04 23.59 -6.42
N SER E 47 2.01 24.19 -7.59
CA SER E 47 1.45 23.56 -8.77
C SER E 47 2.57 23.16 -9.73
N VAL E 48 2.69 21.87 -9.98
CA VAL E 48 3.71 21.35 -10.88
C VAL E 48 3.11 21.04 -12.24
N LYS E 49 3.71 21.59 -13.28
CA LYS E 49 3.22 21.38 -14.64
C LYS E 49 3.71 20.06 -15.23
N THR E 50 4.99 20.01 -15.58
CA THR E 50 5.54 18.80 -16.17
C THR E 50 7.00 18.60 -15.74
N VAL E 51 7.25 17.47 -15.09
CA VAL E 51 8.60 17.14 -14.64
C VAL E 51 9.01 15.76 -15.15
N VAL E 52 10.10 15.73 -15.90
CA VAL E 52 10.60 14.48 -16.46
C VAL E 52 11.97 14.16 -15.89
N GLY E 53 12.12 12.94 -15.38
CA GLY E 53 13.39 12.52 -14.82
C GLY E 53 13.77 11.12 -15.25
N LYS E 54 14.94 10.98 -15.83
CA LYS E 54 15.41 9.68 -16.29
C LYS E 54 16.77 9.34 -15.70
N GLY E 55 16.79 8.33 -14.83
CA GLY E 55 18.03 7.92 -14.21
C GLY E 55 18.24 8.55 -12.85
N GLU E 56 17.80 7.86 -11.80
CA GLU E 56 17.93 8.35 -10.42
C GLU E 56 17.14 9.64 -10.24
N SER E 57 15.87 9.58 -10.56
CA SER E 57 15.00 10.74 -10.44
C SER E 57 14.21 10.73 -9.13
N ARG E 58 14.30 11.82 -8.39
CA ARG E 58 13.59 11.97 -7.12
C ARG E 58 12.63 13.15 -7.19
N VAL E 59 11.34 12.84 -7.27
CA VAL E 59 10.32 13.88 -7.33
C VAL E 59 9.58 13.98 -6.01
N LEU E 60 9.77 15.09 -5.31
CA LEU E 60 9.12 15.31 -4.02
C LEU E 60 8.26 16.57 -4.04
N ILE E 61 6.96 16.39 -4.06
CA ILE E 61 6.04 17.51 -4.09
C ILE E 61 5.22 17.55 -2.80
N GLY E 62 5.57 18.47 -1.91
CA GLY E 62 4.86 18.59 -0.66
C GLY E 62 5.57 19.50 0.32
N ASN E 63 5.65 19.06 1.58
CA ASN E 63 6.32 19.83 2.62
C ASN E 63 7.50 19.06 3.20
N GLU E 64 8.61 19.77 3.42
CA GLU E 64 9.81 19.17 3.97
C GLU E 64 9.91 19.40 5.47
N TYR E 65 10.07 18.33 6.23
CA TYR E 65 10.17 18.42 7.68
C TYR E 65 10.74 17.12 8.26
N GLY E 66 12.06 17.08 8.45
CA GLY E 66 12.69 15.89 8.97
C GLY E 66 13.68 16.17 10.07
N GLY E 67 14.93 16.37 9.69
CA GLY E 67 15.98 16.65 10.66
C GLY E 67 17.34 16.20 10.17
N LYS E 68 17.53 16.21 8.86
CA LYS E 68 18.80 15.79 8.27
C LYS E 68 19.48 16.97 7.55
N GLY E 69 18.86 17.46 6.49
CA GLY E 69 19.43 18.58 5.76
C GLY E 69 19.54 18.34 4.26
N PHE E 70 18.73 17.43 3.74
CA PHE E 70 18.75 17.12 2.32
C PHE E 70 17.37 16.63 1.90
N TRP E 71 16.64 17.49 1.17
CA TRP E 71 15.27 17.20 0.74
C TRP E 71 14.35 17.31 1.94
N ASP E 72 14.95 17.79 3.03
CA ASP E 72 14.29 17.97 4.30
C ASP E 72 15.04 19.08 5.04
N ASN E 73 14.49 19.56 6.13
CA ASN E 73 15.15 20.60 6.92
C ASN E 73 14.62 20.65 8.34
N HIS E 74 15.37 21.31 9.21
CA HIS E 74 15.00 21.45 10.62
C HIS E 74 15.72 22.66 11.22
N HIS E 75 15.48 22.91 12.49
CA HIS E 75 16.10 24.03 13.18
C HIS E 75 17.48 23.61 13.72
N HIS E 76 17.47 22.79 14.77
CA HIS E 76 18.69 22.28 15.40
C HIS E 76 19.44 23.39 16.16
N HIS E 77 20.23 22.99 17.14
CA HIS E 77 20.98 23.93 17.96
C HIS E 77 22.46 23.77 17.67
N HIS E 78 23.13 24.87 17.36
CA HIS E 78 24.55 24.83 17.05
C HIS E 78 25.39 25.25 18.24
N HIS E 79 26.52 24.60 18.42
CA HIS E 79 27.43 24.89 19.51
C HIS E 79 28.84 24.46 19.12
N ARG A 9 -17.61 -10.99 7.93
CA ARG A 9 -18.64 -11.64 7.11
C ARG A 9 -18.30 -11.52 5.63
N ASN A 10 -18.54 -12.58 4.87
CA ASN A 10 -18.26 -12.59 3.44
C ASN A 10 -19.55 -12.69 2.65
N SER A 11 -19.67 -11.91 1.59
CA SER A 11 -20.87 -11.91 0.76
C SER A 11 -20.50 -11.80 -0.72
N ALA A 12 -21.10 -12.67 -1.53
CA ALA A 12 -20.85 -12.65 -2.97
C ALA A 12 -22.15 -12.43 -3.72
N LYS A 13 -22.05 -12.08 -4.99
CA LYS A 13 -23.23 -11.85 -5.81
C LYS A 13 -23.21 -12.70 -7.08
N ASP A 14 -22.29 -12.39 -7.98
CA ASP A 14 -22.19 -13.12 -9.24
C ASP A 14 -20.76 -13.59 -9.48
N ILE A 15 -20.60 -14.89 -9.68
CA ILE A 15 -19.28 -15.48 -9.92
C ILE A 15 -19.37 -16.50 -11.05
N ARG A 16 -18.44 -16.40 -12.00
CA ARG A 16 -18.40 -17.33 -13.11
C ARG A 16 -17.01 -17.90 -13.27
N THR A 17 -16.88 -19.19 -13.00
CA THR A 17 -15.63 -19.89 -13.12
C THR A 17 -15.67 -20.86 -14.28
N GLU A 18 -14.73 -20.72 -15.20
CA GLU A 18 -14.68 -21.59 -16.36
C GLU A 18 -13.24 -21.97 -16.71
N GLU A 19 -13.11 -23.09 -17.42
CA GLU A 19 -11.81 -23.61 -17.86
C GLU A 19 -10.94 -24.02 -16.67
N ARG A 20 -11.32 -25.14 -16.05
CA ARG A 20 -10.59 -25.69 -14.89
C ARG A 20 -10.49 -24.67 -13.76
N ALA A 21 -11.52 -23.87 -13.58
CA ALA A 21 -11.55 -22.87 -12.54
C ALA A 21 -12.32 -23.40 -11.34
N ARG A 22 -11.93 -22.94 -10.15
CA ARG A 22 -12.57 -23.38 -8.92
C ARG A 22 -12.89 -22.19 -8.03
N VAL A 23 -14.01 -22.29 -7.31
CA VAL A 23 -14.43 -21.24 -6.40
C VAL A 23 -14.91 -21.84 -5.08
N GLN A 24 -14.32 -21.37 -3.99
CA GLN A 24 -14.68 -21.86 -2.66
C GLN A 24 -15.07 -20.68 -1.76
N LEU A 25 -16.21 -20.81 -1.09
CA LEU A 25 -16.70 -19.77 -0.21
C LEU A 25 -16.65 -20.22 1.24
N GLY A 26 -15.95 -19.49 2.08
CA GLY A 26 -15.85 -19.85 3.48
C GLY A 26 -14.49 -19.52 4.07
N ASN A 27 -14.21 -20.08 5.24
CA ASN A 27 -12.95 -19.84 5.92
C ASN A 27 -11.95 -20.95 5.60
N VAL A 28 -10.69 -20.57 5.46
CA VAL A 28 -9.63 -21.53 5.18
C VAL A 28 -8.58 -21.52 6.28
N VAL A 29 -8.69 -22.47 7.19
CA VAL A 29 -7.76 -22.59 8.29
C VAL A 29 -6.67 -23.60 7.96
N THR A 30 -5.43 -23.15 7.97
CA THR A 30 -4.31 -24.03 7.67
C THR A 30 -3.67 -24.54 8.96
N ALA A 31 -3.07 -25.73 8.90
CA ALA A 31 -2.43 -26.34 10.07
C ALA A 31 -1.24 -25.50 10.55
N ALA A 32 -0.83 -24.55 9.72
CA ALA A 32 0.28 -23.67 10.06
C ALA A 32 -0.19 -22.52 10.95
N ALA A 33 -1.46 -22.57 11.32
CA ALA A 33 -2.05 -21.56 12.17
C ALA A 33 -3.00 -22.21 13.17
N LEU A 34 -2.45 -23.13 13.97
CA LEU A 34 -3.22 -23.86 14.99
C LEU A 34 -4.20 -24.84 14.36
N HIS A 35 -5.20 -25.24 15.13
CA HIS A 35 -6.21 -26.17 14.67
C HIS A 35 -7.44 -25.40 14.15
N GLY A 36 -8.49 -26.13 13.81
CA GLY A 36 -9.69 -25.50 13.31
C GLY A 36 -10.52 -24.88 14.43
N GLY A 37 -9.94 -23.87 15.09
CA GLY A 37 -10.62 -23.19 16.17
C GLY A 37 -11.89 -22.51 15.70
N ILE A 38 -11.81 -21.86 14.54
CA ILE A 38 -12.94 -21.17 13.93
C ILE A 38 -13.31 -19.89 14.69
N ARG A 39 -13.51 -18.82 13.94
CA ARG A 39 -13.89 -17.52 14.50
C ARG A 39 -12.78 -16.96 15.40
N ILE A 40 -11.85 -16.23 14.80
CA ILE A 40 -10.75 -15.63 15.57
C ILE A 40 -10.91 -14.12 15.66
N SER A 41 -11.00 -13.44 14.52
CA SER A 41 -11.14 -12.00 14.51
C SER A 41 -12.46 -11.55 13.86
N ASP A 42 -12.45 -11.39 12.54
CA ASP A 42 -13.63 -10.95 11.78
C ASP A 42 -14.02 -9.53 12.18
N GLN A 43 -13.37 -8.55 11.57
CA GLN A 43 -13.64 -7.15 11.89
C GLN A 43 -13.90 -6.34 10.63
N THR A 44 -14.12 -7.03 9.52
CA THR A 44 -14.36 -6.35 8.25
C THR A 44 -15.35 -7.13 7.38
N THR A 45 -16.30 -6.39 6.80
CA THR A 45 -17.29 -6.98 5.93
C THR A 45 -16.75 -7.07 4.53
N ASN A 46 -16.61 -8.29 4.04
CA ASN A 46 -16.09 -8.53 2.70
C ASN A 46 -17.24 -8.80 1.74
N SER A 47 -17.35 -7.98 0.71
CA SER A 47 -18.42 -8.15 -0.25
C SER A 47 -17.91 -7.97 -1.67
N VAL A 48 -18.19 -8.94 -2.52
CA VAL A 48 -17.79 -8.89 -3.91
C VAL A 48 -19.03 -9.03 -4.79
N LYS A 49 -19.11 -8.21 -5.83
CA LYS A 49 -20.27 -8.23 -6.70
C LYS A 49 -20.09 -9.14 -7.91
N THR A 50 -19.05 -8.92 -8.70
CA THR A 50 -18.84 -9.72 -9.89
C THR A 50 -17.43 -10.29 -9.97
N VAL A 51 -17.34 -11.61 -10.18
CA VAL A 51 -16.06 -12.29 -10.31
C VAL A 51 -16.03 -13.14 -11.57
N VAL A 52 -14.99 -12.98 -12.37
CA VAL A 52 -14.83 -13.74 -13.60
C VAL A 52 -13.50 -14.48 -13.60
N GLY A 53 -13.56 -15.79 -13.77
CA GLY A 53 -12.35 -16.60 -13.80
C GLY A 53 -12.30 -17.51 -15.01
N LYS A 54 -11.30 -17.31 -15.85
CA LYS A 54 -11.15 -18.11 -17.06
C LYS A 54 -9.70 -18.57 -17.24
N GLY A 55 -9.49 -19.87 -17.18
CA GLY A 55 -8.16 -20.41 -17.37
C GLY A 55 -7.40 -20.65 -16.08
N GLU A 56 -7.72 -21.76 -15.41
CA GLU A 56 -7.05 -22.14 -14.15
C GLU A 56 -7.20 -21.09 -13.07
N SER A 57 -8.29 -20.35 -13.11
CA SER A 57 -8.53 -19.31 -12.12
C SER A 57 -9.02 -19.89 -10.80
N ARG A 58 -8.55 -19.31 -9.71
CA ARG A 58 -8.93 -19.75 -8.38
C ARG A 58 -9.61 -18.60 -7.66
N VAL A 59 -10.85 -18.82 -7.26
CA VAL A 59 -11.61 -17.81 -6.55
C VAL A 59 -11.90 -18.25 -5.12
N LEU A 60 -11.39 -17.48 -4.17
CA LEU A 60 -11.61 -17.79 -2.76
C LEU A 60 -12.36 -16.65 -2.08
N ILE A 61 -13.55 -16.97 -1.60
CA ILE A 61 -14.37 -15.98 -0.92
C ILE A 61 -14.38 -16.25 0.58
N GLY A 62 -13.49 -15.58 1.30
CA GLY A 62 -13.41 -15.77 2.72
C GLY A 62 -12.01 -15.50 3.24
N ASN A 63 -11.91 -15.25 4.54
CA ASN A 63 -10.63 -14.96 5.18
C ASN A 63 -9.83 -16.24 5.38
N GLU A 64 -8.51 -16.12 5.33
CA GLU A 64 -7.63 -17.26 5.49
C GLU A 64 -6.75 -17.11 6.73
N TYR A 65 -6.15 -18.23 7.15
CA TYR A 65 -5.28 -18.26 8.31
C TYR A 65 -4.07 -19.16 8.03
N GLY A 66 -2.92 -18.55 7.82
CA GLY A 66 -1.72 -19.31 7.55
C GLY A 66 -0.44 -18.50 7.67
N GLY A 67 0.64 -19.16 8.07
CA GLY A 67 1.91 -18.47 8.21
C GLY A 67 3.05 -19.19 7.51
N LYS A 68 2.71 -20.23 6.76
CA LYS A 68 3.70 -21.01 6.02
C LYS A 68 3.77 -20.55 4.57
N GLY A 69 2.77 -19.77 4.19
CA GLY A 69 2.70 -19.27 2.84
C GLY A 69 1.39 -18.55 2.61
N PHE A 70 1.41 -17.51 1.81
CA PHE A 70 0.20 -16.73 1.52
C PHE A 70 -0.66 -17.46 0.50
N TRP A 71 -1.66 -18.21 1.00
CA TRP A 71 -2.58 -18.98 0.17
C TRP A 71 -1.86 -20.14 -0.53
N ASP A 72 -1.02 -19.81 -1.50
CA ASP A 72 -0.26 -20.79 -2.27
C ASP A 72 0.84 -20.08 -3.06
N ASN A 73 2.04 -20.07 -2.51
CA ASN A 73 3.18 -19.42 -3.15
C ASN A 73 4.48 -19.90 -2.54
N HIS A 74 5.31 -20.52 -3.35
CA HIS A 74 6.60 -21.01 -2.91
C HIS A 74 7.72 -20.37 -3.73
N HIS A 75 8.44 -19.44 -3.12
CA HIS A 75 9.53 -18.76 -3.80
C HIS A 75 10.85 -19.06 -3.11
N HIS A 76 11.92 -19.20 -3.89
CA HIS A 76 13.23 -19.50 -3.34
C HIS A 76 14.35 -18.99 -4.24
N HIS A 77 14.04 -18.01 -5.08
CA HIS A 77 15.04 -17.47 -6.00
C HIS A 77 15.14 -15.95 -5.90
N HIS A 78 16.34 -15.45 -5.65
CA HIS A 78 16.56 -14.02 -5.54
C HIS A 78 16.40 -13.34 -6.90
N HIS A 79 16.05 -12.06 -6.91
CA HIS A 79 15.87 -11.32 -8.15
C HIS A 79 16.90 -10.19 -8.27
N ARG B 9 -14.19 -2.93 6.11
CA ARG B 9 -15.23 -3.07 5.06
C ARG B 9 -14.59 -3.00 3.68
N ASN B 10 -14.79 -4.04 2.89
CA ASN B 10 -14.23 -4.11 1.54
C ASN B 10 -15.35 -4.26 0.52
N SER B 11 -15.29 -3.48 -0.55
CA SER B 11 -16.29 -3.53 -1.59
C SER B 11 -15.66 -3.63 -2.97
N ALA B 12 -15.85 -4.78 -3.61
CA ALA B 12 -15.32 -5.01 -4.94
C ALA B 12 -16.47 -5.07 -5.94
N LYS B 13 -16.36 -4.32 -7.02
CA LYS B 13 -17.40 -4.29 -8.04
C LYS B 13 -17.25 -5.41 -9.06
N ASP B 14 -16.23 -5.34 -9.90
CA ASP B 14 -16.03 -6.36 -10.95
C ASP B 14 -14.56 -6.75 -11.06
N ILE B 15 -14.28 -8.03 -10.86
CA ILE B 15 -12.92 -8.52 -10.94
C ILE B 15 -12.75 -9.49 -12.10
N ARG B 16 -11.71 -9.27 -12.90
CA ARG B 16 -11.42 -10.12 -14.05
C ARG B 16 -10.09 -10.86 -13.84
N THR B 17 -10.17 -12.18 -13.68
CA THR B 17 -8.98 -12.98 -13.47
C THR B 17 -8.84 -14.05 -14.56
N GLU B 18 -7.81 -13.90 -15.39
CA GLU B 18 -7.59 -14.85 -16.48
C GLU B 18 -6.12 -15.29 -16.55
N GLU B 19 -5.91 -16.52 -17.04
CA GLU B 19 -4.58 -17.10 -17.21
C GLU B 19 -3.86 -17.37 -15.88
N ARG B 20 -4.21 -18.51 -15.26
CA ARG B 20 -3.59 -18.95 -14.00
C ARG B 20 -3.70 -17.88 -12.91
N ALA B 21 -4.67 -16.99 -13.06
CA ALA B 21 -4.86 -15.92 -12.10
C ALA B 21 -5.61 -16.41 -10.87
N ARG B 22 -5.40 -15.73 -9.75
CA ARG B 22 -6.04 -16.10 -8.50
C ARG B 22 -6.53 -14.85 -7.78
N VAL B 23 -7.73 -14.92 -7.22
CA VAL B 23 -8.29 -13.80 -6.49
C VAL B 23 -8.89 -14.26 -5.16
N GLN B 24 -8.53 -13.55 -4.10
CA GLN B 24 -9.01 -13.88 -2.77
C GLN B 24 -9.77 -12.71 -2.17
N LEU B 25 -10.95 -13.01 -1.65
CA LEU B 25 -11.80 -11.98 -1.04
C LEU B 25 -11.77 -12.10 0.49
N GLY B 26 -11.05 -11.20 1.15
CA GLY B 26 -10.98 -11.24 2.59
C GLY B 26 -9.63 -10.79 3.11
N ASN B 27 -9.49 -10.77 4.43
CA ASN B 27 -8.25 -10.34 5.05
C ASN B 27 -7.35 -11.54 5.33
N VAL B 28 -6.05 -11.33 5.25
CA VAL B 28 -5.08 -12.39 5.48
C VAL B 28 -4.52 -12.31 6.88
N VAL B 29 -4.50 -13.44 7.58
CA VAL B 29 -3.98 -13.50 8.94
C VAL B 29 -2.88 -14.55 9.04
N THR B 30 -1.65 -14.11 9.27
CA THR B 30 -0.54 -15.04 9.39
C THR B 30 -0.34 -15.50 10.83
N ALA B 31 0.53 -16.48 11.03
CA ALA B 31 0.81 -17.00 12.36
C ALA B 31 1.52 -15.98 13.22
N ALA B 32 1.97 -14.89 12.60
CA ALA B 32 2.66 -13.83 13.32
C ALA B 32 1.69 -13.01 14.15
N ALA B 33 0.40 -13.17 13.88
CA ALA B 33 -0.63 -12.44 14.60
C ALA B 33 -1.07 -13.19 15.86
N LEU B 34 -0.56 -14.41 16.02
CA LEU B 34 -0.88 -15.23 17.18
C LEU B 34 -0.42 -14.56 18.46
N HIS B 35 -1.39 -14.17 19.30
CA HIS B 35 -1.11 -13.49 20.56
C HIS B 35 -0.36 -12.19 20.32
N GLY B 36 -0.96 -11.32 19.52
CA GLY B 36 -0.37 -10.03 19.23
C GLY B 36 -1.39 -8.92 19.28
N GLY B 37 -1.69 -8.35 18.13
CA GLY B 37 -2.66 -7.29 18.06
C GLY B 37 -3.59 -7.48 16.88
N ILE B 38 -4.69 -6.73 16.85
CA ILE B 38 -5.66 -6.83 15.75
C ILE B 38 -6.36 -5.50 15.53
N ARG B 39 -7.00 -4.99 16.56
CA ARG B 39 -7.71 -3.72 16.44
C ARG B 39 -6.85 -2.58 16.96
N ILE B 40 -6.35 -1.76 16.04
CA ILE B 40 -5.50 -0.63 16.38
C ILE B 40 -5.90 0.59 15.56
N SER B 41 -7.14 1.03 15.76
CA SER B 41 -7.69 2.19 15.06
C SER B 41 -7.86 1.91 13.57
N ASP B 42 -8.09 0.65 13.23
CA ASP B 42 -8.28 0.22 11.85
C ASP B 42 -9.71 0.50 11.38
N GLN B 43 -9.98 1.75 11.03
CA GLN B 43 -11.30 2.14 10.55
C GLN B 43 -11.20 2.79 9.17
N THR B 44 -11.21 1.96 8.14
CA THR B 44 -11.13 2.44 6.77
C THR B 44 -12.11 1.66 5.89
N THR B 45 -12.19 2.04 4.62
CA THR B 45 -13.08 1.39 3.68
C THR B 45 -12.40 1.25 2.33
N ASN B 46 -12.13 0.02 1.93
CA ASN B 46 -11.47 -0.25 0.67
C ASN B 46 -12.47 -0.68 -0.39
N SER B 47 -12.54 0.07 -1.48
CA SER B 47 -13.47 -0.25 -2.55
C SER B 47 -12.76 -0.16 -3.91
N VAL B 48 -13.03 -1.12 -4.77
CA VAL B 48 -12.42 -1.15 -6.10
C VAL B 48 -13.46 -1.53 -7.15
N LYS B 49 -13.42 -0.85 -8.30
CA LYS B 49 -14.38 -1.11 -9.37
C LYS B 49 -13.94 -2.25 -10.28
N THR B 50 -13.06 -1.96 -11.23
CA THR B 50 -12.63 -2.97 -12.19
C THR B 50 -11.16 -3.35 -12.01
N VAL B 51 -10.92 -4.64 -11.76
CA VAL B 51 -9.57 -5.16 -11.61
C VAL B 51 -9.29 -6.17 -12.72
N VAL B 52 -8.50 -5.75 -13.69
CA VAL B 52 -8.15 -6.63 -14.79
C VAL B 52 -6.79 -7.28 -14.58
N GLY B 53 -6.79 -8.59 -14.38
CA GLY B 53 -5.57 -9.30 -14.15
C GLY B 53 -5.35 -10.42 -15.15
N LYS B 54 -4.15 -10.51 -15.69
CA LYS B 54 -3.82 -11.54 -16.66
C LYS B 54 -2.37 -11.99 -16.48
N GLY B 55 -2.15 -13.29 -16.63
CA GLY B 55 -0.81 -13.82 -16.50
C GLY B 55 -0.40 -13.97 -15.04
N GLU B 56 -1.04 -14.92 -14.35
CA GLU B 56 -0.77 -15.19 -12.94
C GLU B 56 -1.02 -13.98 -12.07
N SER B 57 -2.11 -13.28 -12.34
CA SER B 57 -2.47 -12.10 -11.56
C SER B 57 -2.88 -12.51 -10.15
N ARG B 58 -2.42 -11.76 -9.18
CA ARG B 58 -2.73 -12.03 -7.78
C ARG B 58 -3.55 -10.88 -7.21
N VAL B 59 -4.85 -11.08 -7.09
CA VAL B 59 -5.75 -10.05 -6.58
C VAL B 59 -6.12 -10.35 -5.12
N LEU B 60 -5.83 -9.39 -4.25
CA LEU B 60 -6.13 -9.53 -2.83
C LEU B 60 -7.07 -8.42 -2.38
N ILE B 61 -8.27 -8.80 -1.97
CA ILE B 61 -9.26 -7.83 -1.51
C ILE B 61 -9.37 -7.85 0.01
N GLY B 62 -8.47 -7.14 0.68
CA GLY B 62 -8.49 -7.09 2.12
C GLY B 62 -7.15 -6.70 2.70
N ASN B 63 -7.10 -6.52 4.01
CA ASN B 63 -5.87 -6.15 4.68
C ASN B 63 -5.10 -7.39 5.11
N GLU B 64 -3.84 -7.22 5.44
CA GLU B 64 -3.02 -8.34 5.88
C GLU B 64 -2.38 -8.02 7.22
N TYR B 65 -1.86 -9.06 7.86
CA TYR B 65 -1.19 -8.92 9.14
C TYR B 65 -0.03 -9.90 9.19
N GLY B 66 1.07 -9.53 8.54
CA GLY B 66 2.23 -10.38 8.51
C GLY B 66 3.41 -9.81 9.27
N GLY B 67 4.52 -9.65 8.57
CA GLY B 67 5.72 -9.12 9.18
C GLY B 67 6.96 -9.58 8.43
N LYS B 68 7.18 -10.89 8.38
CA LYS B 68 8.33 -11.44 7.67
C LYS B 68 7.96 -11.58 6.20
N GLY B 69 7.93 -10.46 5.52
CA GLY B 69 7.57 -10.44 4.12
C GLY B 69 6.26 -9.71 3.93
N PHE B 70 6.26 -8.65 3.14
CA PHE B 70 5.05 -7.88 2.92
C PHE B 70 4.19 -8.49 1.83
N TRP B 71 3.45 -9.54 2.21
CA TRP B 71 2.54 -10.25 1.32
C TRP B 71 3.29 -11.10 0.28
N ASP B 72 4.28 -10.49 -0.38
CA ASP B 72 5.06 -11.19 -1.40
C ASP B 72 6.55 -11.06 -1.10
N ASN B 73 7.37 -11.57 -2.01
CA ASN B 73 8.81 -11.51 -1.85
C ASN B 73 9.39 -10.28 -2.54
N HIS B 74 10.23 -9.55 -1.81
CA HIS B 74 10.88 -8.37 -2.32
C HIS B 74 12.07 -7.98 -1.44
N HIS B 75 13.23 -8.49 -1.78
CA HIS B 75 14.45 -8.20 -1.02
C HIS B 75 15.55 -7.77 -1.98
N HIS B 76 16.19 -6.66 -1.68
CA HIS B 76 17.26 -6.15 -2.53
C HIS B 76 18.33 -5.45 -1.70
N HIS B 77 19.29 -4.81 -2.39
CA HIS B 77 20.38 -4.12 -1.72
C HIS B 77 20.27 -2.63 -1.92
N HIS B 78 20.41 -1.90 -0.82
CA HIS B 78 20.32 -0.44 -0.83
C HIS B 78 21.67 0.20 -1.14
N HIS B 79 21.70 1.53 -1.11
CA HIS B 79 22.92 2.27 -1.37
C HIS B 79 23.42 2.94 -0.09
N ARG C 9 -11.19 6.62 3.64
CA ARG C 9 -11.43 5.43 2.79
C ARG C 9 -10.43 5.36 1.66
N ASN C 10 -10.36 4.20 1.01
CA ASN C 10 -9.46 3.97 -0.11
C ASN C 10 -10.25 3.47 -1.30
N SER C 11 -10.49 4.34 -2.26
CA SER C 11 -11.26 3.97 -3.43
C SER C 11 -10.40 3.87 -4.69
N ALA C 12 -10.59 2.80 -5.43
CA ALA C 12 -9.84 2.56 -6.66
C ALA C 12 -10.83 2.22 -7.77
N LYS C 13 -10.81 2.99 -8.84
CA LYS C 13 -11.74 2.75 -9.94
C LYS C 13 -11.26 1.66 -10.90
N ASP C 14 -10.36 2.01 -11.80
CA ASP C 14 -9.87 1.04 -12.78
C ASP C 14 -8.41 0.65 -12.52
N ILE C 15 -8.18 -0.63 -12.33
CA ILE C 15 -6.85 -1.16 -12.07
C ILE C 15 -6.52 -2.29 -13.05
N ARG C 16 -5.30 -2.29 -13.56
CA ARG C 16 -4.87 -3.34 -14.47
C ARG C 16 -3.55 -3.93 -13.99
N THR C 17 -3.54 -5.21 -13.70
CA THR C 17 -2.35 -5.89 -13.24
C THR C 17 -2.09 -7.14 -14.08
N GLU C 18 -1.27 -6.99 -15.11
CA GLU C 18 -0.96 -8.09 -15.99
C GLU C 18 0.53 -8.40 -16.00
N GLU C 19 0.86 -9.63 -16.41
CA GLU C 19 2.24 -10.10 -16.50
C GLU C 19 2.89 -10.18 -15.12
N ARG C 20 2.48 -11.19 -14.35
CA ARG C 20 3.01 -11.42 -13.00
C ARG C 20 2.79 -10.21 -12.10
N ALA C 21 1.66 -9.57 -12.27
CA ALA C 21 1.34 -8.41 -11.47
C ALA C 21 0.39 -8.77 -10.36
N ARG C 22 0.38 -7.98 -9.30
CA ARG C 22 -0.47 -8.24 -8.15
C ARG C 22 -0.95 -6.94 -7.53
N VAL C 23 -2.12 -6.97 -6.93
CA VAL C 23 -2.69 -5.79 -6.30
C VAL C 23 -3.43 -6.16 -5.01
N GLN C 24 -3.15 -5.43 -3.95
CA GLN C 24 -3.79 -5.67 -2.66
C GLN C 24 -4.64 -4.46 -2.27
N LEU C 25 -5.90 -4.71 -1.95
CA LEU C 25 -6.81 -3.66 -1.57
C LEU C 25 -7.00 -3.67 -0.05
N GLY C 26 -6.14 -2.95 0.66
CA GLY C 26 -6.26 -2.91 2.11
C GLY C 26 -5.01 -2.35 2.76
N ASN C 27 -5.09 -2.11 4.06
CA ASN C 27 -3.96 -1.58 4.81
C ASN C 27 -3.03 -2.71 5.24
N VAL C 28 -1.75 -2.38 5.41
CA VAL C 28 -0.76 -3.37 5.80
C VAL C 28 -0.30 -3.15 7.24
N VAL C 29 -0.55 -4.13 8.10
CA VAL C 29 -0.15 -4.03 9.48
C VAL C 29 0.79 -5.17 9.85
N THR C 30 2.04 -4.82 10.09
CA THR C 30 3.04 -5.82 10.44
C THR C 30 2.98 -6.16 11.93
N ALA C 31 3.54 -7.30 12.30
CA ALA C 31 3.55 -7.76 13.69
C ALA C 31 4.40 -6.84 14.57
N ALA C 32 5.06 -5.87 13.96
CA ALA C 32 5.89 -4.92 14.70
C ALA C 32 5.03 -3.79 15.24
N ALA C 33 3.83 -3.67 14.68
CA ALA C 33 2.89 -2.64 15.10
C ALA C 33 1.86 -3.20 16.05
N LEU C 34 2.12 -3.06 17.34
CA LEU C 34 1.21 -3.55 18.37
C LEU C 34 0.73 -2.38 19.22
N HIS C 35 0.82 -1.18 18.66
CA HIS C 35 0.40 0.03 19.34
C HIS C 35 -0.83 0.60 18.67
N GLY C 36 -1.72 1.16 19.47
CA GLY C 36 -2.93 1.74 18.95
C GLY C 36 -4.15 1.39 19.77
N GLY C 37 -4.98 2.36 20.06
CA GLY C 37 -6.19 2.13 20.83
C GLY C 37 -7.43 2.29 19.98
N ILE C 38 -8.58 1.93 20.54
CA ILE C 38 -9.82 2.05 19.79
C ILE C 38 -10.39 3.45 19.99
N ARG C 39 -10.47 4.21 18.90
CA ARG C 39 -10.98 5.57 18.95
C ARG C 39 -11.41 6.01 17.56
N ILE C 40 -12.39 6.88 17.50
CA ILE C 40 -12.87 7.40 16.22
C ILE C 40 -12.20 8.72 15.90
N SER C 41 -11.68 8.83 14.69
CA SER C 41 -11.02 10.04 14.24
C SER C 41 -11.10 10.14 12.72
N ASP C 42 -10.74 11.29 12.17
CA ASP C 42 -10.77 11.48 10.74
C ASP C 42 -9.41 11.18 10.15
N GLN C 43 -9.40 10.37 9.12
CA GLN C 43 -8.16 9.99 8.46
C GLN C 43 -8.17 10.51 7.03
N THR C 44 -7.02 10.92 6.52
CA THR C 44 -6.91 11.43 5.16
C THR C 44 -7.47 10.43 4.15
N THR C 45 -8.24 10.94 3.20
CA THR C 45 -8.84 10.09 2.19
C THR C 45 -8.00 10.09 0.91
N ASN C 46 -7.87 8.93 0.30
CA ASN C 46 -7.10 8.76 -0.92
C ASN C 46 -7.90 7.92 -1.92
N SER C 47 -7.84 8.30 -3.19
CA SER C 47 -8.56 7.59 -4.24
C SER C 47 -7.86 7.77 -5.57
N VAL C 48 -7.79 6.69 -6.36
CA VAL C 48 -7.14 6.74 -7.66
C VAL C 48 -8.14 6.36 -8.76
N LYS C 49 -7.98 6.96 -9.93
CA LYS C 49 -8.87 6.69 -11.06
C LYS C 49 -8.44 5.48 -11.85
N THR C 50 -7.22 5.49 -12.39
CA THR C 50 -6.75 4.37 -13.18
C THR C 50 -5.27 4.06 -12.93
N VAL C 51 -4.98 2.80 -12.63
CA VAL C 51 -3.62 2.34 -12.39
C VAL C 51 -3.29 1.20 -13.34
N VAL C 52 -2.30 1.42 -14.19
CA VAL C 52 -1.89 0.40 -15.15
C VAL C 52 -0.52 -0.16 -14.79
N GLY C 53 -0.50 -1.41 -14.35
CA GLY C 53 0.74 -2.04 -14.00
C GLY C 53 1.12 -3.13 -14.99
N LYS C 54 2.40 -3.20 -15.33
CA LYS C 54 2.87 -4.19 -16.29
C LYS C 54 4.28 -4.65 -15.97
N GLY C 55 4.45 -5.96 -15.84
CA GLY C 55 5.76 -6.52 -15.56
C GLY C 55 6.11 -6.52 -14.09
N GLU C 56 5.64 -7.55 -13.36
CA GLU C 56 5.91 -7.69 -11.93
C GLU C 56 5.39 -6.50 -11.13
N SER C 57 4.39 -5.82 -11.70
CA SER C 57 3.79 -4.67 -11.07
C SER C 57 3.10 -5.05 -9.76
N ARG C 58 3.31 -4.22 -8.75
CA ARG C 58 2.71 -4.46 -7.44
C ARG C 58 1.98 -3.20 -6.98
N VAL C 59 0.66 -3.28 -6.95
CA VAL C 59 -0.17 -2.16 -6.54
C VAL C 59 -0.64 -2.32 -5.10
N LEU C 60 -0.54 -1.25 -4.33
CA LEU C 60 -0.96 -1.29 -2.93
C LEU C 60 -1.91 -0.13 -2.64
N ILE C 61 -3.17 -0.46 -2.39
CA ILE C 61 -4.16 0.57 -2.10
C ILE C 61 -4.49 0.58 -0.62
N GLY C 62 -3.83 1.46 0.12
CA GLY C 62 -4.04 1.57 1.55
C GLY C 62 -2.83 2.16 2.24
N ASN C 63 -2.82 2.14 3.56
CA ASN C 63 -1.71 2.69 4.32
C ASN C 63 -0.92 1.55 4.95
N GLU C 64 0.38 1.73 5.09
CA GLU C 64 1.24 0.72 5.69
C GLU C 64 1.68 1.13 7.10
N TYR C 65 1.76 0.15 7.98
CA TYR C 65 2.18 0.37 9.35
C TYR C 65 3.27 -0.63 9.72
N GLY C 66 4.51 -0.15 9.76
CA GLY C 66 5.63 -1.00 10.09
C GLY C 66 6.92 -0.24 10.23
N GLY C 67 7.98 -0.92 10.61
CA GLY C 67 9.26 -0.28 10.78
C GLY C 67 10.27 -0.69 9.73
N LYS C 68 9.91 -1.70 8.94
CA LYS C 68 10.78 -2.21 7.87
C LYS C 68 10.72 -1.31 6.64
N GLY C 69 11.16 -0.08 6.80
CA GLY C 69 11.15 0.86 5.70
C GLY C 69 9.77 1.43 5.45
N PHE C 70 8.99 0.69 4.66
CA PHE C 70 7.62 1.09 4.31
C PHE C 70 6.91 -0.08 3.65
N TRP C 71 7.54 -0.66 2.63
CA TRP C 71 6.97 -1.80 1.91
C TRP C 71 8.11 -2.72 1.50
N ASP C 72 8.94 -2.25 0.59
CA ASP C 72 10.09 -3.02 0.14
C ASP C 72 11.37 -2.43 0.71
N ASN C 73 12.44 -3.19 0.63
CA ASN C 73 13.74 -2.76 1.15
C ASN C 73 14.75 -2.58 0.02
N HIS C 74 14.36 -1.85 -1.01
CA HIS C 74 15.24 -1.61 -2.15
C HIS C 74 16.26 -0.52 -1.86
N HIS C 75 15.79 0.64 -1.42
CA HIS C 75 16.70 1.76 -1.15
C HIS C 75 16.49 2.31 0.25
N HIS C 76 17.38 3.23 0.65
CA HIS C 76 17.35 3.86 1.97
C HIS C 76 17.66 2.84 3.08
N HIS C 77 17.79 3.33 4.30
CA HIS C 77 18.08 2.47 5.45
C HIS C 77 18.13 3.30 6.73
N HIS C 78 18.88 2.82 7.70
CA HIS C 78 19.03 3.48 8.98
C HIS C 78 19.96 4.68 8.87
N HIS C 79 19.82 5.60 9.80
CA HIS C 79 20.63 6.79 9.84
C HIS C 79 21.86 6.55 10.70
N ARG D 9 -6.98 13.73 1.43
CA ARG D 9 -7.13 14.70 0.32
C ARG D 9 -6.14 14.39 -0.79
N ASN D 10 -5.72 13.14 -0.86
CA ASN D 10 -4.79 12.71 -1.89
C ASN D 10 -5.55 12.04 -3.00
N SER D 11 -5.18 12.31 -4.24
CA SER D 11 -5.86 11.73 -5.38
C SER D 11 -4.94 11.65 -6.59
N ALA D 12 -5.15 10.64 -7.41
CA ALA D 12 -4.36 10.46 -8.61
C ALA D 12 -5.25 10.01 -9.75
N LYS D 13 -5.09 10.63 -10.92
CA LYS D 13 -5.91 10.28 -12.06
C LYS D 13 -5.32 9.10 -12.83
N ASP D 14 -4.14 9.30 -13.41
CA ASP D 14 -3.49 8.25 -14.18
C ASP D 14 -2.14 7.87 -13.61
N ILE D 15 -1.98 6.59 -13.33
CA ILE D 15 -0.72 6.07 -12.80
C ILE D 15 -0.31 4.84 -13.60
N ARG D 16 0.87 4.88 -14.18
CA ARG D 16 1.38 3.77 -14.97
C ARG D 16 2.70 3.27 -14.40
N THR D 17 2.73 2.01 -14.00
CA THR D 17 3.92 1.41 -13.43
C THR D 17 4.38 0.23 -14.27
N GLU D 18 5.56 0.35 -14.86
CA GLU D 18 6.09 -0.71 -15.70
C GLU D 18 7.45 -1.21 -15.22
N GLU D 19 7.65 -2.53 -15.30
CA GLU D 19 8.91 -3.18 -14.94
C GLU D 19 9.30 -3.02 -13.45
N ARG D 20 8.84 -3.96 -12.62
CA ARG D 20 9.14 -3.99 -11.18
C ARG D 20 8.61 -2.77 -10.44
N ALA D 21 7.91 -1.91 -11.15
CA ALA D 21 7.38 -0.69 -10.55
C ALA D 21 6.22 -1.00 -9.62
N ARG D 22 6.16 -0.26 -8.52
CA ARG D 22 5.11 -0.43 -7.54
C ARG D 22 4.56 0.93 -7.15
N VAL D 23 3.29 0.96 -6.79
CA VAL D 23 2.63 2.21 -6.42
C VAL D 23 1.77 2.02 -5.17
N GLN D 24 1.85 2.99 -4.27
CA GLN D 24 1.09 2.97 -3.02
C GLN D 24 0.09 4.13 -2.99
N LEU D 25 -1.10 3.85 -2.48
CA LEU D 25 -2.16 4.86 -2.37
C LEU D 25 -2.62 4.99 -0.92
N GLY D 26 -1.82 5.65 -0.09
CA GLY D 26 -2.18 5.80 1.31
C GLY D 26 -1.26 6.76 2.06
N ASN D 27 -0.91 6.39 3.28
CA ASN D 27 -0.03 7.20 4.12
C ASN D 27 0.94 6.30 4.87
N VAL D 28 2.22 6.68 4.84
CA VAL D 28 3.26 5.89 5.47
C VAL D 28 3.33 6.13 6.98
N VAL D 29 3.01 5.09 7.74
CA VAL D 29 3.05 5.17 9.19
C VAL D 29 4.08 4.18 9.73
N THR D 30 5.21 4.68 10.18
CA THR D 30 6.26 3.83 10.68
C THR D 30 6.00 3.42 12.13
N ALA D 31 6.62 2.33 12.57
CA ALA D 31 6.45 1.82 13.92
C ALA D 31 7.11 2.75 14.95
N ALA D 32 7.73 3.82 14.45
CA ALA D 32 8.40 4.79 15.30
C ALA D 32 7.39 5.82 15.79
N ALA D 33 6.20 5.79 15.22
CA ALA D 33 5.14 6.72 15.58
C ALA D 33 4.15 6.07 16.54
N LEU D 34 4.12 6.58 17.76
CA LEU D 34 3.22 6.07 18.79
C LEU D 34 2.17 7.12 19.11
N HIS D 35 1.44 6.95 20.20
CA HIS D 35 0.41 7.90 20.60
C HIS D 35 1.03 9.26 20.91
N GLY D 36 0.48 10.30 20.33
CA GLY D 36 0.99 11.64 20.55
C GLY D 36 1.15 12.42 19.26
N GLY D 37 0.08 12.44 18.47
CA GLY D 37 0.13 13.15 17.21
C GLY D 37 0.08 12.23 16.02
N ILE D 38 -0.35 10.98 16.23
CA ILE D 38 -0.43 10.01 15.15
C ILE D 38 -1.60 10.30 14.21
N ARG D 39 -2.54 11.11 14.67
CA ARG D 39 -3.70 11.44 13.86
C ARG D 39 -3.59 12.85 13.30
N ILE D 40 -2.97 12.97 12.14
CA ILE D 40 -2.82 14.25 11.48
C ILE D 40 -4.08 14.59 10.70
N SER D 41 -4.97 13.60 10.59
CA SER D 41 -6.23 13.76 9.88
C SER D 41 -6.00 14.12 8.41
N ASP D 42 -6.73 15.11 7.91
CA ASP D 42 -6.59 15.54 6.53
C ASP D 42 -6.23 17.02 6.50
N GLN D 43 -5.29 17.40 5.66
CA GLN D 43 -4.88 18.81 5.60
C GLN D 43 -4.67 19.29 4.17
N THR D 44 -3.49 19.01 3.63
CA THR D 44 -3.16 19.46 2.28
C THR D 44 -3.78 18.54 1.22
N THR D 45 -3.97 19.09 0.03
CA THR D 45 -4.53 18.34 -1.07
C THR D 45 -3.47 18.10 -2.13
N ASN D 46 -3.20 16.83 -2.40
CA ASN D 46 -2.20 16.46 -3.40
C ASN D 46 -2.86 15.61 -4.47
N SER D 47 -3.05 16.19 -5.64
CA SER D 47 -3.67 15.50 -6.75
C SER D 47 -2.80 15.61 -8.00
N VAL D 48 -2.58 14.47 -8.66
CA VAL D 48 -1.77 14.44 -9.86
C VAL D 48 -2.58 13.92 -11.04
N LYS D 49 -2.31 14.46 -12.22
CA LYS D 49 -3.02 14.06 -13.42
C LYS D 49 -2.42 12.79 -14.04
N THR D 50 -1.11 12.77 -14.26
CA THR D 50 -0.48 11.61 -14.87
C THR D 50 0.91 11.32 -14.27
N VAL D 51 1.06 10.11 -13.75
CA VAL D 51 2.32 9.65 -13.19
C VAL D 51 2.76 8.39 -13.91
N VAL D 52 3.94 8.42 -14.49
CA VAL D 52 4.45 7.27 -15.22
C VAL D 52 5.79 6.81 -14.65
N GLY D 53 5.85 5.56 -14.25
CA GLY D 53 7.06 5.00 -13.71
C GLY D 53 7.53 3.82 -14.52
N LYS D 54 8.81 3.76 -14.84
CA LYS D 54 9.34 2.68 -15.65
C LYS D 54 10.69 2.19 -15.12
N GLY D 55 10.71 0.94 -14.65
CA GLY D 55 11.95 0.36 -14.16
C GLY D 55 12.23 0.67 -12.69
N GLU D 56 11.80 -0.22 -11.80
CA GLU D 56 12.00 -0.07 -10.36
C GLU D 56 11.46 1.26 -9.85
N SER D 57 10.39 1.72 -10.47
CA SER D 57 9.77 2.98 -10.09
C SER D 57 8.99 2.84 -8.79
N ARG D 58 9.02 3.88 -7.99
CA ARG D 58 8.33 3.89 -6.72
C ARG D 58 7.42 5.12 -6.62
N VAL D 59 6.12 4.91 -6.80
CA VAL D 59 5.16 6.01 -6.74
C VAL D 59 4.49 6.03 -5.37
N LEU D 60 4.68 7.13 -4.64
CA LEU D 60 4.11 7.30 -3.31
C LEU D 60 3.08 8.42 -3.31
N ILE D 61 1.81 8.06 -3.25
CA ILE D 61 0.75 9.06 -3.22
C ILE D 61 0.22 9.20 -1.81
N GLY D 62 0.86 10.06 -1.03
CA GLY D 62 0.44 10.28 0.34
C GLY D 62 1.51 10.93 1.17
N ASN D 63 1.28 11.00 2.47
CA ASN D 63 2.23 11.63 3.39
C ASN D 63 2.82 10.58 4.32
N GLU D 64 3.93 10.91 4.96
CA GLU D 64 4.59 9.99 5.87
C GLU D 64 4.71 10.60 7.26
N TYR D 65 4.55 9.76 8.27
CA TYR D 65 4.65 10.21 9.65
C TYR D 65 5.48 9.23 10.46
N GLY D 66 6.62 9.69 10.96
CA GLY D 66 7.46 8.84 11.76
C GLY D 66 8.92 9.25 11.69
N GLY D 67 9.73 8.72 12.58
CA GLY D 67 11.14 9.04 12.60
C GLY D 67 11.94 8.19 11.64
N LYS D 68 11.77 8.45 10.36
CA LYS D 68 12.50 7.70 9.34
C LYS D 68 13.41 8.63 8.54
N GLY D 69 13.31 9.92 8.83
CA GLY D 69 14.11 10.91 8.14
C GLY D 69 13.55 11.24 6.77
N PHE D 70 13.34 10.22 5.95
CA PHE D 70 12.80 10.39 4.62
C PHE D 70 12.29 9.05 4.09
N TRP D 71 11.21 9.10 3.31
CA TRP D 71 10.62 7.90 2.73
C TRP D 71 11.61 7.17 1.83
N ASP D 72 12.04 7.83 0.76
CA ASP D 72 12.99 7.24 -0.17
C ASP D 72 13.92 8.31 -0.73
N ASN D 73 15.20 8.19 -0.41
CA ASN D 73 16.19 9.15 -0.86
C ASN D 73 17.48 8.41 -1.18
N HIS D 74 18.35 9.03 -1.94
CA HIS D 74 19.61 8.41 -2.32
C HIS D 74 20.64 8.57 -1.20
N HIS D 75 20.83 9.79 -0.74
CA HIS D 75 21.80 10.07 0.32
C HIS D 75 21.45 11.35 1.04
N HIS D 76 22.30 11.76 1.96
CA HIS D 76 22.08 12.99 2.73
C HIS D 76 22.75 14.17 2.02
N HIS D 77 23.15 15.18 2.80
CA HIS D 77 23.79 16.35 2.23
C HIS D 77 25.13 15.98 1.60
N HIS D 78 25.24 16.24 0.30
CA HIS D 78 26.46 15.94 -0.43
C HIS D 78 27.13 17.22 -0.90
N HIS D 79 28.43 17.16 -1.10
CA HIS D 79 29.19 18.32 -1.55
C HIS D 79 29.71 18.08 -2.97
N ARG E 9 -1.75 24.11 -0.89
CA ARG E 9 -1.96 22.77 -1.49
C ARG E 9 -0.88 22.48 -2.52
N ASN E 10 -0.81 21.24 -2.98
CA ASN E 10 0.20 20.85 -3.96
C ASN E 10 -0.44 20.09 -5.13
N SER E 11 -0.27 20.62 -6.33
CA SER E 11 -0.83 20.00 -7.51
C SER E 11 0.26 19.60 -8.50
N ALA E 12 0.08 18.46 -9.14
CA ALA E 12 1.04 17.97 -10.11
C ALA E 12 0.32 17.53 -11.38
N LYS E 13 0.82 17.94 -12.53
CA LYS E 13 0.20 17.58 -13.78
C LYS E 13 0.80 16.28 -14.35
N ASP E 14 1.98 16.37 -14.94
CA ASP E 14 2.63 15.19 -15.51
C ASP E 14 3.99 14.93 -14.87
N ILE E 15 4.17 13.71 -14.39
CA ILE E 15 5.42 13.31 -13.77
C ILE E 15 5.88 11.96 -14.31
N ARG E 16 7.09 11.93 -14.83
CA ARG E 16 7.63 10.70 -15.38
C ARG E 16 8.94 10.35 -14.68
N THR E 17 8.88 9.29 -13.89
CA THR E 17 10.03 8.81 -13.14
C THR E 17 10.47 7.45 -13.66
N GLU E 18 11.47 7.43 -14.53
CA GLU E 18 11.94 6.19 -15.11
C GLU E 18 13.40 5.90 -14.73
N GLU E 19 13.73 4.60 -14.70
CA GLU E 19 15.05 4.10 -14.39
C GLU E 19 15.43 4.42 -12.93
N ARG E 20 14.94 3.58 -12.03
CA ARG E 20 15.19 3.72 -10.59
C ARG E 20 14.88 5.13 -10.12
N ALA E 21 13.62 5.50 -10.22
CA ALA E 21 13.19 6.82 -9.82
C ALA E 21 11.99 6.71 -8.89
N ARG E 22 11.80 7.72 -8.06
CA ARG E 22 10.71 7.73 -7.10
C ARG E 22 10.02 9.09 -7.07
N VAL E 23 8.74 9.08 -6.78
CA VAL E 23 7.95 10.31 -6.70
C VAL E 23 7.01 10.25 -5.49
N GLN E 24 7.07 11.28 -4.67
CA GLN E 24 6.23 11.35 -3.47
C GLN E 24 5.36 12.59 -3.50
N LEU E 25 4.06 12.39 -3.30
CA LEU E 25 3.11 13.48 -3.30
C LEU E 25 2.45 13.63 -1.92
N GLY E 26 3.03 14.47 -1.09
CA GLY E 26 2.49 14.68 0.24
C GLY E 26 3.44 15.42 1.14
N ASN E 27 3.17 15.40 2.44
CA ASN E 27 4.02 16.08 3.40
C ASN E 27 4.90 15.08 4.15
N VAL E 28 6.07 15.55 4.57
CA VAL E 28 7.00 14.70 5.30
C VAL E 28 7.14 15.20 6.74
N VAL E 29 6.63 14.43 7.68
CA VAL E 29 6.71 14.81 9.10
C VAL E 29 7.41 13.73 9.90
N THR E 30 8.61 14.05 10.40
CA THR E 30 9.38 13.11 11.18
C THR E 30 8.81 12.98 12.60
N ALA E 31 9.44 12.13 13.42
CA ALA E 31 9.00 11.86 14.79
C ALA E 31 9.11 13.09 15.70
N ALA E 32 9.72 14.15 15.20
CA ALA E 32 9.85 15.38 15.96
C ALA E 32 8.48 16.00 16.18
N ALA E 33 7.59 15.79 15.21
CA ALA E 33 6.22 16.30 15.23
C ALA E 33 6.18 17.82 15.33
N LEU E 34 4.98 18.36 15.49
CA LEU E 34 4.80 19.79 15.61
C LEU E 34 4.89 20.20 17.07
N HIS E 35 5.81 21.10 17.37
CA HIS E 35 6.01 21.58 18.74
C HIS E 35 4.76 22.30 19.25
N GLY E 36 4.01 22.89 18.33
CA GLY E 36 2.81 23.60 18.68
C GLY E 36 1.96 23.85 17.46
N GLY E 37 0.96 24.71 17.58
CA GLY E 37 0.10 25.00 16.46
C GLY E 37 -1.04 24.02 16.34
N ILE E 38 -2.17 24.33 16.94
CA ILE E 38 -3.33 23.48 16.91
C ILE E 38 -4.06 23.63 15.56
N ARG E 39 -3.99 24.83 15.00
CA ARG E 39 -4.63 25.11 13.73
C ARG E 39 -3.73 24.70 12.56
N ILE E 40 -3.78 23.43 12.21
CA ILE E 40 -2.99 22.92 11.10
C ILE E 40 -3.69 23.20 9.78
N SER E 41 -3.14 24.11 9.00
CA SER E 41 -3.71 24.48 7.71
C SER E 41 -2.60 24.75 6.71
N ASP E 42 -2.80 24.32 5.46
CA ASP E 42 -1.80 24.53 4.43
C ASP E 42 -1.92 25.94 3.85
N GLN E 43 -0.80 26.63 3.76
CA GLN E 43 -0.78 27.99 3.24
C GLN E 43 -0.13 28.03 1.87
N THR E 44 1.07 27.47 1.77
CA THR E 44 1.81 27.45 0.52
C THR E 44 1.13 26.55 -0.50
N THR E 45 1.01 27.06 -1.72
CA THR E 45 0.40 26.31 -2.80
C THR E 45 1.38 26.17 -3.95
N ASN E 46 1.81 24.95 -4.19
CA ASN E 46 2.76 24.67 -5.24
C ASN E 46 2.12 23.79 -6.31
N SER E 47 2.45 24.06 -7.54
CA SER E 47 1.93 23.28 -8.65
C SER E 47 3.00 23.11 -9.70
N VAL E 48 3.16 21.89 -10.19
CA VAL E 48 4.16 21.63 -11.20
C VAL E 48 3.49 21.11 -12.48
N LYS E 49 3.97 21.59 -13.62
CA LYS E 49 3.40 21.19 -14.90
C LYS E 49 3.99 19.88 -15.41
N THR E 50 5.30 19.85 -15.63
CA THR E 50 5.94 18.66 -16.16
C THR E 50 7.24 18.32 -15.43
N VAL E 51 7.31 17.11 -14.90
CA VAL E 51 8.50 16.63 -14.22
C VAL E 51 9.03 15.39 -14.93
N VAL E 52 10.18 15.52 -15.56
CA VAL E 52 10.78 14.40 -16.29
C VAL E 52 12.10 13.97 -15.64
N GLY E 53 12.08 12.80 -15.03
CA GLY E 53 13.28 12.28 -14.39
C GLY E 53 13.77 11.01 -15.04
N LYS E 54 14.96 11.05 -15.60
CA LYS E 54 15.53 9.88 -16.26
C LYS E 54 16.84 9.44 -15.61
N GLY E 55 16.82 8.26 -15.02
CA GLY E 55 18.01 7.74 -14.38
C GLY E 55 18.26 8.33 -13.01
N GLU E 56 17.70 7.68 -11.98
CA GLU E 56 17.84 8.13 -10.60
C GLU E 56 17.27 9.53 -10.40
N SER E 57 15.97 9.59 -10.15
CA SER E 57 15.29 10.85 -9.94
C SER E 57 14.45 10.80 -8.66
N ARG E 58 14.51 11.87 -7.87
CA ARG E 58 13.76 11.96 -6.64
C ARG E 58 12.81 13.15 -6.71
N VAL E 59 11.53 12.87 -6.93
CA VAL E 59 10.54 13.94 -7.05
C VAL E 59 9.68 14.02 -5.79
N LEU E 60 9.76 15.17 -5.12
CA LEU E 60 8.98 15.38 -3.91
C LEU E 60 8.05 16.57 -4.09
N ILE E 61 6.76 16.30 -4.11
CA ILE E 61 5.76 17.34 -4.27
C ILE E 61 5.03 17.58 -2.96
N GLY E 62 5.58 18.47 -2.14
CA GLY E 62 4.98 18.79 -0.86
C GLY E 62 5.93 19.56 0.03
N ASN E 63 5.70 19.48 1.34
CA ASN E 63 6.54 20.18 2.31
C ASN E 63 7.37 19.17 3.10
N GLU E 64 8.58 19.58 3.45
CA GLU E 64 9.49 18.73 4.20
C GLU E 64 9.62 19.21 5.65
N TYR E 65 9.81 18.25 6.53
CA TYR E 65 9.96 18.51 7.96
C TYR E 65 10.66 17.32 8.62
N GLY E 66 11.99 17.32 8.57
CA GLY E 66 12.74 16.22 9.14
C GLY E 66 13.81 16.68 10.11
N GLY E 67 15.06 16.62 9.66
CA GLY E 67 16.17 17.01 10.50
C GLY E 67 17.45 16.33 10.08
N LYS E 68 17.86 16.55 8.85
CA LYS E 68 19.08 15.97 8.33
C LYS E 68 19.90 17.00 7.57
N GLY E 69 19.32 17.57 6.53
CA GLY E 69 20.01 18.59 5.76
C GLY E 69 19.96 18.35 4.26
N PHE E 70 19.01 17.54 3.81
CA PHE E 70 18.88 17.25 2.38
C PHE E 70 17.45 16.82 2.07
N TRP E 71 16.74 17.66 1.30
CA TRP E 71 15.34 17.41 0.94
C TRP E 71 14.48 17.56 2.19
N ASP E 72 15.09 18.18 3.19
CA ASP E 72 14.48 18.41 4.48
C ASP E 72 15.16 19.62 5.11
N ASN E 73 14.59 20.14 6.19
CA ASN E 73 15.18 21.30 6.85
C ASN E 73 14.81 21.33 8.33
N HIS E 74 15.76 21.76 9.15
CA HIS E 74 15.55 21.85 10.58
C HIS E 74 16.38 22.99 11.16
N HIS E 75 16.27 23.21 12.46
CA HIS E 75 17.01 24.27 13.11
C HIS E 75 18.19 23.71 13.90
N HIS E 76 17.86 22.90 14.92
CA HIS E 76 18.86 22.28 15.79
C HIS E 76 19.58 23.34 16.64
N HIS E 77 20.32 22.90 17.63
CA HIS E 77 21.05 23.83 18.49
C HIS E 77 22.54 23.74 18.20
N HIS E 78 23.06 24.77 17.56
CA HIS E 78 24.46 24.82 17.21
C HIS E 78 25.31 25.10 18.43
N HIS E 79 26.37 24.32 18.61
CA HIS E 79 27.25 24.48 19.73
C HIS E 79 28.46 25.30 19.33
N ARG A 9 -17.59 -11.45 8.01
CA ARG A 9 -18.78 -11.74 7.19
C ARG A 9 -18.42 -11.70 5.70
N ASN A 10 -18.76 -12.77 4.98
CA ASN A 10 -18.48 -12.85 3.55
C ASN A 10 -19.76 -12.63 2.76
N SER A 11 -19.66 -11.95 1.63
CA SER A 11 -20.81 -11.68 0.78
C SER A 11 -20.40 -11.63 -0.69
N ALA A 12 -21.20 -12.25 -1.55
CA ALA A 12 -20.92 -12.29 -2.98
C ALA A 12 -22.22 -12.12 -3.78
N LYS A 13 -22.11 -11.57 -4.99
CA LYS A 13 -23.28 -11.37 -5.83
C LYS A 13 -23.27 -12.25 -7.07
N ASP A 14 -22.22 -12.15 -7.87
CA ASP A 14 -22.12 -12.95 -9.09
C ASP A 14 -20.72 -13.52 -9.26
N ILE A 15 -20.63 -14.85 -9.34
CA ILE A 15 -19.36 -15.52 -9.52
C ILE A 15 -19.42 -16.49 -10.69
N ARG A 16 -18.58 -16.26 -11.69
CA ARG A 16 -18.56 -17.11 -12.86
C ARG A 16 -17.14 -17.59 -13.14
N THR A 17 -16.92 -18.87 -12.93
CA THR A 17 -15.62 -19.48 -13.16
C THR A 17 -15.73 -20.59 -14.20
N GLU A 18 -14.89 -20.52 -15.22
CA GLU A 18 -14.91 -21.50 -16.29
C GLU A 18 -13.50 -21.81 -16.78
N GLU A 19 -13.42 -22.76 -17.72
CA GLU A 19 -12.14 -23.18 -18.30
C GLU A 19 -11.25 -23.74 -17.22
N ARG A 20 -11.67 -24.88 -16.66
CA ARG A 20 -10.92 -25.57 -15.62
C ARG A 20 -10.71 -24.66 -14.41
N ALA A 21 -11.80 -24.31 -13.76
CA ALA A 21 -11.75 -23.44 -12.60
C ALA A 21 -12.57 -24.01 -11.45
N ARG A 22 -12.55 -23.30 -10.33
CA ARG A 22 -13.30 -23.73 -9.15
C ARG A 22 -13.55 -22.54 -8.23
N VAL A 23 -14.59 -22.63 -7.42
CA VAL A 23 -14.92 -21.57 -6.50
C VAL A 23 -15.05 -22.10 -5.08
N GLN A 24 -14.48 -21.38 -4.13
CA GLN A 24 -14.53 -21.79 -2.73
C GLN A 24 -15.03 -20.64 -1.87
N LEU A 25 -15.95 -20.93 -0.96
CA LEU A 25 -16.50 -19.92 -0.07
C LEU A 25 -16.44 -20.39 1.37
N GLY A 26 -16.08 -19.48 2.26
CA GLY A 26 -15.99 -19.82 3.68
C GLY A 26 -14.76 -19.23 4.34
N ASN A 27 -13.96 -20.10 4.92
CA ASN A 27 -12.73 -19.68 5.58
C ASN A 27 -11.65 -20.74 5.38
N VAL A 28 -10.42 -20.29 5.18
CA VAL A 28 -9.32 -21.21 4.95
C VAL A 28 -8.42 -21.32 6.17
N VAL A 29 -8.46 -22.48 6.81
CA VAL A 29 -7.63 -22.74 7.97
C VAL A 29 -6.45 -23.62 7.57
N THR A 30 -5.27 -23.03 7.55
CA THR A 30 -4.06 -23.75 7.20
C THR A 30 -3.50 -24.47 8.41
N ALA A 31 -2.84 -25.61 8.18
CA ALA A 31 -2.26 -26.40 9.26
C ALA A 31 -1.20 -25.62 10.05
N ALA A 32 -0.76 -24.50 9.51
CA ALA A 32 0.23 -23.66 10.17
C ALA A 32 -0.42 -22.76 11.21
N ALA A 33 -1.74 -22.66 11.16
CA ALA A 33 -2.49 -21.84 12.09
C ALA A 33 -3.23 -22.71 13.09
N LEU A 34 -2.70 -23.91 13.31
CA LEU A 34 -3.27 -24.89 14.24
C LEU A 34 -4.58 -25.45 13.69
N HIS A 35 -5.40 -26.01 14.58
CA HIS A 35 -6.67 -26.58 14.18
C HIS A 35 -7.71 -25.50 13.92
N GLY A 36 -8.83 -25.91 13.36
CA GLY A 36 -9.88 -24.98 13.05
C GLY A 36 -10.69 -24.59 14.27
N GLY A 37 -10.14 -23.68 15.06
CA GLY A 37 -10.83 -23.21 16.24
C GLY A 37 -12.11 -22.49 15.89
N ILE A 38 -12.05 -21.75 14.78
CA ILE A 38 -13.18 -20.98 14.25
C ILE A 38 -13.48 -19.75 15.11
N ARG A 39 -13.93 -18.67 14.44
CA ARG A 39 -14.27 -17.41 15.12
C ARG A 39 -13.04 -16.80 15.81
N ILE A 40 -12.28 -16.01 15.08
CA ILE A 40 -11.09 -15.38 15.63
C ILE A 40 -11.12 -13.86 15.50
N SER A 41 -11.06 -13.37 14.26
CA SER A 41 -11.06 -11.94 14.03
C SER A 41 -12.44 -11.44 13.57
N ASP A 42 -12.65 -11.44 12.26
CA ASP A 42 -13.92 -11.00 11.66
C ASP A 42 -14.25 -9.57 12.09
N GLN A 43 -13.47 -8.62 11.60
CA GLN A 43 -13.69 -7.21 11.94
C GLN A 43 -13.93 -6.39 10.68
N THR A 44 -13.95 -7.07 9.54
CA THR A 44 -14.16 -6.41 8.26
C THR A 44 -15.14 -7.22 7.41
N THR A 45 -15.87 -6.55 6.54
CA THR A 45 -16.83 -7.21 5.68
C THR A 45 -16.21 -7.50 4.32
N ASN A 46 -16.30 -8.75 3.90
CA ASN A 46 -15.74 -9.17 2.61
C ASN A 46 -16.88 -9.28 1.60
N SER A 47 -17.24 -8.16 1.00
CA SER A 47 -18.32 -8.14 0.03
C SER A 47 -17.80 -7.92 -1.39
N VAL A 48 -18.00 -8.92 -2.24
CA VAL A 48 -17.58 -8.84 -3.63
C VAL A 48 -18.79 -8.97 -4.54
N LYS A 49 -18.83 -8.20 -5.61
CA LYS A 49 -19.96 -8.26 -6.53
C LYS A 49 -19.73 -9.26 -7.66
N THR A 50 -18.97 -8.87 -8.67
CA THR A 50 -18.73 -9.74 -9.82
C THR A 50 -17.32 -10.29 -9.85
N VAL A 51 -17.23 -11.61 -10.00
CA VAL A 51 -15.94 -12.30 -10.08
C VAL A 51 -15.92 -13.20 -11.32
N VAL A 52 -14.99 -12.93 -12.22
CA VAL A 52 -14.88 -13.71 -13.46
C VAL A 52 -13.54 -14.43 -13.54
N GLY A 53 -13.60 -15.74 -13.74
CA GLY A 53 -12.39 -16.53 -13.84
C GLY A 53 -12.41 -17.42 -15.08
N LYS A 54 -11.34 -17.36 -15.87
CA LYS A 54 -11.24 -18.17 -17.08
C LYS A 54 -9.82 -18.62 -17.32
N GLY A 55 -9.58 -19.92 -17.20
CA GLY A 55 -8.26 -20.48 -17.44
C GLY A 55 -7.47 -20.71 -16.17
N GLU A 56 -7.73 -21.85 -15.53
CA GLU A 56 -7.05 -22.23 -14.29
C GLU A 56 -7.13 -21.11 -13.25
N SER A 57 -8.34 -20.63 -13.03
CA SER A 57 -8.56 -19.56 -12.08
C SER A 57 -9.13 -20.10 -10.77
N ARG A 58 -8.69 -19.53 -9.66
CA ARG A 58 -9.15 -19.96 -8.35
C ARG A 58 -9.78 -18.79 -7.61
N VAL A 59 -11.05 -18.93 -7.28
CA VAL A 59 -11.78 -17.89 -6.56
C VAL A 59 -11.93 -18.28 -5.10
N LEU A 60 -11.37 -17.46 -4.22
CA LEU A 60 -11.43 -17.70 -2.79
C LEU A 60 -12.27 -16.64 -2.09
N ILE A 61 -13.49 -17.00 -1.73
CA ILE A 61 -14.39 -16.08 -1.04
C ILE A 61 -14.33 -16.32 0.47
N GLY A 62 -13.61 -15.46 1.17
CA GLY A 62 -13.49 -15.61 2.60
C GLY A 62 -12.10 -15.26 3.08
N ASN A 63 -11.89 -15.35 4.38
CA ASN A 63 -10.58 -15.03 4.96
C ASN A 63 -9.73 -16.28 5.06
N GLU A 64 -8.42 -16.09 5.17
CA GLU A 64 -7.50 -17.21 5.29
C GLU A 64 -6.62 -17.05 6.53
N TYR A 65 -6.09 -18.16 7.00
CA TYR A 65 -5.22 -18.18 8.16
C TYR A 65 -4.04 -19.11 7.89
N GLY A 66 -3.01 -18.57 7.28
CA GLY A 66 -1.84 -19.35 6.97
C GLY A 66 -0.63 -18.99 7.81
N GLY A 67 0.53 -19.09 7.21
CA GLY A 67 1.77 -18.78 7.90
C GLY A 67 2.94 -18.84 6.95
N LYS A 68 3.44 -20.05 6.71
CA LYS A 68 4.54 -20.24 5.78
C LYS A 68 3.96 -20.45 4.39
N GLY A 69 3.79 -19.36 3.67
CA GLY A 69 3.20 -19.43 2.35
C GLY A 69 1.80 -18.87 2.36
N PHE A 70 1.63 -17.72 1.74
CA PHE A 70 0.33 -17.06 1.69
C PHE A 70 -0.61 -17.75 0.71
N TRP A 71 -1.23 -18.83 1.19
CA TRP A 71 -2.17 -19.63 0.40
C TRP A 71 -1.47 -20.36 -0.76
N ASP A 72 -1.02 -19.60 -1.75
CA ASP A 72 -0.35 -20.19 -2.92
C ASP A 72 0.98 -19.50 -3.18
N ASN A 73 2.05 -20.02 -2.59
CA ASN A 73 3.38 -19.44 -2.77
C ASN A 73 4.47 -20.50 -2.53
N HIS A 74 5.47 -20.51 -3.40
CA HIS A 74 6.58 -21.45 -3.30
C HIS A 74 7.78 -20.88 -4.06
N HIS A 75 7.92 -19.55 -4.01
CA HIS A 75 9.01 -18.87 -4.71
C HIS A 75 10.22 -18.70 -3.81
N HIS A 76 11.39 -19.05 -4.34
CA HIS A 76 12.64 -18.92 -3.60
C HIS A 76 13.71 -18.35 -4.52
N HIS A 77 13.27 -17.78 -5.62
CA HIS A 77 14.18 -17.20 -6.61
C HIS A 77 14.40 -15.72 -6.31
N HIS A 78 15.33 -15.45 -5.41
CA HIS A 78 15.65 -14.08 -5.02
C HIS A 78 16.25 -13.30 -6.19
N HIS A 79 15.67 -12.16 -6.51
CA HIS A 79 16.15 -11.34 -7.61
C HIS A 79 17.12 -10.26 -7.12
N ARG B 9 -13.73 -2.47 6.11
CA ARG B 9 -14.68 -3.09 5.16
C ARG B 9 -14.09 -3.08 3.75
N ASN B 10 -14.23 -4.20 3.04
CA ASN B 10 -13.73 -4.31 1.68
C ASN B 10 -14.90 -4.34 0.71
N SER B 11 -14.76 -3.70 -0.44
CA SER B 11 -15.81 -3.67 -1.45
C SER B 11 -15.23 -3.72 -2.86
N ALA B 12 -15.72 -4.66 -3.66
CA ALA B 12 -15.26 -4.82 -5.03
C ALA B 12 -16.45 -4.91 -5.98
N LYS B 13 -16.38 -4.18 -7.08
CA LYS B 13 -17.47 -4.16 -8.06
C LYS B 13 -17.33 -5.29 -9.09
N ASP B 14 -16.23 -5.32 -9.82
CA ASP B 14 -16.00 -6.34 -10.83
C ASP B 14 -14.52 -6.70 -10.94
N ILE B 15 -14.22 -7.98 -10.77
CA ILE B 15 -12.84 -8.46 -10.84
C ILE B 15 -12.68 -9.43 -12.00
N ARG B 16 -11.66 -9.21 -12.81
CA ARG B 16 -11.38 -10.06 -13.96
C ARG B 16 -10.07 -10.80 -13.76
N THR B 17 -10.17 -12.12 -13.62
CA THR B 17 -9.00 -12.95 -13.41
C THR B 17 -8.92 -14.04 -14.49
N GLU B 18 -7.91 -13.96 -15.33
CA GLU B 18 -7.73 -14.95 -16.38
C GLU B 18 -6.28 -15.38 -16.51
N GLU B 19 -6.10 -16.58 -17.06
CA GLU B 19 -4.78 -17.17 -17.30
C GLU B 19 -3.99 -17.34 -16.00
N ARG B 20 -4.31 -18.42 -15.28
CA ARG B 20 -3.64 -18.78 -14.03
C ARG B 20 -3.76 -17.65 -13.00
N ALA B 21 -4.90 -16.99 -12.98
CA ALA B 21 -5.13 -15.91 -12.04
C ALA B 21 -5.90 -16.41 -10.84
N ARG B 22 -5.54 -15.90 -9.67
CA ARG B 22 -6.19 -16.28 -8.43
C ARG B 22 -6.61 -15.03 -7.65
N VAL B 23 -7.85 -15.00 -7.21
CA VAL B 23 -8.37 -13.86 -6.48
C VAL B 23 -8.80 -14.26 -5.07
N GLN B 24 -8.40 -13.45 -4.10
CA GLN B 24 -8.72 -13.70 -2.71
C GLN B 24 -9.61 -12.58 -2.16
N LEU B 25 -10.76 -12.95 -1.61
CA LEU B 25 -11.71 -11.99 -1.08
C LEU B 25 -11.82 -12.09 0.44
N GLY B 26 -10.91 -11.45 1.16
CA GLY B 26 -10.95 -11.49 2.60
C GLY B 26 -9.68 -10.96 3.24
N ASN B 27 -9.63 -11.02 4.57
CA ASN B 27 -8.47 -10.56 5.31
C ASN B 27 -7.48 -11.70 5.51
N VAL B 28 -6.20 -11.39 5.38
CA VAL B 28 -5.15 -12.39 5.51
C VAL B 28 -4.44 -12.23 6.86
N VAL B 29 -4.59 -13.23 7.72
CA VAL B 29 -3.95 -13.20 9.03
C VAL B 29 -3.01 -14.37 9.18
N THR B 30 -1.71 -14.10 9.11
CA THR B 30 -0.71 -15.13 9.23
C THR B 30 -0.48 -15.51 10.69
N ALA B 31 0.33 -16.55 10.89
CA ALA B 31 0.63 -17.05 12.23
C ALA B 31 1.48 -16.05 13.04
N ALA B 32 1.81 -14.92 12.42
CA ALA B 32 2.60 -13.90 13.08
C ALA B 32 1.74 -13.09 14.04
N ALA B 33 0.43 -13.12 13.81
CA ALA B 33 -0.51 -12.39 14.65
C ALA B 33 -1.07 -13.27 15.75
N LEU B 34 -0.38 -14.38 16.03
CA LEU B 34 -0.80 -15.30 17.06
C LEU B 34 -0.60 -14.71 18.45
N HIS B 35 -1.71 -14.31 19.07
CA HIS B 35 -1.70 -13.72 20.41
C HIS B 35 -0.98 -12.37 20.43
N GLY B 36 -1.70 -11.32 20.04
CA GLY B 36 -1.12 -10.00 20.02
C GLY B 36 -2.17 -8.91 19.92
N GLY B 37 -1.93 -7.93 19.07
CA GLY B 37 -2.87 -6.85 18.88
C GLY B 37 -3.25 -6.68 17.44
N ILE B 38 -4.55 -6.66 17.16
CA ILE B 38 -5.04 -6.51 15.79
C ILE B 38 -5.90 -5.27 15.64
N ARG B 39 -6.62 -4.92 16.70
CA ARG B 39 -7.51 -3.76 16.68
C ARG B 39 -6.75 -2.49 17.06
N ILE B 40 -6.18 -1.85 16.05
CA ILE B 40 -5.42 -0.62 16.25
C ILE B 40 -6.05 0.54 15.47
N SER B 41 -7.33 0.76 15.70
CA SER B 41 -8.08 1.82 15.02
C SER B 41 -8.18 1.51 13.52
N ASP B 42 -8.37 0.23 13.22
CA ASP B 42 -8.49 -0.25 11.85
C ASP B 42 -9.85 0.11 11.25
N GLN B 43 -10.10 1.39 11.15
CA GLN B 43 -11.35 1.89 10.59
C GLN B 43 -11.12 2.43 9.18
N THR B 44 -11.41 1.61 8.18
CA THR B 44 -11.23 2.03 6.80
C THR B 44 -12.12 1.23 5.86
N THR B 45 -12.54 1.88 4.78
CA THR B 45 -13.39 1.25 3.78
C THR B 45 -12.68 1.22 2.43
N ASN B 46 -12.09 0.08 2.10
CA ASN B 46 -11.38 -0.08 0.84
C ASN B 46 -12.33 -0.54 -0.24
N SER B 47 -12.49 0.31 -1.24
CA SER B 47 -13.40 0.02 -2.34
C SER B 47 -12.69 0.09 -3.69
N VAL B 48 -12.96 -0.89 -4.54
CA VAL B 48 -12.36 -0.95 -5.87
C VAL B 48 -13.41 -1.31 -6.91
N LYS B 49 -13.40 -0.61 -8.03
CA LYS B 49 -14.37 -0.87 -9.10
C LYS B 49 -13.96 -2.06 -9.95
N THR B 50 -12.95 -1.90 -10.80
CA THR B 50 -12.53 -2.99 -11.67
C THR B 50 -11.04 -3.32 -11.51
N VAL B 51 -10.74 -4.61 -11.53
CA VAL B 51 -9.38 -5.10 -11.42
C VAL B 51 -9.11 -6.09 -12.54
N VAL B 52 -8.11 -5.82 -13.36
CA VAL B 52 -7.78 -6.70 -14.47
C VAL B 52 -6.51 -7.50 -14.17
N GLY B 53 -6.64 -8.82 -14.16
CA GLY B 53 -5.51 -9.69 -13.91
C GLY B 53 -5.31 -10.67 -15.04
N LYS B 54 -4.17 -10.60 -15.71
CA LYS B 54 -3.88 -11.49 -16.82
C LYS B 54 -2.48 -12.06 -16.75
N GLY B 55 -2.38 -13.38 -16.66
CA GLY B 55 -1.08 -14.03 -16.60
C GLY B 55 -0.52 -14.15 -15.20
N GLU B 56 -0.89 -15.23 -14.52
CA GLU B 56 -0.43 -15.51 -13.15
C GLU B 56 -0.68 -14.32 -12.22
N SER B 57 -1.85 -13.71 -12.36
CA SER B 57 -2.20 -12.55 -11.55
C SER B 57 -2.62 -12.96 -10.15
N ARG B 58 -2.45 -12.04 -9.21
CA ARG B 58 -2.79 -12.27 -7.82
C ARG B 58 -3.52 -11.04 -7.26
N VAL B 59 -4.81 -11.17 -7.07
CA VAL B 59 -5.62 -10.07 -6.55
C VAL B 59 -6.04 -10.33 -5.11
N LEU B 60 -5.75 -9.39 -4.23
CA LEU B 60 -6.11 -9.51 -2.81
C LEU B 60 -7.07 -8.39 -2.41
N ILE B 61 -8.27 -8.76 -2.01
CA ILE B 61 -9.26 -7.79 -1.58
C ILE B 61 -9.44 -7.88 -0.07
N GLY B 62 -8.58 -7.18 0.65
CA GLY B 62 -8.63 -7.18 2.10
C GLY B 62 -7.29 -6.81 2.69
N ASN B 63 -7.25 -6.53 3.99
CA ASN B 63 -6.00 -6.16 4.64
C ASN B 63 -5.27 -7.41 5.12
N GLU B 64 -3.97 -7.28 5.33
CA GLU B 64 -3.17 -8.41 5.77
C GLU B 64 -2.41 -8.07 7.06
N TYR B 65 -1.97 -9.11 7.73
CA TYR B 65 -1.21 -8.97 8.96
C TYR B 65 -0.09 -10.00 8.98
N GLY B 66 1.09 -9.58 8.57
CA GLY B 66 2.22 -10.47 8.53
C GLY B 66 3.37 -10.00 9.38
N GLY B 67 4.53 -9.84 8.76
CA GLY B 67 5.72 -9.40 9.47
C GLY B 67 6.96 -9.94 8.81
N LYS B 68 6.92 -11.21 8.44
CA LYS B 68 8.02 -11.90 7.77
C LYS B 68 7.95 -11.59 6.27
N GLY B 69 7.55 -10.38 5.97
CA GLY B 69 7.39 -9.93 4.61
C GLY B 69 6.10 -9.16 4.49
N PHE B 70 5.87 -8.54 3.34
CA PHE B 70 4.65 -7.78 3.11
C PHE B 70 3.81 -8.46 2.05
N TRP B 71 3.37 -9.69 2.37
CA TRP B 71 2.56 -10.52 1.47
C TRP B 71 3.42 -11.03 0.31
N ASP B 72 4.19 -10.13 -0.28
CA ASP B 72 5.08 -10.44 -1.38
C ASP B 72 6.50 -10.59 -0.86
N ASN B 73 7.31 -11.40 -1.53
CA ASN B 73 8.69 -11.61 -1.09
C ASN B 73 9.67 -10.79 -1.93
N HIS B 74 10.12 -9.69 -1.38
CA HIS B 74 11.06 -8.80 -2.07
C HIS B 74 12.22 -8.44 -1.14
N HIS B 75 13.44 -8.50 -1.66
CA HIS B 75 14.63 -8.17 -0.90
C HIS B 75 15.74 -7.72 -1.83
N HIS B 76 16.30 -6.54 -1.58
CA HIS B 76 17.37 -6.01 -2.41
C HIS B 76 18.45 -5.37 -1.55
N HIS B 77 19.34 -4.63 -2.18
CA HIS B 77 20.44 -3.96 -1.49
C HIS B 77 20.36 -2.46 -1.66
N HIS B 78 20.38 -1.73 -0.55
CA HIS B 78 20.31 -0.28 -0.58
C HIS B 78 21.60 0.31 -1.13
N HIS B 79 21.55 1.59 -1.48
CA HIS B 79 22.71 2.29 -2.03
C HIS B 79 23.86 2.25 -1.02
N ARG C 9 -10.59 6.60 4.03
CA ARG C 9 -10.78 5.31 3.33
C ARG C 9 -10.06 5.34 1.99
N ASN C 10 -9.99 4.19 1.33
CA ASN C 10 -9.31 4.08 0.04
C ASN C 10 -10.28 3.60 -1.04
N SER C 11 -10.28 4.26 -2.18
CA SER C 11 -11.15 3.88 -3.28
C SER C 11 -10.41 3.98 -4.61
N ALA C 12 -10.54 2.94 -5.44
CA ALA C 12 -9.89 2.89 -6.74
C ALA C 12 -10.90 2.57 -7.83
N LYS C 13 -10.71 3.15 -9.00
CA LYS C 13 -11.62 2.92 -10.12
C LYS C 13 -11.18 1.73 -10.97
N ASP C 14 -10.11 1.90 -11.74
CA ASP C 14 -9.65 0.82 -12.61
C ASP C 14 -8.20 0.47 -12.33
N ILE C 15 -7.96 -0.78 -11.98
CA ILE C 15 -6.61 -1.23 -11.70
C ILE C 15 -6.23 -2.40 -12.60
N ARG C 16 -5.11 -2.28 -13.29
CA ARG C 16 -4.63 -3.31 -14.18
C ARG C 16 -3.34 -3.92 -13.64
N THR C 17 -3.36 -5.21 -13.40
CA THR C 17 -2.19 -5.92 -12.88
C THR C 17 -1.97 -7.21 -13.65
N GLU C 18 -1.25 -7.12 -14.76
CA GLU C 18 -0.98 -8.28 -15.58
C GLU C 18 0.52 -8.56 -15.63
N GLU C 19 0.89 -9.70 -16.23
CA GLU C 19 2.28 -10.12 -16.36
C GLU C 19 2.88 -10.44 -14.98
N ARG C 20 2.26 -11.40 -14.29
CA ARG C 20 2.70 -11.84 -12.97
C ARG C 20 2.57 -10.76 -11.90
N ALA C 21 1.83 -9.70 -12.20
CA ALA C 21 1.63 -8.60 -11.26
C ALA C 21 0.64 -8.98 -10.16
N ARG C 22 0.74 -8.29 -9.02
CA ARG C 22 -0.16 -8.55 -7.90
C ARG C 22 -0.61 -7.23 -7.28
N VAL C 23 -1.84 -7.21 -6.79
CA VAL C 23 -2.42 -6.01 -6.18
C VAL C 23 -3.16 -6.35 -4.89
N GLN C 24 -3.01 -5.50 -3.90
CA GLN C 24 -3.66 -5.69 -2.61
C GLN C 24 -4.49 -4.47 -2.24
N LEU C 25 -5.77 -4.69 -1.98
CA LEU C 25 -6.68 -3.62 -1.61
C LEU C 25 -6.89 -3.61 -0.10
N GLY C 26 -6.15 -2.75 0.59
CA GLY C 26 -6.28 -2.66 2.03
C GLY C 26 -5.03 -2.15 2.69
N ASN C 27 -4.99 -2.24 4.02
CA ASN C 27 -3.83 -1.77 4.77
C ASN C 27 -2.92 -2.94 5.10
N VAL C 28 -1.66 -2.62 5.39
CA VAL C 28 -0.68 -3.65 5.73
C VAL C 28 -0.14 -3.39 7.14
N VAL C 29 -0.50 -4.27 8.07
CA VAL C 29 -0.06 -4.13 9.45
C VAL C 29 0.94 -5.22 9.82
N THR C 30 2.12 -4.80 10.23
CA THR C 30 3.16 -5.73 10.63
C THR C 30 3.02 -6.06 12.11
N ALA C 31 3.70 -7.11 12.57
CA ALA C 31 3.63 -7.53 13.97
C ALA C 31 4.41 -6.58 14.89
N ALA C 32 4.55 -5.35 14.47
CA ALA C 32 5.26 -4.34 15.24
C ALA C 32 4.31 -3.21 15.62
N ALA C 33 3.12 -3.21 15.03
CA ALA C 33 2.12 -2.19 15.31
C ALA C 33 1.14 -2.67 16.36
N LEU C 34 1.59 -2.72 17.60
CA LEU C 34 0.75 -3.16 18.71
C LEU C 34 0.38 -2.00 19.62
N HIS C 35 1.12 -0.90 19.51
CA HIS C 35 0.88 0.28 20.33
C HIS C 35 -0.17 1.18 19.71
N GLY C 36 -1.44 0.79 19.84
CA GLY C 36 -2.51 1.58 19.28
C GLY C 36 -3.84 1.32 19.96
N GLY C 37 -4.61 2.37 20.15
CA GLY C 37 -5.89 2.24 20.78
C GLY C 37 -7.01 2.63 19.83
N ILE C 38 -8.24 2.26 20.16
CA ILE C 38 -9.37 2.59 19.31
C ILE C 38 -9.77 4.06 19.49
N ARG C 39 -9.89 4.77 18.37
CA ARG C 39 -10.26 6.18 18.40
C ARG C 39 -10.86 6.60 17.05
N ILE C 40 -12.16 6.87 17.04
CA ILE C 40 -12.82 7.28 15.81
C ILE C 40 -12.60 8.77 15.57
N SER C 41 -11.65 9.07 14.70
CA SER C 41 -11.33 10.44 14.36
C SER C 41 -11.22 10.60 12.85
N ASP C 42 -10.86 11.80 12.41
CA ASP C 42 -10.71 12.09 10.99
C ASP C 42 -9.59 11.28 10.36
N GLN C 43 -9.67 11.11 9.04
CA GLN C 43 -8.69 10.36 8.29
C GLN C 43 -8.56 10.94 6.89
N THR C 44 -7.34 11.04 6.40
CA THR C 44 -7.09 11.57 5.08
C THR C 44 -7.70 10.68 3.99
N THR C 45 -8.50 11.28 3.12
CA THR C 45 -9.15 10.56 2.04
C THR C 45 -8.16 10.27 0.92
N ASN C 46 -8.21 9.05 0.40
CA ASN C 46 -7.33 8.65 -0.69
C ASN C 46 -8.12 7.95 -1.79
N SER C 47 -7.89 8.35 -3.03
CA SER C 47 -8.58 7.76 -4.17
C SER C 47 -7.72 7.83 -5.43
N VAL C 48 -7.90 6.87 -6.32
CA VAL C 48 -7.15 6.82 -7.57
C VAL C 48 -8.05 6.35 -8.71
N LYS C 49 -7.84 6.89 -9.90
CA LYS C 49 -8.66 6.55 -11.06
C LYS C 49 -8.13 5.33 -11.81
N THR C 50 -7.01 5.50 -12.50
CA THR C 50 -6.44 4.41 -13.29
C THR C 50 -5.02 4.06 -12.88
N VAL C 51 -4.80 2.78 -12.63
CA VAL C 51 -3.48 2.27 -12.25
C VAL C 51 -3.08 1.14 -13.17
N VAL C 52 -1.99 1.33 -13.90
CA VAL C 52 -1.51 0.31 -14.83
C VAL C 52 -0.21 -0.32 -14.32
N GLY C 53 -0.25 -1.62 -14.12
CA GLY C 53 0.92 -2.35 -13.67
C GLY C 53 1.26 -3.47 -14.62
N LYS C 54 2.48 -3.46 -15.13
CA LYS C 54 2.93 -4.47 -16.07
C LYS C 54 4.36 -4.93 -15.79
N GLY C 55 4.61 -6.22 -15.94
CA GLY C 55 5.93 -6.77 -15.72
C GLY C 55 6.34 -6.81 -14.26
N GLU C 56 5.84 -7.82 -13.53
CA GLU C 56 6.16 -7.99 -12.11
C GLU C 56 5.83 -6.73 -11.30
N SER C 57 4.71 -6.10 -11.62
CA SER C 57 4.30 -4.90 -10.93
C SER C 57 3.57 -5.23 -9.62
N ARG C 58 3.55 -4.27 -8.71
CA ARG C 58 2.92 -4.44 -7.43
C ARG C 58 2.13 -3.17 -7.06
N VAL C 59 0.82 -3.30 -6.91
CA VAL C 59 -0.02 -2.16 -6.57
C VAL C 59 -0.55 -2.26 -5.13
N LEU C 60 -0.33 -1.21 -4.35
CA LEU C 60 -0.78 -1.17 -2.97
C LEU C 60 -1.78 -0.03 -2.78
N ILE C 61 -3.03 -0.38 -2.50
CA ILE C 61 -4.06 0.63 -2.30
C ILE C 61 -4.49 0.62 -0.83
N GLY C 62 -3.79 1.40 -0.03
CA GLY C 62 -4.07 1.49 1.38
C GLY C 62 -2.90 2.08 2.14
N ASN C 63 -3.01 2.14 3.45
CA ASN C 63 -1.93 2.68 4.27
C ASN C 63 -1.05 1.55 4.78
N GLU C 64 0.24 1.81 4.89
CA GLU C 64 1.18 0.83 5.37
C GLU C 64 1.68 1.18 6.77
N TYR C 65 1.87 0.15 7.58
CA TYR C 65 2.36 0.33 8.94
C TYR C 65 3.54 -0.60 9.20
N GLY C 66 4.75 -0.04 9.15
CA GLY C 66 5.93 -0.83 9.37
C GLY C 66 6.91 -0.18 10.33
N GLY C 67 8.17 -0.57 10.26
CA GLY C 67 9.17 0.01 11.13
C GLY C 67 10.55 0.02 10.49
N LYS C 68 10.92 -1.09 9.86
CA LYS C 68 12.23 -1.20 9.21
C LYS C 68 12.29 -0.34 7.95
N GLY C 69 11.12 0.05 7.45
CA GLY C 69 11.06 0.87 6.26
C GLY C 69 9.66 0.96 5.72
N PHE C 70 9.55 0.99 4.40
CA PHE C 70 8.25 1.07 3.76
C PHE C 70 7.88 -0.29 3.18
N TRP C 71 6.94 -0.29 2.22
CA TRP C 71 6.48 -1.52 1.58
C TRP C 71 7.64 -2.40 1.10
N ASP C 72 8.65 -1.79 0.48
CA ASP C 72 9.79 -2.57 0.00
C ASP C 72 11.11 -2.06 0.61
N ASN C 73 12.18 -2.82 0.42
CA ASN C 73 13.47 -2.48 1.02
C ASN C 73 14.58 -2.27 -0.03
N HIS C 74 14.25 -1.67 -1.17
CA HIS C 74 15.24 -1.44 -2.22
C HIS C 74 16.32 -0.46 -1.75
N HIS C 75 15.89 0.68 -1.22
CA HIS C 75 16.83 1.70 -0.76
C HIS C 75 16.45 2.15 0.65
N HIS C 76 17.27 3.03 1.21
CA HIS C 76 17.07 3.58 2.56
C HIS C 76 17.35 2.52 3.63
N HIS C 77 17.68 2.98 4.83
CA HIS C 77 17.98 2.10 5.95
C HIS C 77 17.99 2.88 7.25
N HIS C 78 19.14 3.42 7.61
CA HIS C 78 19.29 4.20 8.84
C HIS C 78 19.90 5.56 8.52
N HIS C 79 20.18 6.34 9.55
CA HIS C 79 20.76 7.67 9.38
C HIS C 79 22.00 7.83 10.24
N ARG D 9 -6.98 13.76 1.39
CA ARG D 9 -7.19 14.64 0.21
C ARG D 9 -6.16 14.29 -0.87
N ASN D 10 -5.84 13.01 -0.99
CA ASN D 10 -4.88 12.56 -1.98
C ASN D 10 -5.60 11.80 -3.08
N SER D 11 -5.54 12.32 -4.30
CA SER D 11 -6.21 11.67 -5.42
C SER D 11 -5.34 11.72 -6.67
N ALA D 12 -5.22 10.57 -7.33
CA ALA D 12 -4.41 10.46 -8.54
C ALA D 12 -5.27 10.02 -9.72
N LYS D 13 -5.00 10.57 -10.88
CA LYS D 13 -5.76 10.24 -12.08
C LYS D 13 -5.18 9.04 -12.83
N ASP D 14 -4.04 9.22 -13.47
CA ASP D 14 -3.39 8.15 -14.22
C ASP D 14 -2.03 7.80 -13.66
N ILE D 15 -1.88 6.56 -13.23
CA ILE D 15 -0.62 6.08 -12.69
C ILE D 15 -0.13 4.88 -13.48
N ARG D 16 1.03 5.03 -14.09
CA ARG D 16 1.63 3.96 -14.88
C ARG D 16 2.86 3.43 -14.17
N THR D 17 2.88 2.14 -13.93
CA THR D 17 3.99 1.50 -13.25
C THR D 17 4.37 0.20 -13.96
N GLU D 18 5.48 0.23 -14.68
CA GLU D 18 5.93 -0.94 -15.40
C GLU D 18 7.39 -1.23 -15.10
N GLU D 19 7.81 -2.47 -15.41
CA GLU D 19 9.17 -2.94 -15.20
C GLU D 19 9.52 -3.03 -13.72
N ARG D 20 8.95 -4.02 -13.04
CA ARG D 20 9.21 -4.26 -11.61
C ARG D 20 8.91 -3.03 -10.76
N ALA D 21 7.92 -2.24 -11.18
CA ALA D 21 7.56 -1.04 -10.46
C ALA D 21 6.51 -1.31 -9.39
N ARG D 22 6.23 -0.29 -8.59
CA ARG D 22 5.23 -0.42 -7.52
C ARG D 22 4.64 0.95 -7.20
N VAL D 23 3.41 0.95 -6.72
CA VAL D 23 2.72 2.17 -6.38
C VAL D 23 1.87 1.97 -5.13
N GLN D 24 1.91 2.93 -4.22
CA GLN D 24 1.14 2.86 -2.99
C GLN D 24 0.25 4.09 -2.85
N LEU D 25 -1.03 3.86 -2.61
CA LEU D 25 -2.00 4.92 -2.45
C LEU D 25 -2.48 5.00 -1.00
N GLY D 26 -1.95 5.96 -0.25
CA GLY D 26 -2.36 6.08 1.13
C GLY D 26 -1.43 6.95 1.96
N ASN D 27 -0.68 6.32 2.85
CA ASN D 27 0.25 7.03 3.72
C ASN D 27 1.22 6.04 4.35
N VAL D 28 2.37 6.53 4.80
CA VAL D 28 3.39 5.70 5.40
C VAL D 28 3.50 5.97 6.90
N VAL D 29 3.12 4.99 7.71
CA VAL D 29 3.19 5.13 9.16
C VAL D 29 4.16 4.10 9.74
N THR D 30 5.10 4.55 10.55
CA THR D 30 6.07 3.67 11.15
C THR D 30 5.82 3.52 12.66
N ALA D 31 6.39 2.46 13.24
CA ALA D 31 6.22 2.18 14.67
C ALA D 31 6.93 3.22 15.53
N ALA D 32 7.60 4.17 14.90
CA ALA D 32 8.30 5.23 15.61
C ALA D 32 7.34 6.36 15.95
N ALA D 33 6.12 6.26 15.43
CA ALA D 33 5.09 7.26 15.67
C ALA D 33 3.96 6.65 16.49
N LEU D 34 3.94 6.96 17.78
CA LEU D 34 2.92 6.43 18.67
C LEU D 34 1.82 7.48 18.93
N HIS D 35 1.08 7.30 20.01
CA HIS D 35 0.01 8.22 20.38
C HIS D 35 0.57 9.55 20.85
N GLY D 36 0.97 10.37 19.90
CA GLY D 36 1.51 11.68 20.21
C GLY D 36 1.12 12.69 19.15
N GLY D 37 -0.12 12.59 18.69
CA GLY D 37 -0.60 13.49 17.66
C GLY D 37 -0.50 12.85 16.29
N ILE D 38 -0.64 11.53 16.25
CA ILE D 38 -0.55 10.78 15.00
C ILE D 38 -1.80 10.96 14.15
N ARG D 39 -2.90 11.40 14.77
CA ARG D 39 -4.14 11.62 14.05
C ARG D 39 -4.07 12.95 13.31
N ILE D 40 -3.23 12.97 12.28
CA ILE D 40 -3.01 14.16 11.45
C ILE D 40 -4.26 14.52 10.65
N SER D 41 -5.20 13.58 10.53
CA SER D 41 -6.43 13.82 9.78
C SER D 41 -6.10 14.09 8.32
N ASP D 42 -6.61 15.20 7.79
CA ASP D 42 -6.33 15.59 6.42
C ASP D 42 -5.77 17.01 6.42
N GLN D 43 -4.75 17.27 5.61
CA GLN D 43 -4.14 18.58 5.59
C GLN D 43 -3.87 19.06 4.16
N THR D 44 -2.86 18.47 3.53
CA THR D 44 -2.46 18.85 2.19
C THR D 44 -3.41 18.26 1.14
N THR D 45 -3.52 18.96 0.03
CA THR D 45 -4.36 18.52 -1.06
C THR D 45 -3.49 18.21 -2.28
N ASN D 46 -3.07 16.96 -2.37
CA ASN D 46 -2.20 16.51 -3.46
C ASN D 46 -3.03 15.82 -4.53
N SER D 47 -3.11 16.44 -5.70
CA SER D 47 -3.87 15.88 -6.80
C SER D 47 -3.02 15.84 -8.06
N VAL D 48 -2.48 14.66 -8.36
CA VAL D 48 -1.65 14.48 -9.55
C VAL D 48 -2.49 13.89 -10.69
N LYS D 49 -2.23 14.34 -11.91
CA LYS D 49 -3.00 13.88 -13.05
C LYS D 49 -2.33 12.72 -13.80
N THR D 50 -1.06 12.85 -14.14
CA THR D 50 -0.38 11.78 -14.86
C THR D 50 0.98 11.46 -14.28
N VAL D 51 1.16 10.20 -13.89
CA VAL D 51 2.42 9.72 -13.33
C VAL D 51 2.94 8.54 -14.14
N VAL D 52 4.12 8.71 -14.73
CA VAL D 52 4.72 7.65 -15.53
C VAL D 52 5.95 7.09 -14.84
N GLY D 53 5.85 5.86 -14.37
CA GLY D 53 6.96 5.21 -13.70
C GLY D 53 7.44 3.97 -14.43
N LYS D 54 8.70 3.98 -14.84
CA LYS D 54 9.29 2.85 -15.56
C LYS D 54 10.67 2.49 -15.02
N GLY D 55 10.85 1.22 -14.68
CA GLY D 55 12.14 0.76 -14.18
C GLY D 55 12.31 0.93 -12.68
N GLU D 56 11.80 -0.03 -11.92
CA GLU D 56 11.88 -0.03 -10.46
C GLU D 56 11.37 1.28 -9.86
N SER D 57 10.37 1.86 -10.51
CA SER D 57 9.79 3.11 -10.05
C SER D 57 8.89 2.89 -8.85
N ARG D 58 8.85 3.89 -7.98
CA ARG D 58 8.02 3.82 -6.77
C ARG D 58 7.14 5.06 -6.69
N VAL D 59 5.84 4.86 -6.81
CA VAL D 59 4.90 5.97 -6.74
C VAL D 59 4.24 6.03 -5.38
N LEU D 60 4.58 7.06 -4.61
CA LEU D 60 4.03 7.24 -3.28
C LEU D 60 3.04 8.41 -3.28
N ILE D 61 1.76 8.10 -3.20
CA ILE D 61 0.72 9.11 -3.19
C ILE D 61 0.18 9.25 -1.78
N GLY D 62 0.78 10.13 -1.00
CA GLY D 62 0.36 10.36 0.36
C GLY D 62 1.46 10.97 1.20
N ASN D 63 1.25 11.03 2.51
CA ASN D 63 2.22 11.62 3.41
C ASN D 63 2.91 10.54 4.23
N GLU D 64 3.99 10.90 4.91
CA GLU D 64 4.74 9.96 5.73
C GLU D 64 4.83 10.46 7.17
N TYR D 65 4.72 9.54 8.11
CA TYR D 65 4.78 9.87 9.52
C TYR D 65 5.71 8.90 10.24
N GLY D 66 6.83 9.41 10.74
CA GLY D 66 7.77 8.57 11.45
C GLY D 66 9.13 9.21 11.58
N GLY D 67 9.94 8.67 12.48
CA GLY D 67 11.27 9.22 12.69
C GLY D 67 12.32 8.44 11.94
N LYS D 68 12.17 8.35 10.63
CA LYS D 68 13.12 7.64 9.80
C LYS D 68 13.80 8.59 8.83
N GLY D 69 13.63 9.88 9.07
CA GLY D 69 14.24 10.89 8.24
C GLY D 69 13.47 11.16 6.97
N PHE D 70 13.13 10.10 6.24
CA PHE D 70 12.39 10.22 5.00
C PHE D 70 11.93 8.84 4.52
N TRP D 71 10.90 8.82 3.69
CA TRP D 71 10.37 7.58 3.13
C TRP D 71 11.44 6.87 2.31
N ASP D 72 11.87 7.50 1.24
CA ASP D 72 12.87 6.92 0.36
C ASP D 72 13.78 8.01 -0.21
N ASN D 73 15.08 7.86 -0.01
CA ASN D 73 16.05 8.84 -0.48
C ASN D 73 17.30 8.12 -0.97
N HIS D 74 18.21 8.87 -1.58
CA HIS D 74 19.43 8.29 -2.12
C HIS D 74 20.61 8.54 -1.17
N HIS D 75 20.79 9.79 -0.78
CA HIS D 75 21.89 10.16 0.10
C HIS D 75 21.58 11.46 0.85
N HIS D 76 22.56 11.98 1.56
CA HIS D 76 22.39 13.21 2.32
C HIS D 76 23.01 14.38 1.55
N HIS D 77 23.32 15.45 2.26
CA HIS D 77 23.91 16.64 1.64
C HIS D 77 25.39 16.39 1.35
N HIS D 78 25.69 16.14 0.08
CA HIS D 78 27.06 15.87 -0.35
C HIS D 78 27.64 17.10 -1.05
N HIS D 79 28.92 17.01 -1.38
CA HIS D 79 29.61 18.10 -2.07
C HIS D 79 29.89 17.71 -3.52
N ARG E 9 -2.20 24.00 -1.30
CA ARG E 9 -2.46 22.73 -2.03
C ARG E 9 -1.26 22.38 -2.90
N ASN E 10 -1.19 21.13 -3.33
CA ASN E 10 -0.08 20.68 -4.18
C ASN E 10 -0.62 19.90 -5.38
N SER E 11 -0.49 20.48 -6.56
CA SER E 11 -0.97 19.84 -7.77
C SER E 11 0.16 19.55 -8.74
N ALA E 12 0.04 18.45 -9.45
CA ALA E 12 1.04 18.06 -10.43
C ALA E 12 0.35 17.58 -11.70
N LYS E 13 0.73 18.17 -12.83
CA LYS E 13 0.12 17.82 -14.11
C LYS E 13 0.68 16.50 -14.64
N ASP E 14 1.94 16.51 -15.06
CA ASP E 14 2.58 15.32 -15.61
C ASP E 14 3.92 15.05 -14.95
N ILE E 15 4.11 13.82 -14.51
CA ILE E 15 5.35 13.41 -13.86
C ILE E 15 5.96 12.22 -14.60
N ARG E 16 7.21 12.36 -15.00
CA ARG E 16 7.92 11.29 -15.71
C ARG E 16 9.09 10.80 -14.89
N THR E 17 8.97 9.59 -14.40
CA THR E 17 10.00 8.97 -13.59
C THR E 17 10.44 7.62 -14.17
N GLU E 18 11.60 7.59 -14.80
CA GLU E 18 12.10 6.36 -15.41
C GLU E 18 13.57 6.11 -15.05
N GLU E 19 13.95 4.83 -15.08
CA GLU E 19 15.32 4.40 -14.80
C GLU E 19 15.69 4.69 -13.34
N ARG E 20 15.15 3.84 -12.44
CA ARG E 20 15.40 3.95 -11.01
C ARG E 20 14.99 5.32 -10.50
N ALA E 21 13.68 5.56 -10.46
CA ALA E 21 13.17 6.83 -10.02
C ALA E 21 12.13 6.64 -8.93
N ARG E 22 11.90 7.71 -8.18
CA ARG E 22 10.94 7.70 -7.09
C ARG E 22 10.15 8.99 -7.10
N VAL E 23 8.86 8.89 -6.85
CA VAL E 23 7.99 10.05 -6.83
C VAL E 23 7.10 10.02 -5.58
N GLN E 24 7.17 11.10 -4.80
CA GLN E 24 6.40 11.21 -3.57
C GLN E 24 5.58 12.50 -3.56
N LEU E 25 4.28 12.37 -3.37
CA LEU E 25 3.39 13.52 -3.33
C LEU E 25 2.69 13.62 -1.99
N GLY E 26 3.20 14.49 -1.14
CA GLY E 26 2.63 14.69 0.17
C GLY E 26 3.57 15.45 1.07
N ASN E 27 3.21 15.58 2.35
CA ASN E 27 4.06 16.29 3.31
C ASN E 27 4.80 15.28 4.19
N VAL E 28 5.93 15.69 4.72
CA VAL E 28 6.75 14.83 5.57
C VAL E 28 6.59 15.18 7.04
N VAL E 29 6.31 14.19 7.86
CA VAL E 29 6.14 14.39 9.29
C VAL E 29 7.06 13.47 10.09
N THR E 30 8.19 13.99 10.53
CA THR E 30 9.13 13.21 11.31
C THR E 30 8.55 12.91 12.69
N ALA E 31 9.21 12.02 13.44
CA ALA E 31 8.77 11.63 14.78
C ALA E 31 8.72 12.83 15.72
N ALA E 32 9.46 13.88 15.38
CA ALA E 32 9.47 15.09 16.20
C ALA E 32 8.12 15.78 16.12
N ALA E 33 7.48 15.67 14.95
CA ALA E 33 6.19 16.28 14.69
C ALA E 33 6.23 17.79 14.90
N LEU E 34 5.07 18.40 15.03
CA LEU E 34 4.97 19.83 15.24
C LEU E 34 4.79 20.13 16.72
N HIS E 35 5.82 20.65 17.36
CA HIS E 35 5.76 20.98 18.78
C HIS E 35 4.99 22.27 19.00
N GLY E 36 3.67 22.18 19.00
CA GLY E 36 2.83 23.35 19.21
C GLY E 36 2.18 23.79 17.91
N GLY E 37 0.93 24.21 18.01
CA GLY E 37 0.22 24.66 16.83
C GLY E 37 -1.02 23.82 16.57
N ILE E 38 -2.17 24.33 16.99
CA ILE E 38 -3.43 23.62 16.81
C ILE E 38 -4.12 24.10 15.54
N ARG E 39 -3.86 25.34 15.17
CA ARG E 39 -4.46 25.91 13.98
C ARG E 39 -3.65 25.55 12.74
N ILE E 40 -3.52 24.25 12.49
CA ILE E 40 -2.77 23.76 11.35
C ILE E 40 -3.65 23.69 10.11
N SER E 41 -3.23 24.36 9.04
CA SER E 41 -3.99 24.37 7.81
C SER E 41 -3.08 24.59 6.60
N ASP E 42 -3.62 24.35 5.41
CA ASP E 42 -2.88 24.52 4.17
C ASP E 42 -2.59 26.01 3.95
N GLN E 43 -1.31 26.37 3.92
CA GLN E 43 -0.92 27.76 3.75
C GLN E 43 0.04 27.97 2.57
N THR E 44 0.13 26.99 1.69
CA THR E 44 1.01 27.09 0.53
C THR E 44 0.50 26.26 -0.63
N THR E 45 0.54 26.82 -1.82
CA THR E 45 0.07 26.13 -3.01
C THR E 45 1.18 26.01 -4.05
N ASN E 46 1.62 24.79 -4.28
CA ASN E 46 2.67 24.52 -5.25
C ASN E 46 2.11 23.68 -6.40
N SER E 47 2.08 24.25 -7.59
CA SER E 47 1.57 23.54 -8.75
C SER E 47 2.67 23.40 -9.80
N VAL E 48 3.00 22.17 -10.15
CA VAL E 48 4.03 21.92 -11.15
C VAL E 48 3.39 21.41 -12.44
N LYS E 49 4.01 21.75 -13.56
CA LYS E 49 3.50 21.34 -14.86
C LYS E 49 4.01 19.95 -15.25
N THR E 50 5.23 19.90 -15.73
CA THR E 50 5.82 18.64 -16.16
C THR E 50 7.21 18.45 -15.57
N VAL E 51 7.45 17.28 -15.01
CA VAL E 51 8.74 16.95 -14.42
C VAL E 51 9.32 15.72 -15.09
N VAL E 52 10.32 15.92 -15.93
CA VAL E 52 10.96 14.80 -16.63
C VAL E 52 12.26 14.41 -15.94
N GLY E 53 12.38 13.14 -15.59
CA GLY E 53 13.58 12.66 -14.95
C GLY E 53 13.93 11.24 -15.35
N LYS E 54 15.21 11.02 -15.61
CA LYS E 54 15.71 9.70 -16.01
C LYS E 54 17.06 9.45 -15.36
N GLY E 55 17.22 8.29 -14.73
CA GLY E 55 18.47 7.96 -14.10
C GLY E 55 18.57 8.55 -12.71
N GLU E 56 18.04 7.81 -11.72
CA GLU E 56 18.06 8.24 -10.33
C GLU E 56 17.30 9.55 -10.16
N SER E 57 16.02 9.54 -10.49
CA SER E 57 15.20 10.72 -10.39
C SER E 57 14.45 10.75 -9.06
N ARG E 58 14.43 11.91 -8.43
CA ARG E 58 13.75 12.07 -7.14
C ARG E 58 12.74 13.21 -7.24
N VAL E 59 11.47 12.86 -7.33
CA VAL E 59 10.40 13.84 -7.44
C VAL E 59 9.62 13.94 -6.14
N LEU E 60 9.61 15.12 -5.55
CA LEU E 60 8.90 15.36 -4.30
C LEU E 60 7.95 16.54 -4.46
N ILE E 61 6.66 16.29 -4.26
CA ILE E 61 5.65 17.34 -4.38
C ILE E 61 4.93 17.57 -3.06
N GLY E 62 5.44 18.52 -2.28
CA GLY E 62 4.85 18.84 -1.00
C GLY E 62 5.84 19.51 -0.09
N ASN E 63 5.43 19.77 1.15
CA ASN E 63 6.29 20.41 2.12
C ASN E 63 7.03 19.35 2.93
N GLU E 64 8.30 19.61 3.19
CA GLU E 64 9.13 18.67 3.93
C GLU E 64 9.35 19.14 5.37
N TYR E 65 9.72 18.19 6.22
CA TYR E 65 9.97 18.47 7.63
C TYR E 65 10.63 17.25 8.28
N GLY E 66 11.95 17.30 8.43
CA GLY E 66 12.66 16.18 9.00
C GLY E 66 13.68 16.60 10.03
N GLY E 67 14.94 16.37 9.73
CA GLY E 67 16.01 16.73 10.64
C GLY E 67 17.33 16.10 10.25
N LYS E 68 17.79 16.38 9.04
CA LYS E 68 19.05 15.85 8.55
C LYS E 68 19.84 16.92 7.80
N GLY E 69 19.25 17.45 6.74
CA GLY E 69 19.92 18.50 5.98
C GLY E 69 19.88 18.29 4.47
N PHE E 70 19.04 17.38 4.02
CA PHE E 70 18.91 17.10 2.60
C PHE E 70 17.52 16.57 2.29
N TRP E 71 16.77 17.36 1.52
CA TRP E 71 15.39 17.02 1.15
C TRP E 71 14.48 17.20 2.36
N ASP E 72 15.04 17.82 3.39
CA ASP E 72 14.34 18.08 4.64
C ASP E 72 14.84 19.41 5.21
N ASN E 73 14.29 19.80 6.36
CA ASN E 73 14.68 21.05 7.01
C ASN E 73 14.28 21.03 8.48
N HIS E 74 15.16 21.49 9.34
CA HIS E 74 14.89 21.55 10.77
C HIS E 74 15.65 22.71 11.42
N HIS E 75 15.32 23.00 12.67
CA HIS E 75 15.94 24.10 13.40
C HIS E 75 17.35 23.73 13.88
N HIS E 76 17.42 22.83 14.86
CA HIS E 76 18.68 22.36 15.45
C HIS E 76 19.37 23.45 16.26
N HIS E 77 20.17 23.05 17.22
CA HIS E 77 20.90 24.00 18.05
C HIS E 77 22.38 23.67 18.06
N HIS E 78 23.18 24.55 17.47
CA HIS E 78 24.61 24.35 17.41
C HIS E 78 25.28 25.09 18.56
N HIS E 79 26.60 25.08 18.59
CA HIS E 79 27.34 25.76 19.63
C HIS E 79 28.53 26.50 19.02
N ARG A 9 -17.54 -10.64 7.98
CA ARG A 9 -18.65 -11.06 7.11
C ARG A 9 -18.15 -11.22 5.67
N ASN A 10 -18.31 -12.42 5.12
CA ASN A 10 -17.88 -12.68 3.74
C ASN A 10 -19.08 -13.07 2.90
N SER A 11 -19.27 -12.38 1.77
CA SER A 11 -20.41 -12.66 0.91
C SER A 11 -20.07 -12.37 -0.56
N ALA A 12 -20.85 -12.97 -1.46
CA ALA A 12 -20.65 -12.80 -2.90
C ALA A 12 -22.00 -12.68 -3.59
N LYS A 13 -21.99 -12.17 -4.81
CA LYS A 13 -23.22 -11.99 -5.56
C LYS A 13 -23.20 -12.76 -6.89
N ASP A 14 -22.47 -12.22 -7.86
CA ASP A 14 -22.39 -12.83 -9.18
C ASP A 14 -20.97 -13.34 -9.45
N ILE A 15 -20.85 -14.65 -9.65
CA ILE A 15 -19.55 -15.28 -9.89
C ILE A 15 -19.64 -16.29 -11.02
N ARG A 16 -18.57 -16.39 -11.82
CA ARG A 16 -18.52 -17.34 -12.92
C ARG A 16 -17.14 -17.95 -13.06
N THR A 17 -17.08 -19.27 -13.08
CA THR A 17 -15.82 -19.99 -13.20
C THR A 17 -15.85 -20.90 -14.42
N GLU A 18 -15.03 -20.59 -15.42
CA GLU A 18 -14.99 -21.39 -16.64
C GLU A 18 -13.56 -21.82 -16.98
N GLU A 19 -13.47 -22.88 -17.77
CA GLU A 19 -12.18 -23.42 -18.22
C GLU A 19 -11.32 -23.87 -17.04
N ARG A 20 -11.73 -24.99 -16.43
CA ARG A 20 -11.02 -25.59 -15.29
C ARG A 20 -10.85 -24.61 -14.14
N ALA A 21 -11.89 -23.86 -13.84
CA ALA A 21 -11.85 -22.89 -12.76
C ALA A 21 -12.61 -23.43 -11.55
N ARG A 22 -12.23 -22.97 -10.37
CA ARG A 22 -12.87 -23.43 -9.14
C ARG A 22 -13.19 -22.26 -8.22
N VAL A 23 -14.10 -22.48 -7.29
CA VAL A 23 -14.50 -21.45 -6.33
C VAL A 23 -14.79 -22.09 -4.97
N GLN A 24 -14.34 -21.42 -3.91
CA GLN A 24 -14.57 -21.91 -2.56
C GLN A 24 -15.02 -20.75 -1.66
N LEU A 25 -16.19 -20.90 -1.06
CA LEU A 25 -16.71 -19.87 -0.18
C LEU A 25 -16.69 -20.34 1.27
N GLY A 26 -16.22 -19.49 2.16
CA GLY A 26 -16.16 -19.81 3.57
C GLY A 26 -14.90 -19.30 4.23
N ASN A 27 -14.10 -20.21 4.75
CA ASN A 27 -12.86 -19.86 5.42
C ASN A 27 -11.84 -20.96 5.20
N VAL A 28 -10.59 -20.59 5.05
CA VAL A 28 -9.54 -21.57 4.81
C VAL A 28 -8.49 -21.53 5.92
N VAL A 29 -8.50 -22.56 6.77
CA VAL A 29 -7.55 -22.65 7.86
C VAL A 29 -6.42 -23.63 7.51
N THR A 30 -5.20 -23.12 7.50
CA THR A 30 -4.04 -23.93 7.20
C THR A 30 -3.54 -24.63 8.46
N ALA A 31 -2.91 -25.78 8.29
CA ALA A 31 -2.40 -26.55 9.42
C ALA A 31 -1.28 -25.80 10.14
N ALA A 32 -0.75 -24.77 9.49
CA ALA A 32 0.30 -23.95 10.05
C ALA A 32 -0.28 -22.82 10.90
N ALA A 33 -1.59 -22.74 10.96
CA ALA A 33 -2.27 -21.71 11.73
C ALA A 33 -3.14 -22.35 12.81
N LEU A 34 -2.53 -23.22 13.60
CA LEU A 34 -3.22 -23.91 14.69
C LEU A 34 -4.28 -24.86 14.14
N HIS A 35 -5.26 -25.20 14.98
CA HIS A 35 -6.33 -26.09 14.58
C HIS A 35 -7.52 -25.28 14.08
N GLY A 36 -8.57 -25.97 13.66
CA GLY A 36 -9.75 -25.28 13.16
C GLY A 36 -10.64 -24.78 14.27
N GLY A 37 -10.16 -23.77 14.99
CA GLY A 37 -10.93 -23.18 16.07
C GLY A 37 -12.14 -22.43 15.53
N ILE A 38 -11.90 -21.63 14.50
CA ILE A 38 -12.94 -20.84 13.82
C ILE A 38 -13.45 -19.68 14.69
N ARG A 39 -13.76 -18.57 14.04
CA ARG A 39 -14.27 -17.36 14.69
C ARG A 39 -13.25 -16.78 15.65
N ILE A 40 -12.09 -16.41 15.11
CA ILE A 40 -11.04 -15.82 15.93
C ILE A 40 -11.21 -14.31 15.96
N SER A 41 -11.35 -13.70 14.79
CA SER A 41 -11.52 -12.26 14.70
C SER A 41 -12.74 -11.92 13.84
N ASP A 42 -12.55 -11.90 12.51
CA ASP A 42 -13.62 -11.58 11.55
C ASP A 42 -14.26 -10.24 11.88
N GLN A 43 -13.53 -9.18 11.63
CA GLN A 43 -14.01 -7.83 11.92
C GLN A 43 -14.11 -6.96 10.66
N THR A 44 -14.24 -7.60 9.51
CA THR A 44 -14.34 -6.86 8.26
C THR A 44 -15.39 -7.44 7.33
N THR A 45 -16.10 -6.55 6.65
CA THR A 45 -17.13 -6.94 5.70
C THR A 45 -16.53 -7.05 4.30
N ASN A 46 -16.49 -8.25 3.77
CA ASN A 46 -15.93 -8.49 2.45
C ASN A 46 -17.03 -9.00 1.53
N SER A 47 -17.39 -8.20 0.54
CA SER A 47 -18.42 -8.59 -0.40
C SER A 47 -18.08 -8.13 -1.81
N VAL A 48 -18.08 -9.07 -2.74
CA VAL A 48 -17.77 -8.78 -4.12
C VAL A 48 -19.05 -8.86 -4.96
N LYS A 49 -19.10 -8.11 -6.06
CA LYS A 49 -20.28 -8.11 -6.91
C LYS A 49 -20.15 -9.11 -8.04
N THR A 50 -19.11 -8.98 -8.86
CA THR A 50 -18.92 -9.87 -9.98
C THR A 50 -17.48 -10.39 -10.07
N VAL A 51 -17.32 -11.69 -10.21
CA VAL A 51 -16.01 -12.32 -10.34
C VAL A 51 -15.98 -13.20 -11.59
N VAL A 52 -15.02 -12.93 -12.47
CA VAL A 52 -14.88 -13.69 -13.70
C VAL A 52 -13.55 -14.46 -13.71
N GLY A 53 -13.64 -15.78 -13.76
CA GLY A 53 -12.44 -16.60 -13.79
C GLY A 53 -12.36 -17.44 -15.05
N LYS A 54 -11.31 -17.22 -15.83
CA LYS A 54 -11.12 -17.96 -17.08
C LYS A 54 -9.69 -18.45 -17.22
N GLY A 55 -9.53 -19.76 -17.39
CA GLY A 55 -8.20 -20.33 -17.56
C GLY A 55 -7.58 -20.76 -16.24
N GLU A 56 -8.14 -21.81 -15.64
CA GLU A 56 -7.66 -22.34 -14.37
C GLU A 56 -7.63 -21.26 -13.30
N SER A 57 -8.75 -20.57 -13.15
CA SER A 57 -8.86 -19.50 -12.17
C SER A 57 -9.32 -20.05 -10.83
N ARG A 58 -8.81 -19.46 -9.76
CA ARG A 58 -9.17 -19.89 -8.42
C ARG A 58 -9.84 -18.76 -7.65
N VAL A 59 -11.11 -18.93 -7.36
CA VAL A 59 -11.87 -17.91 -6.64
C VAL A 59 -12.07 -18.32 -5.18
N LEU A 60 -11.50 -17.55 -4.28
CA LEU A 60 -11.62 -17.82 -2.85
C LEU A 60 -12.46 -16.74 -2.18
N ILE A 61 -13.65 -17.11 -1.74
CA ILE A 61 -14.53 -16.16 -1.08
C ILE A 61 -14.49 -16.36 0.42
N GLY A 62 -13.71 -15.54 1.10
CA GLY A 62 -13.60 -15.65 2.53
C GLY A 62 -12.19 -15.39 3.01
N ASN A 63 -12.05 -15.09 4.29
CA ASN A 63 -10.75 -14.83 4.88
C ASN A 63 -10.00 -16.13 5.11
N GLU A 64 -8.67 -16.07 5.08
CA GLU A 64 -7.86 -17.26 5.28
C GLU A 64 -7.16 -17.22 6.62
N TYR A 65 -6.32 -18.22 6.84
CA TYR A 65 -5.54 -18.35 8.06
C TYR A 65 -4.35 -19.25 7.77
N GLY A 66 -3.20 -18.64 7.49
CA GLY A 66 -2.02 -19.42 7.17
C GLY A 66 -0.76 -18.97 7.88
N GLY A 67 0.37 -19.13 7.21
CA GLY A 67 1.64 -18.76 7.78
C GLY A 67 2.78 -18.94 6.79
N LYS A 68 3.30 -20.15 6.71
CA LYS A 68 4.39 -20.45 5.78
C LYS A 68 3.82 -20.69 4.39
N GLY A 69 3.54 -19.60 3.69
CA GLY A 69 2.99 -19.67 2.36
C GLY A 69 1.65 -18.97 2.30
N PHE A 70 1.61 -17.82 1.65
CA PHE A 70 0.39 -17.03 1.55
C PHE A 70 -0.57 -17.67 0.56
N TRP A 71 -1.33 -18.65 1.05
CA TRP A 71 -2.33 -19.38 0.26
C TRP A 71 -1.64 -20.27 -0.79
N ASP A 72 -0.96 -19.64 -1.75
CA ASP A 72 -0.28 -20.37 -2.80
C ASP A 72 0.88 -19.56 -3.35
N ASN A 73 2.05 -19.77 -2.79
CA ASN A 73 3.26 -19.07 -3.20
C ASN A 73 4.48 -19.89 -2.80
N HIS A 74 5.37 -20.12 -3.75
CA HIS A 74 6.57 -20.89 -3.49
C HIS A 74 7.71 -20.37 -4.35
N HIS A 75 8.40 -19.36 -3.85
CA HIS A 75 9.51 -18.76 -4.57
C HIS A 75 10.81 -18.91 -3.78
N HIS A 76 11.88 -19.25 -4.46
CA HIS A 76 13.17 -19.44 -3.81
C HIS A 76 14.27 -18.71 -4.58
N HIS A 77 13.88 -17.83 -5.49
CA HIS A 77 14.84 -17.08 -6.28
C HIS A 77 14.81 -15.60 -5.90
N HIS A 78 15.97 -15.04 -5.64
CA HIS A 78 16.08 -13.63 -5.28
C HIS A 78 16.25 -12.80 -6.54
N HIS A 79 15.51 -11.70 -6.62
CA HIS A 79 15.58 -10.81 -7.77
C HIS A 79 16.55 -9.66 -7.49
N ARG B 9 -13.89 -3.47 6.03
CA ARG B 9 -14.99 -3.28 5.06
C ARG B 9 -14.42 -3.05 3.67
N ASN B 10 -14.60 -4.01 2.78
CA ASN B 10 -14.10 -3.91 1.42
C ASN B 10 -15.25 -3.91 0.43
N SER B 11 -15.31 -2.89 -0.39
CA SER B 11 -16.37 -2.75 -1.37
C SER B 11 -15.82 -2.95 -2.79
N ALA B 12 -15.83 -4.20 -3.25
CA ALA B 12 -15.36 -4.51 -4.58
C ALA B 12 -16.52 -4.53 -5.57
N LYS B 13 -16.22 -4.47 -6.85
CA LYS B 13 -17.26 -4.47 -7.87
C LYS B 13 -17.07 -5.59 -8.89
N ASP B 14 -16.18 -5.37 -9.86
CA ASP B 14 -15.94 -6.35 -10.91
C ASP B 14 -14.47 -6.77 -10.93
N ILE B 15 -14.24 -8.05 -10.69
CA ILE B 15 -12.89 -8.60 -10.69
C ILE B 15 -12.75 -9.68 -11.77
N ARG B 16 -11.80 -9.51 -12.68
CA ARG B 16 -11.59 -10.46 -13.76
C ARG B 16 -10.20 -11.07 -13.66
N THR B 17 -10.13 -12.37 -13.38
CA THR B 17 -8.87 -13.06 -13.26
C THR B 17 -8.71 -14.15 -14.32
N GLU B 18 -7.76 -13.96 -15.22
CA GLU B 18 -7.52 -14.93 -16.29
C GLU B 18 -6.05 -15.34 -16.35
N GLU B 19 -5.80 -16.49 -16.99
CA GLU B 19 -4.46 -17.04 -17.17
C GLU B 19 -3.80 -17.42 -15.85
N ARG B 20 -4.26 -18.53 -15.27
CA ARG B 20 -3.69 -19.04 -14.02
C ARG B 20 -3.73 -17.98 -12.92
N ALA B 21 -4.81 -17.23 -12.88
CA ALA B 21 -4.97 -16.17 -11.90
C ALA B 21 -5.72 -16.69 -10.68
N ARG B 22 -5.45 -16.09 -9.54
CA ARG B 22 -6.08 -16.48 -8.29
C ARG B 22 -6.41 -15.24 -7.47
N VAL B 23 -7.66 -15.15 -7.04
CA VAL B 23 -8.13 -14.00 -6.26
C VAL B 23 -8.74 -14.45 -4.94
N GLN B 24 -8.41 -13.73 -3.88
CA GLN B 24 -8.93 -14.03 -2.55
C GLN B 24 -9.75 -12.86 -2.02
N LEU B 25 -10.98 -13.13 -1.67
CA LEU B 25 -11.90 -12.12 -1.14
C LEU B 25 -11.92 -12.16 0.37
N GLY B 26 -11.01 -11.44 1.00
CA GLY B 26 -10.96 -11.41 2.44
C GLY B 26 -9.61 -10.93 2.95
N ASN B 27 -9.46 -10.89 4.27
CA ASN B 27 -8.23 -10.45 4.89
C ASN B 27 -7.29 -11.63 5.10
N VAL B 28 -6.02 -11.33 5.33
CA VAL B 28 -5.01 -12.36 5.54
C VAL B 28 -4.47 -12.29 6.96
N VAL B 29 -4.41 -13.45 7.62
CA VAL B 29 -3.90 -13.53 8.98
C VAL B 29 -2.83 -14.62 9.06
N THR B 30 -1.59 -14.21 9.25
CA THR B 30 -0.50 -15.15 9.33
C THR B 30 -0.30 -15.62 10.77
N ALA B 31 0.50 -16.66 10.94
CA ALA B 31 0.80 -17.22 12.26
C ALA B 31 1.61 -16.23 13.12
N ALA B 32 2.01 -15.12 12.53
CA ALA B 32 2.78 -14.12 13.25
C ALA B 32 1.86 -13.21 14.05
N ALA B 33 0.56 -13.30 13.77
CA ALA B 33 -0.45 -12.51 14.46
C ALA B 33 -0.93 -13.22 15.71
N LEU B 34 -0.32 -14.37 15.99
CA LEU B 34 -0.68 -15.16 17.15
C LEU B 34 -0.33 -14.42 18.43
N HIS B 35 -1.35 -14.14 19.25
CA HIS B 35 -1.18 -13.44 20.52
C HIS B 35 -0.71 -12.00 20.31
N GLY B 36 -1.06 -11.42 19.16
CA GLY B 36 -0.66 -10.06 18.85
C GLY B 36 -1.81 -9.08 18.95
N GLY B 37 -1.57 -7.85 18.54
CA GLY B 37 -2.59 -6.82 18.59
C GLY B 37 -3.18 -6.54 17.23
N ILE B 38 -4.49 -6.72 17.09
CA ILE B 38 -5.17 -6.52 15.82
C ILE B 38 -5.96 -5.19 15.82
N ARG B 39 -6.32 -4.71 17.00
CA ARG B 39 -7.08 -3.48 17.11
C ARG B 39 -6.15 -2.29 17.29
N ILE B 40 -5.75 -1.67 16.19
CA ILE B 40 -4.84 -0.53 16.23
C ILE B 40 -5.56 0.75 15.79
N SER B 41 -6.75 0.96 16.31
CA SER B 41 -7.56 2.15 15.99
C SER B 41 -7.86 2.22 14.50
N ASP B 42 -8.03 1.05 13.89
CA ASP B 42 -8.33 0.96 12.47
C ASP B 42 -9.68 1.61 12.16
N GLN B 43 -9.69 2.45 11.14
CA GLN B 43 -10.90 3.15 10.74
C GLN B 43 -10.82 3.57 9.27
N THR B 44 -11.01 2.62 8.38
CA THR B 44 -10.93 2.90 6.95
C THR B 44 -11.82 1.96 6.15
N THR B 45 -12.11 2.37 4.93
CA THR B 45 -12.93 1.59 4.02
C THR B 45 -12.20 1.42 2.68
N ASN B 46 -12.01 0.19 2.27
CA ASN B 46 -11.34 -0.08 1.00
C ASN B 46 -12.36 -0.32 -0.09
N SER B 47 -12.25 0.44 -1.17
CA SER B 47 -13.20 0.32 -2.27
C SER B 47 -12.46 0.20 -3.61
N VAL B 48 -13.00 -0.60 -4.50
CA VAL B 48 -12.42 -0.80 -5.83
C VAL B 48 -13.53 -1.18 -6.80
N LYS B 49 -13.40 -0.79 -8.07
CA LYS B 49 -14.42 -1.10 -9.04
C LYS B 49 -13.99 -2.23 -9.98
N THR B 50 -13.14 -1.94 -10.95
CA THR B 50 -12.72 -2.96 -11.90
C THR B 50 -11.27 -3.39 -11.68
N VAL B 51 -11.10 -4.67 -11.39
CA VAL B 51 -9.78 -5.23 -11.18
C VAL B 51 -9.47 -6.22 -12.29
N VAL B 52 -8.55 -5.86 -13.17
CA VAL B 52 -8.18 -6.71 -14.29
C VAL B 52 -6.82 -7.37 -14.03
N GLY B 53 -6.83 -8.69 -13.97
CA GLY B 53 -5.60 -9.43 -13.73
C GLY B 53 -5.37 -10.47 -14.81
N LYS B 54 -4.16 -10.52 -15.34
CA LYS B 54 -3.83 -11.47 -16.40
C LYS B 54 -2.40 -11.98 -16.29
N GLY B 55 -2.26 -13.29 -16.18
CA GLY B 55 -0.93 -13.89 -16.09
C GLY B 55 -0.46 -14.10 -14.67
N GLU B 56 -0.96 -15.17 -14.04
CA GLU B 56 -0.62 -15.52 -12.66
C GLU B 56 -0.89 -14.35 -11.72
N SER B 57 -1.96 -13.64 -12.02
CA SER B 57 -2.38 -12.48 -11.26
C SER B 57 -2.79 -12.86 -9.84
N ARG B 58 -2.47 -11.99 -8.90
CA ARG B 58 -2.81 -12.20 -7.50
C ARG B 58 -3.58 -11.00 -6.98
N VAL B 59 -4.89 -11.18 -6.84
CA VAL B 59 -5.75 -10.12 -6.37
C VAL B 59 -6.14 -10.37 -4.91
N LEU B 60 -5.70 -9.47 -4.04
CA LEU B 60 -6.00 -9.58 -2.62
C LEU B 60 -6.97 -8.48 -2.22
N ILE B 61 -8.18 -8.86 -1.86
CA ILE B 61 -9.18 -7.89 -1.45
C ILE B 61 -9.31 -7.87 0.06
N GLY B 62 -8.40 -7.15 0.71
CA GLY B 62 -8.43 -7.06 2.15
C GLY B 62 -7.08 -6.66 2.72
N ASN B 63 -7.02 -6.52 4.04
CA ASN B 63 -5.79 -6.14 4.71
C ASN B 63 -5.03 -7.39 5.14
N GLU B 64 -3.74 -7.25 5.40
CA GLU B 64 -2.93 -8.38 5.80
C GLU B 64 -2.26 -8.10 7.14
N TYR B 65 -1.61 -9.12 7.67
CA TYR B 65 -0.91 -9.04 8.94
C TYR B 65 0.36 -9.87 8.84
N GLY B 66 1.35 -9.33 8.14
CA GLY B 66 2.61 -10.02 7.98
C GLY B 66 3.62 -9.71 9.07
N GLY B 67 4.85 -9.52 8.66
CA GLY B 67 5.92 -9.23 9.60
C GLY B 67 7.27 -9.61 9.04
N LYS B 68 7.38 -10.83 8.55
CA LYS B 68 8.63 -11.31 7.96
C LYS B 68 8.63 -11.03 6.45
N GLY B 69 7.57 -10.37 6.01
CA GLY B 69 7.42 -10.03 4.61
C GLY B 69 6.14 -9.25 4.40
N PHE B 70 6.02 -8.60 3.25
CA PHE B 70 4.84 -7.83 2.94
C PHE B 70 4.02 -8.56 1.87
N TRP B 71 3.31 -9.59 2.29
CA TRP B 71 2.48 -10.43 1.40
C TRP B 71 3.37 -11.28 0.46
N ASP B 72 4.35 -10.65 -0.17
CA ASP B 72 5.25 -11.34 -1.09
C ASP B 72 6.69 -11.28 -0.55
N ASN B 73 7.61 -11.90 -1.27
CA ASN B 73 9.02 -11.90 -0.85
C ASN B 73 9.83 -10.91 -1.70
N HIS B 74 10.39 -9.91 -1.04
CA HIS B 74 11.19 -8.89 -1.70
C HIS B 74 12.40 -8.53 -0.85
N HIS B 75 13.57 -8.50 -1.48
CA HIS B 75 14.81 -8.18 -0.79
C HIS B 75 15.84 -7.67 -1.79
N HIS B 76 16.29 -6.43 -1.62
CA HIS B 76 17.28 -5.86 -2.52
C HIS B 76 18.40 -5.17 -1.76
N HIS B 77 19.28 -4.48 -2.47
CA HIS B 77 20.42 -3.81 -1.85
C HIS B 77 20.26 -2.29 -1.90
N HIS B 78 20.60 -1.64 -0.78
CA HIS B 78 20.51 -0.19 -0.67
C HIS B 78 21.87 0.47 -0.91
N HIS B 79 21.88 1.79 -1.04
CA HIS B 79 23.12 2.51 -1.28
C HIS B 79 23.46 3.39 -0.08
N ARG C 9 -10.29 6.88 4.07
CA ARG C 9 -10.58 5.62 3.35
C ARG C 9 -9.82 5.58 2.02
N ASN C 10 -9.86 4.44 1.36
CA ASN C 10 -9.17 4.26 0.08
C ASN C 10 -10.14 3.74 -0.98
N SER C 11 -10.19 4.43 -2.11
CA SER C 11 -11.09 4.05 -3.19
C SER C 11 -10.37 4.09 -4.55
N ALA C 12 -10.54 3.03 -5.33
CA ALA C 12 -9.93 2.94 -6.65
C ALA C 12 -10.98 2.56 -7.69
N LYS C 13 -10.75 2.95 -8.94
CA LYS C 13 -11.70 2.63 -10.00
C LYS C 13 -11.19 1.47 -10.88
N ASP C 14 -10.25 1.77 -11.78
CA ASP C 14 -9.74 0.76 -12.69
C ASP C 14 -8.28 0.42 -12.39
N ILE C 15 -8.05 -0.83 -12.04
CA ILE C 15 -6.71 -1.31 -11.73
C ILE C 15 -6.32 -2.44 -12.68
N ARG C 16 -5.27 -2.22 -13.44
CA ARG C 16 -4.79 -3.21 -14.40
C ARG C 16 -3.49 -3.85 -13.92
N THR C 17 -3.52 -5.15 -13.66
CA THR C 17 -2.35 -5.87 -13.20
C THR C 17 -2.12 -7.13 -14.01
N GLU C 18 -1.18 -7.08 -14.93
CA GLU C 18 -0.89 -8.22 -15.78
C GLU C 18 0.61 -8.48 -15.85
N GLU C 19 0.96 -9.68 -16.33
CA GLU C 19 2.36 -10.11 -16.48
C GLU C 19 3.04 -10.21 -15.11
N ARG C 20 2.65 -11.23 -14.34
CA ARG C 20 3.22 -11.46 -13.02
C ARG C 20 3.05 -10.23 -12.14
N ALA C 21 1.80 -9.89 -11.84
CA ALA C 21 1.51 -8.71 -11.02
C ALA C 21 0.59 -9.08 -9.88
N ARG C 22 0.51 -8.21 -8.88
CA ARG C 22 -0.33 -8.43 -7.72
C ARG C 22 -0.81 -7.11 -7.15
N VAL C 23 -2.05 -7.09 -6.66
CA VAL C 23 -2.64 -5.89 -6.10
C VAL C 23 -3.39 -6.23 -4.81
N GLN C 24 -3.19 -5.41 -3.79
CA GLN C 24 -3.84 -5.60 -2.50
C GLN C 24 -4.73 -4.41 -2.16
N LEU C 25 -6.00 -4.69 -1.94
CA LEU C 25 -6.97 -3.66 -1.59
C LEU C 25 -7.15 -3.61 -0.08
N GLY C 26 -6.18 -3.02 0.61
CA GLY C 26 -6.26 -2.92 2.05
C GLY C 26 -4.99 -2.38 2.65
N ASN C 27 -5.06 -2.07 3.93
CA ASN C 27 -3.91 -1.54 4.66
C ASN C 27 -2.98 -2.68 5.08
N VAL C 28 -1.76 -2.35 5.44
CA VAL C 28 -0.78 -3.35 5.84
C VAL C 28 -0.41 -3.17 7.31
N VAL C 29 -0.67 -4.21 8.10
CA VAL C 29 -0.38 -4.18 9.53
C VAL C 29 0.71 -5.20 9.85
N THR C 30 1.89 -4.71 10.17
CA THR C 30 3.00 -5.59 10.51
C THR C 30 2.89 -6.07 11.94
N ALA C 31 3.63 -7.12 12.29
CA ALA C 31 3.61 -7.69 13.63
C ALA C 31 4.24 -6.74 14.67
N ALA C 32 4.65 -5.56 14.22
CA ALA C 32 5.25 -4.57 15.11
C ALA C 32 4.22 -3.51 15.50
N ALA C 33 3.04 -3.60 14.90
CA ALA C 33 1.96 -2.65 15.18
C ALA C 33 1.18 -3.09 16.42
N LEU C 34 1.76 -2.84 17.58
CA LEU C 34 1.14 -3.20 18.85
C LEU C 34 0.74 -1.95 19.62
N HIS C 35 0.73 -0.82 18.92
CA HIS C 35 0.37 0.45 19.53
C HIS C 35 -0.82 1.05 18.83
N GLY C 36 -1.95 1.10 19.52
CA GLY C 36 -3.15 1.64 18.93
C GLY C 36 -4.26 1.77 19.95
N GLY C 37 -5.31 1.00 19.77
CA GLY C 37 -6.43 1.04 20.68
C GLY C 37 -7.73 1.24 19.94
N ILE C 38 -8.50 2.24 20.35
CA ILE C 38 -9.78 2.52 19.72
C ILE C 38 -10.15 4.00 19.86
N ARG C 39 -10.33 4.67 18.72
CA ARG C 39 -10.69 6.07 18.69
C ARG C 39 -11.13 6.47 17.28
N ILE C 40 -12.24 7.18 17.19
CA ILE C 40 -12.76 7.61 15.91
C ILE C 40 -12.54 9.11 15.72
N SER C 41 -12.03 9.49 14.56
CA SER C 41 -11.78 10.89 14.26
C SER C 41 -11.54 11.07 12.76
N ASP C 42 -11.08 12.26 12.36
CA ASP C 42 -10.81 12.58 10.97
C ASP C 42 -9.87 11.54 10.35
N GLN C 43 -10.13 11.20 9.10
CA GLN C 43 -9.33 10.21 8.39
C GLN C 43 -8.91 10.77 7.04
N THR C 44 -7.72 10.40 6.59
CA THR C 44 -7.23 10.86 5.31
C THR C 44 -7.94 10.12 4.18
N THR C 45 -8.09 10.79 3.06
CA THR C 45 -8.77 10.19 1.93
C THR C 45 -7.83 10.03 0.73
N ASN C 46 -7.79 8.82 0.19
CA ASN C 46 -6.95 8.51 -0.95
C ASN C 46 -7.76 7.81 -2.02
N SER C 47 -7.67 8.30 -3.25
CA SER C 47 -8.40 7.71 -4.36
C SER C 47 -7.59 7.75 -5.64
N VAL C 48 -7.83 6.79 -6.52
CA VAL C 48 -7.11 6.72 -7.80
C VAL C 48 -8.08 6.31 -8.91
N LYS C 49 -7.85 6.86 -10.10
CA LYS C 49 -8.71 6.58 -11.25
C LYS C 49 -8.25 5.35 -12.03
N THR C 50 -7.09 5.44 -12.66
CA THR C 50 -6.58 4.34 -13.46
C THR C 50 -5.14 3.98 -13.12
N VAL C 51 -4.92 2.72 -12.78
CA VAL C 51 -3.60 2.22 -12.45
C VAL C 51 -3.21 1.13 -13.45
N VAL C 52 -2.08 1.31 -14.12
CA VAL C 52 -1.61 0.33 -15.10
C VAL C 52 -0.30 -0.30 -14.66
N GLY C 53 -0.33 -1.59 -14.39
CA GLY C 53 0.86 -2.28 -13.98
C GLY C 53 1.24 -3.38 -14.96
N LYS C 54 2.46 -3.30 -15.50
CA LYS C 54 2.92 -4.28 -16.46
C LYS C 54 4.34 -4.76 -16.13
N GLY C 55 4.48 -6.07 -15.94
CA GLY C 55 5.78 -6.63 -15.65
C GLY C 55 6.22 -6.46 -14.20
N GLU C 56 5.88 -7.45 -13.37
CA GLU C 56 6.26 -7.43 -11.96
C GLU C 56 5.77 -6.16 -11.27
N SER C 57 4.51 -5.83 -11.48
CA SER C 57 3.94 -4.63 -10.88
C SER C 57 3.32 -4.97 -9.52
N ARG C 58 3.28 -3.97 -8.66
CA ARG C 58 2.73 -4.14 -7.32
C ARG C 58 1.88 -2.92 -6.95
N VAL C 59 0.60 -3.14 -6.75
CA VAL C 59 -0.31 -2.06 -6.40
C VAL C 59 -0.81 -2.19 -4.97
N LEU C 60 -0.61 -1.15 -4.17
CA LEU C 60 -1.03 -1.14 -2.78
C LEU C 60 -2.02 -0.01 -2.56
N ILE C 61 -3.26 -0.35 -2.28
CA ILE C 61 -4.29 0.64 -2.03
C ILE C 61 -4.64 0.68 -0.55
N GLY C 62 -3.93 1.52 0.19
CA GLY C 62 -4.16 1.63 1.61
C GLY C 62 -2.96 2.23 2.32
N ASN C 63 -2.97 2.22 3.64
CA ASN C 63 -1.86 2.75 4.40
C ASN C 63 -0.98 1.63 4.94
N GLU C 64 0.27 1.93 5.21
CA GLU C 64 1.20 0.94 5.71
C GLU C 64 1.78 1.36 7.05
N TYR C 65 1.93 0.40 7.96
CA TYR C 65 2.51 0.66 9.26
C TYR C 65 3.61 -0.35 9.53
N GLY C 66 4.85 0.11 9.59
CA GLY C 66 5.95 -0.78 9.85
C GLY C 66 7.23 -0.05 10.23
N GLY C 67 8.17 -0.77 10.80
CA GLY C 67 9.43 -0.16 11.19
C GLY C 67 10.57 -0.63 10.31
N LYS C 68 10.24 -1.47 9.34
CA LYS C 68 11.23 -2.04 8.42
C LYS C 68 11.44 -1.10 7.23
N GLY C 69 11.41 0.20 7.50
CA GLY C 69 11.57 1.18 6.45
C GLY C 69 10.23 1.54 5.84
N PHE C 70 9.77 0.73 4.90
CA PHE C 70 8.50 0.94 4.24
C PHE C 70 8.08 -0.34 3.52
N TRP C 71 7.07 -0.23 2.65
CA TRP C 71 6.56 -1.37 1.88
C TRP C 71 7.67 -2.26 1.33
N ASP C 72 8.67 -1.67 0.69
CA ASP C 72 9.75 -2.46 0.13
C ASP C 72 11.11 -1.98 0.63
N ASN C 73 12.07 -2.89 0.65
CA ASN C 73 13.42 -2.57 1.12
C ASN C 73 14.39 -2.43 -0.05
N HIS C 74 14.40 -1.27 -0.67
CA HIS C 74 15.28 -1.02 -1.80
C HIS C 74 16.36 0.00 -1.46
N HIS C 75 15.95 1.19 -1.01
CA HIS C 75 16.90 2.25 -0.68
C HIS C 75 16.58 2.90 0.66
N HIS C 76 17.48 3.79 1.09
CA HIS C 76 17.36 4.55 2.33
C HIS C 76 17.10 3.67 3.54
N HIS C 77 18.18 3.21 4.16
CA HIS C 77 18.09 2.38 5.33
C HIS C 77 18.20 3.26 6.58
N HIS C 78 18.11 2.65 7.75
CA HIS C 78 18.21 3.37 9.01
C HIS C 78 19.58 4.03 9.16
N HIS C 79 19.59 5.35 9.09
CA HIS C 79 20.83 6.11 9.24
C HIS C 79 20.88 6.73 10.62
N ARG D 9 -8.00 13.48 0.23
CA ARG D 9 -7.25 14.66 -0.26
C ARG D 9 -6.30 14.26 -1.37
N ASN D 10 -5.38 13.36 -1.06
CA ASN D 10 -4.43 12.90 -2.06
C ASN D 10 -5.09 11.95 -3.04
N SER D 11 -5.26 12.41 -4.26
CA SER D 11 -5.90 11.61 -5.29
C SER D 11 -5.07 11.64 -6.57
N ALA D 12 -5.10 10.52 -7.30
CA ALA D 12 -4.34 10.42 -8.55
C ALA D 12 -5.23 9.98 -9.70
N LYS D 13 -4.98 10.51 -10.87
CA LYS D 13 -5.77 10.16 -12.05
C LYS D 13 -5.17 8.97 -12.79
N ASP D 14 -4.07 9.19 -13.49
CA ASP D 14 -3.43 8.14 -14.26
C ASP D 14 -2.05 7.78 -13.73
N ILE D 15 -1.89 6.52 -13.34
CA ILE D 15 -0.61 6.04 -12.82
C ILE D 15 -0.17 4.81 -13.61
N ARG D 16 0.99 4.89 -14.23
CA ARG D 16 1.50 3.76 -15.01
C ARG D 16 2.82 3.25 -14.39
N THR D 17 2.78 2.02 -13.88
CA THR D 17 3.94 1.41 -13.25
C THR D 17 4.35 0.15 -14.01
N GLU D 18 5.39 0.28 -14.84
CA GLU D 18 5.86 -0.85 -15.64
C GLU D 18 7.32 -1.21 -15.29
N GLU D 19 7.62 -2.51 -15.42
CA GLU D 19 8.95 -3.06 -15.16
C GLU D 19 9.38 -2.87 -13.69
N ARG D 20 8.95 -3.81 -12.83
CA ARG D 20 9.31 -3.80 -11.40
C ARG D 20 8.69 -2.65 -10.61
N ALA D 21 8.08 -1.71 -11.31
CA ALA D 21 7.47 -0.55 -10.67
C ALA D 21 6.38 -0.93 -9.67
N ARG D 22 6.23 -0.11 -8.65
CA ARG D 22 5.23 -0.32 -7.60
C ARG D 22 4.58 1.01 -7.23
N VAL D 23 3.35 0.95 -6.73
CA VAL D 23 2.64 2.17 -6.35
C VAL D 23 1.76 1.94 -5.12
N GLN D 24 1.72 2.93 -4.24
CA GLN D 24 0.91 2.85 -3.04
C GLN D 24 0.06 4.11 -2.90
N LEU D 25 -1.22 3.92 -2.59
CA LEU D 25 -2.15 5.03 -2.43
C LEU D 25 -2.64 5.11 -0.99
N GLY D 26 -2.01 5.95 -0.19
CA GLY D 26 -2.39 6.11 1.19
C GLY D 26 -1.41 6.96 1.97
N ASN D 27 -0.83 6.37 3.00
CA ASN D 27 0.13 7.06 3.86
C ASN D 27 1.07 6.06 4.48
N VAL D 28 2.23 6.54 4.89
CA VAL D 28 3.24 5.68 5.49
C VAL D 28 3.48 6.05 6.95
N VAL D 29 3.05 5.19 7.86
CA VAL D 29 3.24 5.42 9.28
C VAL D 29 4.23 4.40 9.83
N THR D 30 5.37 4.88 10.27
CA THR D 30 6.39 4.01 10.81
C THR D 30 6.06 3.59 12.23
N ALA D 31 6.74 2.55 12.71
CA ALA D 31 6.52 2.06 14.06
C ALA D 31 7.11 3.00 15.11
N ALA D 32 7.79 4.03 14.64
CA ALA D 32 8.40 5.01 15.53
C ALA D 32 7.43 6.14 15.87
N ALA D 33 6.16 5.92 15.55
CA ALA D 33 5.13 6.91 15.81
C ALA D 33 4.04 6.34 16.70
N LEU D 34 4.05 6.74 17.95
CA LEU D 34 3.06 6.28 18.92
C LEU D 34 1.92 7.30 19.02
N HIS D 35 1.14 7.23 20.09
CA HIS D 35 0.03 8.15 20.27
C HIS D 35 0.52 9.51 20.76
N GLY D 36 0.86 10.37 19.80
CA GLY D 36 1.31 11.71 20.13
C GLY D 36 1.10 12.66 18.96
N GLY D 37 -0.09 12.61 18.40
CA GLY D 37 -0.41 13.45 17.26
C GLY D 37 -0.45 12.63 15.98
N ILE D 38 -0.69 11.33 16.13
CA ILE D 38 -0.73 10.40 15.01
C ILE D 38 -1.91 10.66 14.08
N ARG D 39 -2.92 11.37 14.58
CA ARG D 39 -4.09 11.69 13.78
C ARG D 39 -3.91 13.04 13.08
N ILE D 40 -2.92 13.11 12.21
CA ILE D 40 -2.63 14.34 11.46
C ILE D 40 -3.83 14.75 10.62
N SER D 41 -4.61 13.77 10.19
CA SER D 41 -5.79 14.00 9.37
C SER D 41 -5.40 14.53 7.98
N ASP D 42 -6.38 15.01 7.23
CA ASP D 42 -6.14 15.55 5.90
C ASP D 42 -5.57 16.96 6.00
N GLN D 43 -4.26 17.09 5.83
CA GLN D 43 -3.61 18.39 5.92
C GLN D 43 -3.72 19.15 4.60
N THR D 44 -3.01 18.71 3.59
CA THR D 44 -3.03 19.37 2.30
C THR D 44 -3.69 18.48 1.25
N THR D 45 -4.14 19.09 0.16
CA THR D 45 -4.78 18.38 -0.90
C THR D 45 -3.85 18.26 -2.11
N ASN D 46 -3.16 17.13 -2.23
CA ASN D 46 -2.27 16.92 -3.36
C ASN D 46 -2.97 16.12 -4.43
N SER D 47 -3.05 16.69 -5.62
CA SER D 47 -3.71 16.03 -6.74
C SER D 47 -2.79 15.98 -7.96
N VAL D 48 -2.58 14.79 -8.48
CA VAL D 48 -1.74 14.61 -9.65
C VAL D 48 -2.57 13.96 -10.77
N LYS D 49 -2.32 14.36 -12.00
CA LYS D 49 -3.08 13.85 -13.13
C LYS D 49 -2.37 12.69 -13.85
N THR D 50 -1.10 12.86 -14.20
CA THR D 50 -0.39 11.81 -14.92
C THR D 50 0.95 11.45 -14.28
N VAL D 51 1.10 10.18 -13.91
CA VAL D 51 2.33 9.67 -13.32
C VAL D 51 2.82 8.45 -14.10
N VAL D 52 4.06 8.49 -14.56
CA VAL D 52 4.63 7.39 -15.32
C VAL D 52 5.92 6.88 -14.66
N GLY D 53 5.97 5.58 -14.43
CA GLY D 53 7.15 4.98 -13.82
C GLY D 53 7.64 3.79 -14.62
N LYS D 54 8.85 3.88 -15.13
CA LYS D 54 9.43 2.79 -15.92
C LYS D 54 10.83 2.43 -15.43
N GLY D 55 11.00 1.17 -15.05
CA GLY D 55 12.29 0.71 -14.59
C GLY D 55 12.42 0.77 -13.08
N GLU D 56 11.63 -0.04 -12.39
CA GLU D 56 11.64 -0.10 -10.92
C GLU D 56 11.36 1.26 -10.30
N SER D 57 10.23 1.85 -10.68
CA SER D 57 9.83 3.14 -10.14
C SER D 57 8.96 2.95 -8.91
N ARG D 58 8.93 3.96 -8.06
CA ARG D 58 8.13 3.91 -6.84
C ARG D 58 7.23 5.14 -6.75
N VAL D 59 5.94 4.92 -6.91
CA VAL D 59 4.98 6.00 -6.85
C VAL D 59 4.26 6.03 -5.51
N LEU D 60 4.51 7.08 -4.74
CA LEU D 60 3.89 7.23 -3.44
C LEU D 60 2.99 8.47 -3.42
N ILE D 61 1.69 8.25 -3.44
CA ILE D 61 0.74 9.35 -3.41
C ILE D 61 0.17 9.51 -2.01
N GLY D 62 0.97 10.01 -1.09
CA GLY D 62 0.53 10.20 0.27
C GLY D 62 1.57 10.88 1.12
N ASN D 63 1.34 10.88 2.43
CA ASN D 63 2.27 11.51 3.36
C ASN D 63 2.92 10.46 4.26
N GLU D 64 3.97 10.86 4.96
CA GLU D 64 4.67 9.95 5.86
C GLU D 64 4.73 10.51 7.27
N TYR D 65 4.69 9.63 8.25
CA TYR D 65 4.75 10.01 9.65
C TYR D 65 5.68 9.07 10.43
N GLY D 66 6.87 9.54 10.77
CA GLY D 66 7.79 8.70 11.51
C GLY D 66 9.19 9.27 11.58
N GLY D 67 10.03 8.61 12.35
CA GLY D 67 11.39 9.05 12.53
C GLY D 67 12.37 8.35 11.61
N LYS D 68 11.99 8.18 10.34
CA LYS D 68 12.84 7.53 9.37
C LYS D 68 13.70 8.58 8.66
N GLY D 69 13.26 9.82 8.72
CA GLY D 69 13.97 10.90 8.08
C GLY D 69 13.37 11.22 6.73
N PHE D 70 13.10 10.17 5.98
CA PHE D 70 12.51 10.28 4.66
C PHE D 70 12.08 8.90 4.15
N TRP D 71 10.95 8.86 3.46
CA TRP D 71 10.42 7.62 2.91
C TRP D 71 11.46 6.90 2.03
N ASP D 72 11.83 7.53 0.93
CA ASP D 72 12.79 6.93 0.01
C ASP D 72 13.73 8.00 -0.53
N ASN D 73 14.97 7.95 -0.09
CA ASN D 73 15.98 8.91 -0.54
C ASN D 73 17.26 8.17 -0.93
N HIS D 74 18.15 8.85 -1.63
CA HIS D 74 19.41 8.25 -2.06
C HIS D 74 20.52 8.48 -1.05
N HIS D 75 20.89 9.74 -0.85
CA HIS D 75 21.96 10.09 0.09
C HIS D 75 21.55 11.30 0.93
N HIS D 76 22.50 11.85 1.67
CA HIS D 76 22.25 13.02 2.52
C HIS D 76 22.86 14.26 1.88
N HIS D 77 23.12 15.28 2.69
CA HIS D 77 23.69 16.51 2.18
C HIS D 77 25.18 16.32 1.88
N HIS D 78 25.56 16.55 0.63
CA HIS D 78 26.94 16.40 0.21
C HIS D 78 27.37 17.61 -0.62
N HIS D 79 28.57 17.55 -1.16
CA HIS D 79 29.09 18.64 -1.98
C HIS D 79 28.51 18.57 -3.37
N ARG E 9 -1.99 24.22 -1.36
CA ARG E 9 -2.15 22.81 -1.80
C ARG E 9 -1.09 22.45 -2.81
N ASN E 10 -0.96 21.16 -3.10
CA ASN E 10 0.02 20.69 -4.07
C ASN E 10 -0.69 20.10 -5.28
N SER E 11 -0.22 20.46 -6.47
CA SER E 11 -0.82 19.96 -7.69
C SER E 11 0.26 19.71 -8.75
N ALA E 12 0.13 18.59 -9.44
CA ALA E 12 1.07 18.23 -10.49
C ALA E 12 0.33 17.76 -11.73
N LYS E 13 0.89 18.05 -12.90
CA LYS E 13 0.26 17.67 -14.16
C LYS E 13 0.81 16.35 -14.69
N ASP E 14 2.06 16.38 -15.13
CA ASP E 14 2.71 15.20 -15.70
C ASP E 14 4.05 14.91 -15.04
N ILE E 15 4.20 13.70 -14.53
CA ILE E 15 5.45 13.29 -13.88
C ILE E 15 5.96 11.99 -14.49
N ARG E 16 7.16 12.03 -15.04
CA ARG E 16 7.76 10.85 -15.65
C ARG E 16 9.03 10.42 -14.91
N THR E 17 8.97 9.23 -14.34
CA THR E 17 10.09 8.67 -13.61
C THR E 17 10.66 7.46 -14.35
N GLU E 18 11.86 7.61 -14.87
CA GLU E 18 12.49 6.52 -15.63
C GLU E 18 13.83 6.11 -15.04
N GLU E 19 14.06 4.78 -15.01
CA GLU E 19 15.31 4.20 -14.52
C GLU E 19 15.54 4.45 -13.03
N ARG E 20 14.99 3.54 -12.21
CA ARG E 20 15.10 3.59 -10.75
C ARG E 20 14.78 4.97 -10.19
N ALA E 21 13.72 5.56 -10.69
CA ALA E 21 13.31 6.87 -10.21
C ALA E 21 12.19 6.72 -9.18
N ARG E 22 11.98 7.75 -8.39
CA ARG E 22 10.96 7.72 -7.36
C ARG E 22 10.18 9.03 -7.35
N VAL E 23 8.91 8.93 -6.99
CA VAL E 23 8.04 10.09 -6.94
C VAL E 23 7.16 10.03 -5.68
N GLN E 24 7.28 11.05 -4.84
CA GLN E 24 6.52 11.14 -3.61
C GLN E 24 5.80 12.47 -3.53
N LEU E 25 4.48 12.41 -3.45
CA LEU E 25 3.68 13.63 -3.37
C LEU E 25 2.93 13.68 -2.05
N GLY E 26 3.34 14.59 -1.17
CA GLY E 26 2.70 14.73 0.11
C GLY E 26 3.58 15.46 1.10
N ASN E 27 3.15 15.51 2.35
CA ASN E 27 3.91 16.19 3.40
C ASN E 27 4.72 15.21 4.21
N VAL E 28 5.93 15.58 4.54
CA VAL E 28 6.82 14.73 5.34
C VAL E 28 6.79 15.17 6.80
N VAL E 29 6.47 14.23 7.69
CA VAL E 29 6.41 14.54 9.12
C VAL E 29 7.30 13.58 9.92
N THR E 30 8.29 14.14 10.59
CA THR E 30 9.20 13.34 11.40
C THR E 30 8.50 12.84 12.67
N ALA E 31 9.20 12.00 13.43
CA ALA E 31 8.67 11.42 14.67
C ALA E 31 8.41 12.51 15.70
N ALA E 32 9.20 13.58 15.65
CA ALA E 32 9.05 14.68 16.58
C ALA E 32 7.77 15.44 16.34
N ALA E 33 7.22 15.28 15.12
CA ALA E 33 5.98 15.94 14.71
C ALA E 33 6.11 17.46 14.82
N LEU E 34 4.98 18.15 14.88
CA LEU E 34 4.97 19.59 14.99
C LEU E 34 4.80 20.00 16.45
N HIS E 35 5.73 20.80 16.95
CA HIS E 35 5.66 21.25 18.34
C HIS E 35 4.68 22.41 18.45
N GLY E 36 3.41 22.08 18.62
CA GLY E 36 2.38 23.09 18.72
C GLY E 36 1.51 23.09 17.50
N GLY E 37 0.93 24.23 17.17
CA GLY E 37 0.09 24.31 15.99
C GLY E 37 -1.23 23.59 16.20
N ILE E 38 -2.15 24.24 16.89
CA ILE E 38 -3.46 23.66 17.17
C ILE E 38 -4.30 23.64 15.90
N ARG E 39 -4.06 24.60 15.03
CA ARG E 39 -4.81 24.70 13.79
C ARG E 39 -3.87 24.63 12.58
N ILE E 40 -3.38 23.44 12.30
CA ILE E 40 -2.51 23.24 11.16
C ILE E 40 -3.36 23.11 9.90
N SER E 41 -3.09 23.94 8.91
CA SER E 41 -3.86 23.94 7.67
C SER E 41 -2.98 24.19 6.45
N ASP E 42 -3.61 24.20 5.28
CA ASP E 42 -2.91 24.42 4.03
C ASP E 42 -2.76 25.92 3.75
N GLN E 43 -1.54 26.34 3.41
CA GLN E 43 -1.28 27.75 3.12
C GLN E 43 -0.52 27.91 1.80
N THR E 44 0.65 27.28 1.70
CA THR E 44 1.46 27.38 0.49
C THR E 44 0.81 26.62 -0.67
N THR E 45 0.87 27.22 -1.86
CA THR E 45 0.31 26.62 -3.05
C THR E 45 1.44 26.28 -4.04
N ASN E 46 1.66 24.99 -4.21
CA ASN E 46 2.72 24.52 -5.11
C ASN E 46 2.15 23.69 -6.24
N SER E 47 2.39 24.13 -7.45
CA SER E 47 1.92 23.44 -8.63
C SER E 47 3.01 23.38 -9.69
N VAL E 48 3.22 22.19 -10.23
CA VAL E 48 4.23 21.97 -11.25
C VAL E 48 3.58 21.35 -12.49
N LYS E 49 4.14 21.63 -13.67
CA LYS E 49 3.60 21.10 -14.91
C LYS E 49 4.17 19.73 -15.25
N THR E 50 5.29 19.71 -15.96
CA THR E 50 5.91 18.45 -16.35
C THR E 50 7.22 18.22 -15.62
N VAL E 51 7.33 17.07 -14.96
CA VAL E 51 8.53 16.70 -14.23
C VAL E 51 9.15 15.46 -14.86
N VAL E 52 10.27 15.64 -15.52
CA VAL E 52 10.95 14.54 -16.18
C VAL E 52 12.22 14.15 -15.44
N GLY E 53 12.29 12.90 -15.01
CA GLY E 53 13.46 12.41 -14.31
C GLY E 53 13.87 11.04 -14.79
N LYS E 54 14.99 10.98 -15.51
CA LYS E 54 15.48 9.72 -16.03
C LYS E 54 16.88 9.43 -15.48
N GLY E 55 17.01 8.27 -14.84
CA GLY E 55 18.29 7.87 -14.28
C GLY E 55 18.48 8.40 -12.88
N GLU E 56 17.79 7.77 -11.92
CA GLU E 56 17.86 8.16 -10.51
C GLU E 56 17.38 9.61 -10.32
N SER E 57 16.10 9.75 -10.02
CA SER E 57 15.51 11.06 -9.82
C SER E 57 14.54 11.02 -8.64
N ARG E 58 14.52 12.09 -7.85
CA ARG E 58 13.64 12.17 -6.68
C ARG E 58 12.61 13.27 -6.85
N VAL E 59 11.41 12.88 -7.27
CA VAL E 59 10.32 13.83 -7.45
C VAL E 59 9.55 13.98 -6.16
N LEU E 60 9.76 15.07 -5.46
CA LEU E 60 9.08 15.32 -4.20
C LEU E 60 8.18 16.55 -4.31
N ILE E 61 6.87 16.33 -4.21
CA ILE E 61 5.91 17.41 -4.30
C ILE E 61 5.10 17.49 -3.01
N GLY E 62 5.38 18.51 -2.20
CA GLY E 62 4.67 18.67 -0.95
C GLY E 62 5.38 19.61 0.00
N ASN E 63 5.63 19.13 1.21
CA ASN E 63 6.30 19.92 2.23
C ASN E 63 7.33 19.08 2.97
N GLU E 64 8.53 19.60 3.06
CA GLU E 64 9.63 18.89 3.73
C GLU E 64 9.74 19.28 5.20
N TYR E 65 10.00 18.28 6.04
CA TYR E 65 10.14 18.48 7.47
C TYR E 65 10.63 17.19 8.14
N GLY E 66 11.94 17.06 8.28
CA GLY E 66 12.49 15.86 8.89
C GLY E 66 13.52 16.16 9.96
N GLY E 67 14.76 16.31 9.55
CA GLY E 67 15.83 16.59 10.47
C GLY E 67 17.15 15.99 10.02
N LYS E 68 17.41 16.02 8.72
CA LYS E 68 18.65 15.48 8.17
C LYS E 68 19.41 16.55 7.40
N GLY E 69 18.89 16.98 6.26
CA GLY E 69 19.55 18.00 5.48
C GLY E 69 19.50 17.77 3.98
N PHE E 70 18.69 16.81 3.55
CA PHE E 70 18.56 16.52 2.12
C PHE E 70 17.11 16.28 1.78
N TRP E 71 16.51 17.24 1.07
CA TRP E 71 15.09 17.18 0.69
C TRP E 71 14.27 17.40 1.97
N ASP E 72 14.95 17.92 2.98
CA ASP E 72 14.37 18.18 4.27
C ASP E 72 15.26 19.17 5.04
N ASN E 73 14.78 19.64 6.18
CA ASN E 73 15.53 20.57 7.01
C ASN E 73 14.85 20.78 8.35
N HIS E 74 15.61 21.24 9.33
CA HIS E 74 15.10 21.51 10.67
C HIS E 74 15.99 22.55 11.34
N HIS E 75 15.71 22.90 12.59
CA HIS E 75 16.52 23.89 13.28
C HIS E 75 17.67 23.27 14.07
N HIS E 76 17.33 22.58 15.17
CA HIS E 76 18.30 21.93 16.05
C HIS E 76 19.12 22.95 16.84
N HIS E 77 19.73 22.50 17.94
CA HIS E 77 20.54 23.38 18.78
C HIS E 77 22.01 23.25 18.41
N HIS E 78 22.60 24.36 17.98
CA HIS E 78 24.01 24.36 17.61
C HIS E 78 24.81 25.07 18.69
N HIS E 79 26.08 24.74 18.83
CA HIS E 79 26.92 25.34 19.84
C HIS E 79 27.52 26.65 19.34
#